data_2CPI
#
_entry.id   2CPI
#
_entity_poly.entity_id   1
_entity_poly.type   'polypeptide(L)'
_entity_poly.pdbx_seq_one_letter_code
;GSSGSSGASVRVVQKNLVFVVGLSQRLADPEVLKRPEYFGKFGKIHKVVINNSTSYAGSQGPSASAYVTYIRSEDALRAI
QCVNNVVVDGRTLKASLGTTKYCSYSGPSSG
;
_entity_poly.pdbx_strand_id   A
#
# COMPACT_ATOMS: atom_id res chain seq x y z
N GLY A 1 -20.10 2.72 16.39
CA GLY A 1 -19.15 2.46 17.45
C GLY A 1 -18.09 3.53 17.55
N SER A 2 -16.96 3.20 18.19
CA SER A 2 -15.88 4.14 18.37
C SER A 2 -14.86 4.01 17.23
N SER A 3 -14.95 4.90 16.25
CA SER A 3 -14.06 4.88 15.11
C SER A 3 -12.63 5.24 15.53
N GLY A 4 -11.85 4.21 15.85
CA GLY A 4 -10.47 4.43 16.26
C GLY A 4 -9.78 3.15 16.69
N SER A 5 -9.94 2.10 15.89
CA SER A 5 -9.33 0.81 16.20
C SER A 5 -7.88 0.98 16.63
N SER A 6 -7.07 1.58 15.76
CA SER A 6 -5.66 1.80 16.05
C SER A 6 -5.47 3.11 16.82
N GLY A 7 -5.54 3.02 18.15
CA GLY A 7 -5.36 4.20 18.98
C GLY A 7 -3.96 4.30 19.54
N ALA A 8 -3.69 3.53 20.59
CA ALA A 8 -2.37 3.55 21.22
C ALA A 8 -1.32 2.86 20.35
N SER A 9 -0.28 3.60 19.99
CA SER A 9 0.78 3.07 19.14
C SER A 9 1.91 4.07 19.00
N VAL A 10 3.01 3.64 18.39
CA VAL A 10 4.18 4.49 18.20
C VAL A 10 4.04 5.32 16.92
N ARG A 11 4.64 6.51 16.92
CA ARG A 11 4.58 7.39 15.76
C ARG A 11 5.67 7.03 14.75
N VAL A 12 5.26 6.48 13.62
CA VAL A 12 6.21 6.10 12.58
C VAL A 12 5.89 6.80 11.26
N VAL A 13 6.86 7.55 10.74
CA VAL A 13 6.69 8.26 9.49
C VAL A 13 7.12 7.42 8.30
N GLN A 14 6.13 6.95 7.54
CA GLN A 14 6.41 6.11 6.37
C GLN A 14 5.98 6.83 5.09
N LYS A 15 6.89 7.60 4.53
CA LYS A 15 6.61 8.34 3.29
C LYS A 15 6.94 7.50 2.07
N ASN A 16 8.07 6.78 2.13
CA ASN A 16 8.51 5.94 1.02
C ASN A 16 7.85 4.57 1.10
N LEU A 17 6.55 4.55 1.38
CA LEU A 17 5.80 3.30 1.47
C LEU A 17 4.47 3.40 0.74
N VAL A 18 4.30 2.57 -0.29
CA VAL A 18 3.06 2.57 -1.07
C VAL A 18 2.07 1.54 -0.53
N PHE A 19 0.98 2.04 0.05
CA PHE A 19 -0.03 1.17 0.61
C PHE A 19 -1.31 1.21 -0.23
N VAL A 20 -1.57 0.13 -0.97
CA VAL A 20 -2.74 0.05 -1.82
C VAL A 20 -3.76 -0.94 -1.26
N VAL A 21 -5.04 -0.61 -1.39
CA VAL A 21 -6.11 -1.47 -0.90
C VAL A 21 -7.11 -1.77 -1.99
N GLY A 22 -8.04 -2.69 -1.69
CA GLY A 22 -9.05 -3.05 -2.67
C GLY A 22 -8.48 -3.82 -3.84
N LEU A 23 -7.68 -4.84 -3.54
CA LEU A 23 -7.07 -5.66 -4.58
C LEU A 23 -7.62 -7.08 -4.55
N SER A 24 -8.12 -7.53 -5.69
CA SER A 24 -8.69 -8.87 -5.81
C SER A 24 -7.59 -9.93 -5.76
N GLN A 25 -7.88 -11.04 -5.08
CA GLN A 25 -6.92 -12.13 -4.96
C GLN A 25 -6.15 -12.32 -6.26
N ARG A 26 -6.81 -12.05 -7.39
CA ARG A 26 -6.18 -12.19 -8.70
C ARG A 26 -5.13 -11.11 -8.92
N LEU A 27 -5.50 -9.86 -8.62
CA LEU A 27 -4.59 -8.74 -8.79
C LEU A 27 -3.46 -8.80 -7.77
N ALA A 28 -3.76 -9.32 -6.59
CA ALA A 28 -2.77 -9.43 -5.52
C ALA A 28 -1.65 -10.39 -5.92
N ASP A 29 -0.67 -9.88 -6.65
CA ASP A 29 0.45 -10.69 -7.10
C ASP A 29 1.73 -9.85 -7.21
N PRO A 30 2.87 -10.46 -6.87
CA PRO A 30 4.17 -9.78 -6.93
C PRO A 30 4.62 -9.51 -8.35
N GLU A 31 4.49 -10.51 -9.21
CA GLU A 31 4.89 -10.39 -10.61
C GLU A 31 3.92 -9.48 -11.37
N VAL A 32 2.63 -9.61 -11.07
CA VAL A 32 1.61 -8.81 -11.72
C VAL A 32 1.79 -7.33 -11.41
N LEU A 33 2.02 -7.02 -10.13
CA LEU A 33 2.22 -5.64 -9.71
C LEU A 33 3.59 -5.13 -10.13
N LYS A 34 4.58 -6.02 -10.10
CA LYS A 34 5.94 -5.66 -10.48
C LYS A 34 6.00 -5.26 -11.96
N ARG A 35 5.16 -5.88 -12.78
CA ARG A 35 5.12 -5.59 -14.20
C ARG A 35 5.13 -4.09 -14.45
N PRO A 36 5.81 -3.66 -15.53
CA PRO A 36 5.91 -2.26 -15.90
C PRO A 36 4.59 -1.69 -16.40
N GLU A 37 3.58 -2.56 -16.51
CA GLU A 37 2.26 -2.14 -16.97
C GLU A 37 1.30 -1.96 -15.81
N TYR A 38 1.73 -2.40 -14.62
CA TYR A 38 0.91 -2.28 -13.42
C TYR A 38 1.40 -1.14 -12.54
N PHE A 39 2.51 -1.36 -11.85
CA PHE A 39 3.09 -0.36 -10.96
C PHE A 39 4.49 0.04 -11.43
N GLY A 40 5.26 -0.95 -11.85
CA GLY A 40 6.62 -0.68 -12.32
C GLY A 40 6.68 0.47 -13.30
N LYS A 41 5.53 0.80 -13.89
CA LYS A 41 5.46 1.90 -14.84
C LYS A 41 6.08 3.17 -14.28
N PHE A 42 5.82 3.42 -13.00
CA PHE A 42 6.36 4.60 -12.33
C PHE A 42 7.88 4.52 -12.20
N GLY A 43 8.37 3.34 -11.81
CA GLY A 43 9.80 3.14 -11.66
C GLY A 43 10.14 1.77 -11.13
N LYS A 44 11.43 1.43 -11.17
CA LYS A 44 11.88 0.13 -10.69
C LYS A 44 11.55 -0.06 -9.21
N ILE A 45 11.08 -1.25 -8.86
CA ILE A 45 10.71 -1.56 -7.48
C ILE A 45 11.85 -2.28 -6.78
N HIS A 46 11.96 -2.07 -5.47
CA HIS A 46 13.00 -2.70 -4.67
C HIS A 46 12.44 -3.90 -3.90
N LYS A 47 11.32 -3.68 -3.22
CA LYS A 47 10.68 -4.73 -2.44
C LYS A 47 9.17 -4.75 -2.69
N VAL A 48 8.61 -5.95 -2.78
CA VAL A 48 7.17 -6.11 -3.00
C VAL A 48 6.57 -7.12 -2.04
N VAL A 49 5.73 -6.64 -1.14
CA VAL A 49 5.07 -7.51 -0.16
C VAL A 49 3.56 -7.52 -0.35
N ILE A 50 2.97 -8.70 -0.25
CA ILE A 50 1.52 -8.84 -0.41
C ILE A 50 0.87 -9.28 0.90
N ASN A 51 -0.10 -8.49 1.35
CA ASN A 51 -0.81 -8.79 2.59
C ASN A 51 -2.27 -9.15 2.31
N ASN A 52 -2.64 -10.39 2.57
CA ASN A 52 -4.00 -10.85 2.36
C ASN A 52 -4.49 -11.70 3.53
N SER A 53 -5.78 -12.04 3.51
CA SER A 53 -6.36 -12.84 4.57
C SER A 53 -5.66 -14.18 4.69
N THR A 54 -5.31 -14.56 5.92
CA THR A 54 -4.62 -15.81 6.17
C THR A 54 -5.61 -16.98 6.22
N SER A 55 -6.64 -16.85 7.05
CA SER A 55 -7.64 -17.89 7.19
C SER A 55 -8.83 -17.63 6.26
N TYR A 56 -9.12 -18.59 5.40
CA TYR A 56 -10.23 -18.46 4.45
C TYR A 56 -11.39 -19.37 4.84
N ALA A 57 -12.55 -18.78 5.10
CA ALA A 57 -13.73 -19.54 5.48
C ALA A 57 -14.76 -19.54 4.35
N GLY A 58 -15.11 -18.35 3.87
CA GLY A 58 -16.08 -18.25 2.80
C GLY A 58 -17.40 -17.68 3.27
N SER A 59 -17.33 -16.72 4.19
CA SER A 59 -18.54 -16.09 4.73
C SER A 59 -18.75 -14.72 4.11
N GLN A 60 -17.74 -13.86 4.21
CA GLN A 60 -17.83 -12.51 3.66
C GLN A 60 -16.74 -12.28 2.61
N GLY A 61 -16.79 -11.13 1.96
CA GLY A 61 -15.80 -10.81 0.94
C GLY A 61 -14.84 -9.73 1.39
N PRO A 62 -13.80 -10.13 2.13
CA PRO A 62 -12.79 -9.19 2.64
C PRO A 62 -11.90 -8.65 1.54
N SER A 63 -10.99 -7.75 1.90
CA SER A 63 -10.09 -7.14 0.94
C SER A 63 -8.64 -7.25 1.40
N ALA A 64 -7.71 -7.25 0.45
CA ALA A 64 -6.29 -7.35 0.77
C ALA A 64 -5.55 -6.06 0.39
N SER A 65 -4.33 -5.93 0.88
CA SER A 65 -3.52 -4.74 0.61
C SER A 65 -2.09 -5.14 0.23
N ALA A 66 -1.45 -4.30 -0.59
CA ALA A 66 -0.08 -4.56 -1.02
C ALA A 66 0.84 -3.41 -0.65
N TYR A 67 2.08 -3.72 -0.32
CA TYR A 67 3.06 -2.71 0.06
C TYR A 67 4.25 -2.72 -0.89
N VAL A 68 4.33 -1.71 -1.74
CA VAL A 68 5.41 -1.60 -2.71
C VAL A 68 6.47 -0.60 -2.24
N THR A 69 7.73 -0.92 -2.47
CA THR A 69 8.83 -0.05 -2.08
C THR A 69 9.53 0.55 -3.29
N TYR A 70 9.58 1.88 -3.33
CA TYR A 70 10.21 2.59 -4.44
C TYR A 70 11.56 3.15 -4.03
N ILE A 71 12.61 2.74 -4.74
CA ILE A 71 13.96 3.21 -4.45
C ILE A 71 14.01 4.72 -4.32
N ARG A 72 13.23 5.40 -5.17
CA ARG A 72 13.17 6.86 -5.15
C ARG A 72 11.87 7.36 -4.54
N SER A 73 11.97 8.02 -3.40
CA SER A 73 10.79 8.55 -2.72
C SER A 73 9.93 9.37 -3.67
N GLU A 74 10.54 10.37 -4.29
CA GLU A 74 9.83 11.24 -5.22
C GLU A 74 8.92 10.43 -6.14
N ASP A 75 9.51 9.43 -6.81
CA ASP A 75 8.74 8.57 -7.71
C ASP A 75 7.55 7.95 -7.01
N ALA A 76 7.78 7.43 -5.80
CA ALA A 76 6.72 6.81 -5.01
C ALA A 76 5.61 7.82 -4.71
N LEU A 77 5.95 8.85 -3.94
CA LEU A 77 4.98 9.87 -3.58
C LEU A 77 4.04 10.19 -4.74
N ARG A 78 4.61 10.70 -5.82
CA ARG A 78 3.82 11.05 -7.00
C ARG A 78 2.99 9.86 -7.45
N ALA A 79 3.63 8.71 -7.63
CA ALA A 79 2.94 7.50 -8.06
C ALA A 79 1.64 7.30 -7.29
N ILE A 80 1.63 7.73 -6.03
CA ILE A 80 0.45 7.60 -5.18
C ILE A 80 -0.54 8.73 -5.46
N GLN A 81 -0.01 9.92 -5.75
CA GLN A 81 -0.85 11.08 -6.02
C GLN A 81 -1.66 10.87 -7.30
N CYS A 82 -1.14 10.05 -8.21
CA CYS A 82 -1.81 9.77 -9.46
C CYS A 82 -2.66 8.51 -9.36
N VAL A 83 -2.17 7.54 -8.58
CA VAL A 83 -2.88 6.29 -8.39
C VAL A 83 -4.23 6.50 -7.71
N ASN A 84 -4.28 7.49 -6.83
CA ASN A 84 -5.52 7.81 -6.12
C ASN A 84 -6.61 8.24 -7.08
N ASN A 85 -7.84 7.81 -6.81
CA ASN A 85 -8.97 8.16 -7.66
C ASN A 85 -8.79 7.60 -9.07
N VAL A 86 -8.21 6.41 -9.16
CA VAL A 86 -7.98 5.77 -10.45
C VAL A 86 -8.75 4.45 -10.55
N VAL A 87 -9.42 4.26 -11.68
CA VAL A 87 -10.20 3.04 -11.91
C VAL A 87 -9.33 1.97 -12.56
N VAL A 88 -9.33 0.77 -11.96
CA VAL A 88 -8.56 -0.34 -12.48
C VAL A 88 -9.36 -1.64 -12.46
N ASP A 89 -9.65 -2.16 -13.65
CA ASP A 89 -10.43 -3.39 -13.77
C ASP A 89 -11.83 -3.20 -13.23
N GLY A 90 -12.33 -1.98 -13.30
CA GLY A 90 -13.67 -1.69 -12.81
C GLY A 90 -13.68 -1.31 -11.34
N ARG A 91 -12.57 -1.58 -10.65
CA ARG A 91 -12.45 -1.27 -9.23
C ARG A 91 -11.51 -0.09 -9.01
N THR A 92 -11.99 0.94 -8.31
CA THR A 92 -11.18 2.11 -8.03
C THR A 92 -10.18 1.84 -6.92
N LEU A 93 -8.90 1.71 -7.30
CA LEU A 93 -7.84 1.45 -6.32
C LEU A 93 -7.59 2.67 -5.45
N LYS A 94 -7.03 2.44 -4.27
CA LYS A 94 -6.73 3.52 -3.33
C LYS A 94 -5.34 3.36 -2.74
N ALA A 95 -4.45 4.29 -3.04
CA ALA A 95 -3.09 4.25 -2.54
C ALA A 95 -2.85 5.37 -1.51
N SER A 96 -2.07 5.06 -0.48
CA SER A 96 -1.77 6.02 0.56
C SER A 96 -0.47 5.66 1.28
N LEU A 97 0.06 6.61 2.04
CA LEU A 97 1.30 6.41 2.77
C LEU A 97 1.12 6.73 4.25
N GLY A 98 1.95 6.12 5.09
CA GLY A 98 1.86 6.37 6.52
C GLY A 98 1.20 5.23 7.27
N THR A 99 1.28 4.03 6.71
CA THR A 99 0.68 2.86 7.32
C THR A 99 1.73 1.99 8.01
N THR A 100 1.33 1.30 9.06
CA THR A 100 2.24 0.43 9.80
C THR A 100 2.10 -1.02 9.36
N LYS A 101 3.18 -1.78 9.52
CA LYS A 101 3.19 -3.19 9.14
C LYS A 101 3.10 -4.09 10.36
N TYR A 102 4.07 -3.95 11.27
CA TYR A 102 4.09 -4.76 12.48
C TYR A 102 3.63 -3.94 13.68
N CYS A 103 3.47 -4.62 14.81
CA CYS A 103 3.03 -3.95 16.03
C CYS A 103 4.20 -3.80 17.01
N SER A 104 4.51 -2.55 17.36
CA SER A 104 5.60 -2.27 18.29
C SER A 104 5.52 -3.16 19.52
N TYR A 105 4.37 -3.13 20.19
CA TYR A 105 4.17 -3.93 21.39
C TYR A 105 4.73 -5.34 21.20
N SER A 106 4.27 -6.02 20.15
CA SER A 106 4.71 -7.38 19.87
C SER A 106 6.21 -7.52 20.16
N GLY A 107 6.55 -8.47 21.03
CA GLY A 107 7.94 -8.69 21.37
C GLY A 107 8.10 -9.67 22.52
N PRO A 108 7.70 -9.23 23.72
CA PRO A 108 7.13 -7.90 23.94
C PRO A 108 8.17 -6.80 23.79
N SER A 109 7.73 -5.55 23.95
CA SER A 109 8.63 -4.41 23.82
C SER A 109 8.04 -3.18 24.50
N SER A 110 8.87 -2.49 25.29
CA SER A 110 8.42 -1.30 26.00
C SER A 110 6.99 -1.46 26.51
N GLY A 111 6.68 -2.65 26.99
CA GLY A 111 5.34 -2.93 27.49
C GLY A 111 5.34 -3.36 28.95
N GLY A 1 -3.46 21.26 12.15
CA GLY A 1 -4.63 20.42 12.09
C GLY A 1 -4.57 19.26 13.07
N SER A 2 -5.05 19.49 14.29
CA SER A 2 -5.05 18.46 15.32
C SER A 2 -6.16 17.43 15.08
N SER A 3 -5.86 16.43 14.27
CA SER A 3 -6.83 15.39 13.96
C SER A 3 -6.99 14.43 15.14
N GLY A 4 -8.02 13.58 15.06
CA GLY A 4 -8.26 12.62 16.12
C GLY A 4 -7.26 11.49 16.11
N SER A 5 -6.31 11.53 17.06
CA SER A 5 -5.29 10.50 17.16
C SER A 5 -5.19 9.97 18.59
N SER A 6 -5.38 8.66 18.74
CA SER A 6 -5.32 8.04 20.06
C SER A 6 -4.87 6.58 19.94
N GLY A 7 -3.79 6.24 20.64
CA GLY A 7 -3.28 4.88 20.60
C GLY A 7 -1.80 4.83 20.28
N ALA A 8 -1.47 4.35 19.08
CA ALA A 8 -0.09 4.25 18.65
C ALA A 8 0.65 5.56 18.88
N SER A 9 1.92 5.45 19.30
CA SER A 9 2.74 6.63 19.56
C SER A 9 3.12 7.33 18.26
N VAL A 10 3.34 8.63 18.35
CA VAL A 10 3.71 9.42 17.18
C VAL A 10 5.08 9.01 16.65
N ARG A 11 5.09 8.27 15.55
CA ARG A 11 6.34 7.82 14.95
C ARG A 11 6.49 8.35 13.53
N VAL A 12 7.73 8.62 13.12
CA VAL A 12 8.00 9.14 11.79
C VAL A 12 8.83 8.14 10.98
N VAL A 13 8.30 7.71 9.84
CA VAL A 13 8.98 6.77 8.98
C VAL A 13 9.22 7.36 7.60
N GLN A 14 10.41 7.11 7.05
CA GLN A 14 10.77 7.63 5.73
C GLN A 14 9.61 7.46 4.75
N LYS A 15 9.49 8.42 3.83
CA LYS A 15 8.42 8.39 2.83
C LYS A 15 8.82 7.51 1.65
N ASN A 16 9.20 6.27 1.92
CA ASN A 16 9.60 5.34 0.88
C ASN A 16 8.79 4.05 0.95
N LEU A 17 7.50 4.19 1.25
CA LEU A 17 6.61 3.04 1.35
C LEU A 17 5.24 3.34 0.75
N VAL A 18 4.76 2.45 -0.11
CA VAL A 18 3.47 2.63 -0.74
C VAL A 18 2.48 1.56 -0.29
N PHE A 19 1.35 2.01 0.25
CA PHE A 19 0.31 1.09 0.73
C PHE A 19 -0.93 1.16 -0.15
N VAL A 20 -1.13 0.13 -0.95
CA VAL A 20 -2.28 0.07 -1.85
C VAL A 20 -3.35 -0.86 -1.30
N VAL A 21 -4.61 -0.49 -1.50
CA VAL A 21 -5.74 -1.30 -1.02
C VAL A 21 -6.77 -1.50 -2.12
N GLY A 22 -7.73 -2.39 -1.87
CA GLY A 22 -8.77 -2.65 -2.85
C GLY A 22 -8.26 -3.47 -4.03
N LEU A 23 -7.67 -4.61 -3.74
CA LEU A 23 -7.14 -5.49 -4.78
C LEU A 23 -7.86 -6.83 -4.78
N SER A 24 -8.32 -7.26 -5.95
CA SER A 24 -9.02 -8.52 -6.09
C SER A 24 -8.10 -9.69 -5.78
N GLN A 25 -8.68 -10.80 -5.33
CA GLN A 25 -7.91 -11.99 -5.00
C GLN A 25 -6.98 -12.37 -6.15
N ARG A 26 -7.31 -11.90 -7.35
CA ARG A 26 -6.51 -12.20 -8.53
C ARG A 26 -5.46 -11.12 -8.76
N LEU A 27 -5.87 -9.86 -8.60
CA LEU A 27 -4.96 -8.73 -8.79
C LEU A 27 -3.86 -8.73 -7.74
N ALA A 28 -4.21 -9.17 -6.53
CA ALA A 28 -3.25 -9.21 -5.43
C ALA A 28 -2.11 -10.18 -5.74
N ASP A 29 -1.09 -9.68 -6.44
CA ASP A 29 0.06 -10.50 -6.81
C ASP A 29 1.33 -9.65 -6.88
N PRO A 30 2.46 -10.23 -6.47
CA PRO A 30 3.75 -9.55 -6.48
C PRO A 30 4.28 -9.31 -7.89
N GLU A 31 4.13 -10.32 -8.75
CA GLU A 31 4.58 -10.22 -10.13
C GLU A 31 3.69 -9.28 -10.93
N VAL A 32 2.38 -9.42 -10.75
CA VAL A 32 1.42 -8.58 -11.46
C VAL A 32 1.61 -7.11 -11.11
N LEU A 33 1.81 -6.84 -9.82
CA LEU A 33 2.00 -5.47 -9.36
C LEU A 33 3.33 -4.91 -9.85
N LYS A 34 4.36 -5.75 -9.84
CA LYS A 34 5.69 -5.34 -10.29
C LYS A 34 5.69 -5.02 -11.78
N ARG A 35 4.93 -5.79 -12.55
CA ARG A 35 4.84 -5.60 -13.99
C ARG A 35 4.86 -4.10 -14.33
N PRO A 36 5.50 -3.78 -15.46
CA PRO A 36 5.61 -2.39 -15.93
C PRO A 36 4.28 -1.82 -16.39
N GLU A 37 3.25 -2.67 -16.41
CA GLU A 37 1.93 -2.25 -16.83
C GLU A 37 1.02 -1.99 -15.63
N TYR A 38 1.62 -1.98 -14.45
CA TYR A 38 0.87 -1.76 -13.22
C TYR A 38 1.49 -0.63 -12.40
N PHE A 39 2.63 -0.93 -11.76
CA PHE A 39 3.33 0.05 -10.95
C PHE A 39 4.77 0.23 -11.42
N GLY A 40 5.21 -0.68 -12.29
CA GLY A 40 6.57 -0.61 -12.80
C GLY A 40 6.77 0.54 -13.76
N LYS A 41 5.67 1.17 -14.17
CA LYS A 41 5.73 2.30 -15.08
C LYS A 41 6.09 3.59 -14.35
N PHE A 42 5.67 3.67 -13.08
CA PHE A 42 5.95 4.85 -12.26
C PHE A 42 7.42 4.91 -11.88
N GLY A 43 8.06 3.75 -11.83
CA GLY A 43 9.46 3.69 -11.47
C GLY A 43 9.93 2.28 -11.19
N LYS A 44 11.16 2.15 -10.70
CA LYS A 44 11.73 0.85 -10.38
C LYS A 44 11.35 0.42 -8.96
N ILE A 45 10.97 -0.85 -8.81
CA ILE A 45 10.60 -1.38 -7.52
C ILE A 45 11.74 -2.17 -6.88
N HIS A 46 11.93 -1.98 -5.58
CA HIS A 46 12.98 -2.68 -4.85
C HIS A 46 12.44 -3.93 -4.17
N LYS A 47 11.31 -3.79 -3.51
CA LYS A 47 10.69 -4.92 -2.81
C LYS A 47 9.17 -4.88 -2.96
N VAL A 48 8.57 -6.04 -3.14
CA VAL A 48 7.11 -6.14 -3.28
C VAL A 48 6.55 -7.26 -2.43
N VAL A 49 5.60 -6.92 -1.56
CA VAL A 49 4.97 -7.90 -0.68
C VAL A 49 3.46 -7.74 -0.67
N ILE A 50 2.74 -8.86 -0.67
CA ILE A 50 1.29 -8.83 -0.65
C ILE A 50 0.75 -9.01 0.76
N ASN A 51 -0.30 -8.26 1.08
CA ASN A 51 -0.91 -8.33 2.41
C ASN A 51 -2.42 -8.55 2.30
N ASN A 52 -2.89 -9.68 2.79
CA ASN A 52 -4.30 -10.02 2.76
C ASN A 52 -4.97 -9.77 4.11
N SER A 53 -6.11 -9.10 4.09
CA SER A 53 -6.84 -8.79 5.32
C SER A 53 -7.89 -9.86 5.60
N THR A 54 -8.30 -9.94 6.87
CA THR A 54 -9.31 -10.92 7.27
C THR A 54 -10.71 -10.33 7.23
N SER A 55 -11.68 -11.14 6.85
CA SER A 55 -13.07 -10.70 6.76
C SER A 55 -13.67 -10.51 8.15
N TYR A 56 -14.51 -9.49 8.28
CA TYR A 56 -15.16 -9.20 9.57
C TYR A 56 -16.67 -9.33 9.45
N ALA A 57 -17.30 -9.74 10.55
CA ALA A 57 -18.75 -9.91 10.58
C ALA A 57 -19.47 -8.62 10.19
N GLY A 58 -20.61 -8.75 9.53
CA GLY A 58 -21.37 -7.58 9.12
C GLY A 58 -20.81 -6.95 7.86
N SER A 59 -19.59 -7.33 7.50
CA SER A 59 -18.93 -6.79 6.32
C SER A 59 -18.89 -7.82 5.20
N GLN A 60 -19.28 -7.41 4.00
CA GLN A 60 -19.28 -8.30 2.86
C GLN A 60 -18.32 -7.82 1.78
N GLY A 61 -17.59 -8.76 1.17
CA GLY A 61 -16.63 -8.41 0.14
C GLY A 61 -15.37 -7.77 0.71
N PRO A 62 -14.44 -8.61 1.16
CA PRO A 62 -13.17 -8.14 1.74
C PRO A 62 -12.25 -7.52 0.69
N SER A 63 -11.27 -6.76 1.15
CA SER A 63 -10.32 -6.10 0.25
C SER A 63 -8.89 -6.43 0.64
N ALA A 64 -8.06 -6.76 -0.35
CA ALA A 64 -6.67 -7.09 -0.11
C ALA A 64 -5.76 -5.90 -0.38
N SER A 65 -4.69 -5.79 0.40
CA SER A 65 -3.75 -4.67 0.25
C SER A 65 -2.38 -5.19 -0.19
N ALA A 66 -1.47 -4.26 -0.49
CA ALA A 66 -0.14 -4.62 -0.92
C ALA A 66 0.86 -3.51 -0.58
N TYR A 67 2.05 -3.90 -0.16
CA TYR A 67 3.10 -2.95 0.19
C TYR A 67 4.24 -2.99 -0.81
N VAL A 68 4.55 -1.85 -1.40
CA VAL A 68 5.63 -1.75 -2.38
C VAL A 68 6.65 -0.70 -1.97
N THR A 69 7.92 -1.02 -2.17
CA THR A 69 9.00 -0.09 -1.81
C THR A 69 9.66 0.49 -3.06
N TYR A 70 9.77 1.80 -3.10
CA TYR A 70 10.38 2.48 -4.23
C TYR A 70 11.75 3.05 -3.86
N ILE A 71 12.70 2.91 -4.78
CA ILE A 71 14.06 3.41 -4.54
C ILE A 71 14.06 4.94 -4.42
N ARG A 72 13.24 5.59 -5.23
CA ARG A 72 13.15 7.05 -5.21
C ARG A 72 11.89 7.51 -4.49
N SER A 73 12.06 8.17 -3.36
CA SER A 73 10.93 8.65 -2.57
C SER A 73 9.98 9.47 -3.45
N GLU A 74 10.53 10.45 -4.16
CA GLU A 74 9.74 11.31 -5.02
C GLU A 74 8.86 10.48 -5.95
N ASP A 75 9.49 9.61 -6.73
CA ASP A 75 8.77 8.76 -7.67
C ASP A 75 7.58 8.09 -7.00
N ALA A 76 7.80 7.57 -5.78
CA ALA A 76 6.74 6.92 -5.03
C ALA A 76 5.61 7.88 -4.73
N LEU A 77 5.94 9.01 -4.12
CA LEU A 77 4.95 10.02 -3.77
C LEU A 77 3.98 10.25 -4.92
N ARG A 78 4.50 10.74 -6.04
CA ARG A 78 3.68 11.01 -7.21
C ARG A 78 2.90 9.76 -7.63
N ALA A 79 3.59 8.62 -7.68
CA ALA A 79 2.96 7.37 -8.05
C ALA A 79 1.69 7.13 -7.24
N ILE A 80 1.70 7.58 -5.99
CA ILE A 80 0.55 7.41 -5.11
C ILE A 80 -0.54 8.42 -5.43
N GLN A 81 -0.13 9.66 -5.74
CA GLN A 81 -1.08 10.71 -6.06
C GLN A 81 -1.77 10.43 -7.39
N CYS A 82 -1.11 9.64 -8.24
CA CYS A 82 -1.66 9.31 -9.55
C CYS A 82 -2.43 7.99 -9.50
N VAL A 83 -2.03 7.12 -8.57
CA VAL A 83 -2.67 5.83 -8.41
C VAL A 83 -4.03 5.97 -7.74
N ASN A 84 -4.17 6.98 -6.88
CA ASN A 84 -5.42 7.22 -6.19
C ASN A 84 -6.52 7.65 -7.16
N ASN A 85 -7.75 7.25 -6.87
CA ASN A 85 -8.89 7.60 -7.72
C ASN A 85 -8.67 7.10 -9.14
N VAL A 86 -8.24 5.85 -9.26
CA VAL A 86 -7.99 5.24 -10.57
C VAL A 86 -8.78 3.94 -10.73
N VAL A 87 -9.44 3.79 -11.87
CA VAL A 87 -10.23 2.60 -12.15
C VAL A 87 -9.43 1.59 -12.98
N VAL A 88 -9.14 0.45 -12.38
CA VAL A 88 -8.38 -0.60 -13.06
C VAL A 88 -9.16 -1.92 -13.09
N ASP A 89 -9.68 -2.25 -14.26
CA ASP A 89 -10.44 -3.48 -14.43
C ASP A 89 -11.64 -3.51 -13.48
N GLY A 90 -12.29 -2.36 -13.32
CA GLY A 90 -13.44 -2.28 -12.45
C GLY A 90 -13.06 -2.31 -10.98
N ARG A 91 -11.94 -1.68 -10.65
CA ARG A 91 -11.46 -1.64 -9.26
C ARG A 91 -10.88 -0.27 -8.93
N THR A 92 -11.29 0.28 -7.79
CA THR A 92 -10.81 1.57 -7.35
C THR A 92 -9.54 1.45 -6.53
N LEU A 93 -8.40 1.62 -7.20
CA LEU A 93 -7.10 1.53 -6.54
C LEU A 93 -6.88 2.70 -5.60
N LYS A 94 -6.61 2.40 -4.33
CA LYS A 94 -6.37 3.44 -3.32
C LYS A 94 -5.02 3.25 -2.66
N ALA A 95 -4.11 4.19 -2.90
CA ALA A 95 -2.77 4.13 -2.33
C ALA A 95 -2.57 5.24 -1.30
N SER A 96 -1.76 4.96 -0.28
CA SER A 96 -1.49 5.94 0.76
C SER A 96 -0.10 5.73 1.36
N LEU A 97 0.34 6.67 2.19
CA LEU A 97 1.64 6.58 2.82
C LEU A 97 1.54 6.83 4.32
N GLY A 98 2.32 6.08 5.10
CA GLY A 98 2.30 6.25 6.55
C GLY A 98 1.51 5.15 7.24
N THR A 99 0.57 4.54 6.51
CA THR A 99 -0.26 3.49 7.07
C THR A 99 0.41 2.12 6.89
N THR A 100 0.71 1.47 8.00
CA THR A 100 1.35 0.15 7.97
C THR A 100 0.47 -0.90 8.64
N LYS A 101 0.84 -2.16 8.47
CA LYS A 101 0.09 -3.26 9.06
C LYS A 101 0.17 -3.23 10.59
N TYR A 102 -0.97 -3.08 11.23
CA TYR A 102 -1.02 -3.03 12.69
C TYR A 102 -0.90 -4.43 13.29
N CYS A 103 0.04 -4.58 14.22
CA CYS A 103 0.26 -5.86 14.87
C CYS A 103 1.29 -5.74 15.99
N SER A 104 1.02 -6.39 17.11
CA SER A 104 1.91 -6.34 18.27
C SER A 104 3.36 -6.48 17.83
N TYR A 105 4.26 -5.91 18.61
CA TYR A 105 5.69 -5.97 18.31
C TYR A 105 6.39 -7.00 19.20
N SER A 106 7.43 -7.61 18.65
CA SER A 106 8.20 -8.62 19.39
C SER A 106 9.46 -8.02 19.99
N GLY A 107 9.49 -7.93 21.32
CA GLY A 107 10.65 -7.37 21.99
C GLY A 107 10.65 -5.85 21.99
N PRO A 108 11.62 -5.26 22.69
CA PRO A 108 12.65 -6.01 23.42
C PRO A 108 12.08 -6.73 24.64
N SER A 109 12.85 -7.67 25.17
CA SER A 109 12.43 -8.44 26.35
C SER A 109 11.61 -7.56 27.29
N SER A 110 10.31 -7.80 27.34
CA SER A 110 9.41 -7.04 28.21
C SER A 110 9.09 -7.83 29.48
N GLY A 111 9.09 -7.13 30.61
CA GLY A 111 8.79 -7.77 31.87
C GLY A 111 10.05 -8.14 32.64
N GLY A 1 -21.11 -1.94 2.89
CA GLY A 1 -20.03 -0.99 3.08
C GLY A 1 -18.69 -1.66 3.27
N SER A 2 -17.71 -0.91 3.75
CA SER A 2 -16.36 -1.44 3.97
C SER A 2 -15.66 -0.67 5.08
N SER A 3 -14.94 -1.40 5.94
CA SER A 3 -14.21 -0.78 7.04
C SER A 3 -12.72 -1.05 6.92
N GLY A 4 -11.94 -0.45 7.82
CA GLY A 4 -10.51 -0.65 7.80
C GLY A 4 -9.78 0.31 8.74
N SER A 5 -9.14 -0.24 9.76
CA SER A 5 -8.41 0.57 10.72
C SER A 5 -7.33 -0.25 11.42
N SER A 6 -6.11 0.27 11.41
CA SER A 6 -4.98 -0.41 12.04
C SER A 6 -4.98 -0.21 13.54
N GLY A 7 -4.17 -0.98 14.24
CA GLY A 7 -4.09 -0.86 15.69
C GLY A 7 -2.68 -1.07 16.22
N ALA A 8 -1.74 -0.27 15.73
CA ALA A 8 -0.35 -0.37 16.15
C ALA A 8 -0.10 0.47 17.39
N SER A 9 0.76 -0.03 18.27
CA SER A 9 1.09 0.68 19.50
C SER A 9 1.97 1.89 19.22
N VAL A 10 2.99 1.70 18.39
CA VAL A 10 3.90 2.78 18.03
C VAL A 10 3.48 3.45 16.73
N ARG A 11 3.60 4.77 16.68
CA ARG A 11 3.23 5.53 15.50
C ARG A 11 4.46 6.09 14.80
N VAL A 12 4.82 5.49 13.67
CA VAL A 12 5.99 5.93 12.91
C VAL A 12 5.57 6.45 11.54
N VAL A 13 6.24 7.51 11.09
CA VAL A 13 5.94 8.11 9.79
C VAL A 13 6.80 7.49 8.70
N GLN A 14 6.24 7.42 7.49
CA GLN A 14 6.96 6.85 6.35
C GLN A 14 6.40 7.38 5.04
N LYS A 15 7.27 8.01 4.25
CA LYS A 15 6.87 8.56 2.95
C LYS A 15 7.34 7.67 1.81
N ASN A 16 8.43 6.94 2.04
CA ASN A 16 8.97 6.04 1.02
C ASN A 16 8.32 4.66 1.10
N LEU A 17 7.01 4.64 1.30
CA LEU A 17 6.27 3.39 1.40
C LEU A 17 4.90 3.52 0.74
N VAL A 18 4.67 2.72 -0.30
CA VAL A 18 3.40 2.74 -1.02
C VAL A 18 2.47 1.64 -0.52
N PHE A 19 1.32 2.03 0.01
CA PHE A 19 0.35 1.07 0.53
C PHE A 19 -0.97 1.19 -0.22
N VAL A 20 -1.30 0.17 -1.00
CA VAL A 20 -2.54 0.16 -1.77
C VAL A 20 -3.55 -0.82 -1.17
N VAL A 21 -4.82 -0.41 -1.15
CA VAL A 21 -5.88 -1.24 -0.61
C VAL A 21 -6.93 -1.57 -1.68
N GLY A 22 -7.82 -2.51 -1.35
CA GLY A 22 -8.86 -2.89 -2.29
C GLY A 22 -8.31 -3.60 -3.51
N LEU A 23 -7.54 -4.66 -3.27
CA LEU A 23 -6.94 -5.43 -4.36
C LEU A 23 -7.54 -6.84 -4.42
N SER A 24 -8.03 -7.21 -5.60
CA SER A 24 -8.62 -8.52 -5.80
C SER A 24 -7.59 -9.63 -5.63
N GLN A 25 -7.88 -10.57 -4.74
CA GLN A 25 -6.97 -11.69 -4.48
C GLN A 25 -6.24 -12.10 -5.76
N ARG A 26 -6.92 -11.96 -6.89
CA ARG A 26 -6.33 -12.32 -8.18
C ARG A 26 -5.26 -11.32 -8.59
N LEU A 27 -5.59 -10.03 -8.50
CA LEU A 27 -4.65 -8.98 -8.85
C LEU A 27 -3.51 -8.89 -7.84
N ALA A 28 -3.83 -9.14 -6.58
CA ALA A 28 -2.83 -9.09 -5.52
C ALA A 28 -1.73 -10.14 -5.74
N ASP A 29 -0.72 -9.76 -6.51
CA ASP A 29 0.39 -10.65 -6.80
C ASP A 29 1.70 -9.88 -6.95
N PRO A 30 2.82 -10.55 -6.66
CA PRO A 30 4.15 -9.95 -6.75
C PRO A 30 4.57 -9.68 -8.19
N GLU A 31 4.44 -10.69 -9.04
CA GLU A 31 4.80 -10.57 -10.44
C GLU A 31 3.80 -9.69 -11.19
N VAL A 32 2.51 -9.89 -10.91
CA VAL A 32 1.46 -9.12 -11.54
C VAL A 32 1.66 -7.63 -11.33
N LEU A 33 1.80 -7.24 -10.06
CA LEU A 33 1.99 -5.84 -9.71
C LEU A 33 3.36 -5.34 -10.19
N LYS A 34 4.32 -6.24 -10.22
CA LYS A 34 5.68 -5.90 -10.67
C LYS A 34 5.69 -5.50 -12.13
N ARG A 35 4.90 -6.21 -12.94
CA ARG A 35 4.81 -5.93 -14.36
C ARG A 35 4.82 -4.43 -14.62
N PRO A 36 5.48 -4.02 -15.73
CA PRO A 36 5.57 -2.61 -16.11
C PRO A 36 4.24 -2.04 -16.57
N GLU A 37 3.21 -2.88 -16.58
CA GLU A 37 1.88 -2.46 -17.00
C GLU A 37 0.98 -2.21 -15.79
N TYR A 38 1.31 -2.85 -14.68
CA TYR A 38 0.53 -2.70 -13.45
C TYR A 38 1.03 -1.51 -12.64
N PHE A 39 2.18 -1.69 -11.99
CA PHE A 39 2.76 -0.62 -11.17
C PHE A 39 4.13 -0.23 -11.71
N GLY A 40 4.92 -1.21 -12.13
CA GLY A 40 6.24 -0.94 -12.66
C GLY A 40 6.25 0.22 -13.63
N LYS A 41 5.08 0.54 -14.18
CA LYS A 41 4.96 1.64 -15.13
C LYS A 41 5.50 2.94 -14.53
N PHE A 42 5.27 3.13 -13.24
CA PHE A 42 5.73 4.33 -12.55
C PHE A 42 7.25 4.37 -12.49
N GLY A 43 7.85 3.22 -12.16
CA GLY A 43 9.29 3.14 -12.07
C GLY A 43 9.78 1.74 -11.77
N LYS A 44 10.95 1.64 -11.15
CA LYS A 44 11.52 0.34 -10.80
C LYS A 44 11.23 -0.02 -9.35
N ILE A 45 10.34 -0.99 -9.16
CA ILE A 45 9.97 -1.43 -7.82
C ILE A 45 11.13 -2.16 -7.15
N HIS A 46 11.27 -1.96 -5.84
CA HIS A 46 12.33 -2.60 -5.07
C HIS A 46 11.78 -3.78 -4.28
N LYS A 47 10.78 -3.52 -3.44
CA LYS A 47 10.17 -4.56 -2.63
C LYS A 47 8.69 -4.71 -2.95
N VAL A 48 8.17 -5.91 -2.75
CA VAL A 48 6.76 -6.19 -3.04
C VAL A 48 6.19 -7.15 -2.01
N VAL A 49 5.32 -6.64 -1.15
CA VAL A 49 4.69 -7.46 -0.11
C VAL A 49 3.18 -7.54 -0.31
N ILE A 50 2.66 -8.76 -0.36
CA ILE A 50 1.23 -8.98 -0.55
C ILE A 50 0.56 -9.41 0.75
N ASN A 51 -0.24 -8.53 1.33
CA ASN A 51 -0.93 -8.83 2.57
C ASN A 51 -2.36 -9.31 2.30
N ASN A 52 -2.77 -10.35 3.01
CA ASN A 52 -4.11 -10.90 2.84
C ASN A 52 -4.77 -11.16 4.20
N SER A 53 -6.09 -11.25 4.20
CA SER A 53 -6.85 -11.49 5.43
C SER A 53 -7.17 -12.97 5.59
N THR A 54 -7.55 -13.36 6.80
CA THR A 54 -7.88 -14.74 7.09
C THR A 54 -9.27 -14.86 7.70
N SER A 55 -10.27 -15.05 6.85
CA SER A 55 -11.65 -15.17 7.30
C SER A 55 -12.21 -16.56 6.99
N TYR A 56 -13.21 -16.97 7.74
CA TYR A 56 -13.83 -18.28 7.56
C TYR A 56 -14.69 -18.30 6.28
N ALA A 57 -14.84 -19.48 5.70
CA ALA A 57 -15.63 -19.63 4.49
C ALA A 57 -17.01 -18.97 4.65
N GLY A 58 -17.72 -18.81 3.53
CA GLY A 58 -19.03 -18.20 3.56
C GLY A 58 -18.96 -16.71 3.86
N SER A 59 -17.96 -16.05 3.31
CA SER A 59 -17.78 -14.61 3.53
C SER A 59 -18.11 -13.83 2.26
N GLN A 60 -18.18 -12.51 2.39
CA GLN A 60 -18.49 -11.64 1.26
C GLN A 60 -17.23 -11.36 0.44
N GLY A 61 -16.39 -12.36 0.29
CA GLY A 61 -15.16 -12.20 -0.47
C GLY A 61 -14.45 -10.90 -0.15
N PRO A 62 -13.66 -10.89 0.93
CA PRO A 62 -12.92 -9.71 1.37
C PRO A 62 -11.77 -9.36 0.41
N SER A 63 -11.29 -8.13 0.51
CA SER A 63 -10.20 -7.68 -0.35
C SER A 63 -8.87 -7.73 0.39
N ALA A 64 -7.77 -7.63 -0.36
CA ALA A 64 -6.44 -7.67 0.23
C ALA A 64 -5.67 -6.39 -0.08
N SER A 65 -4.51 -6.25 0.54
CA SER A 65 -3.68 -5.06 0.35
C SER A 65 -2.29 -5.44 -0.14
N ALA A 66 -1.51 -4.45 -0.56
CA ALA A 66 -0.17 -4.68 -1.05
C ALA A 66 0.75 -3.51 -0.72
N TYR A 67 2.03 -3.80 -0.53
CA TYR A 67 3.00 -2.76 -0.20
C TYR A 67 4.16 -2.77 -1.20
N VAL A 68 4.41 -1.62 -1.83
CA VAL A 68 5.48 -1.50 -2.80
C VAL A 68 6.49 -0.44 -2.38
N THR A 69 7.76 -0.83 -2.31
CA THR A 69 8.83 0.08 -1.91
C THR A 69 9.47 0.73 -3.13
N TYR A 70 9.61 2.05 -3.07
CA TYR A 70 10.22 2.80 -4.18
C TYR A 70 11.62 3.28 -3.80
N ILE A 71 12.50 3.35 -4.80
CA ILE A 71 13.87 3.79 -4.58
C ILE A 71 13.92 5.31 -4.40
N ARG A 72 13.26 6.03 -5.29
CA ARG A 72 13.24 7.49 -5.23
C ARG A 72 12.05 7.98 -4.42
N SER A 73 12.34 8.61 -3.27
CA SER A 73 11.29 9.12 -2.40
C SER A 73 10.28 9.95 -3.19
N GLU A 74 10.77 11.00 -3.84
CA GLU A 74 9.91 11.88 -4.64
C GLU A 74 9.00 11.06 -5.56
N ASP A 75 9.60 10.11 -6.26
CA ASP A 75 8.85 9.25 -7.18
C ASP A 75 7.70 8.57 -6.46
N ALA A 76 7.97 8.03 -5.28
CA ALA A 76 6.95 7.35 -4.50
C ALA A 76 5.76 8.27 -4.22
N LEU A 77 6.04 9.41 -3.60
CA LEU A 77 5.01 10.38 -3.28
C LEU A 77 4.10 10.62 -4.47
N ARG A 78 4.68 11.10 -5.57
CA ARG A 78 3.92 11.37 -6.78
C ARG A 78 3.17 10.12 -7.26
N ALA A 79 3.85 8.98 -7.20
CA ALA A 79 3.25 7.72 -7.62
C ALA A 79 1.96 7.46 -6.87
N ILE A 80 1.88 7.91 -5.63
CA ILE A 80 0.70 7.73 -4.81
C ILE A 80 -0.39 8.74 -5.16
N GLN A 81 0.04 9.97 -5.45
CA GLN A 81 -0.90 11.03 -5.81
C GLN A 81 -1.61 10.71 -7.12
N CYS A 82 -0.94 9.95 -7.98
CA CYS A 82 -1.51 9.57 -9.28
C CYS A 82 -2.21 8.22 -9.18
N VAL A 83 -1.72 7.37 -8.28
CA VAL A 83 -2.30 6.05 -8.09
C VAL A 83 -3.66 6.13 -7.42
N ASN A 84 -3.86 7.17 -6.63
CA ASN A 84 -5.13 7.37 -5.92
C ASN A 84 -6.24 7.75 -6.89
N ASN A 85 -7.43 7.22 -6.66
CA ASN A 85 -8.58 7.51 -7.52
C ASN A 85 -8.32 7.03 -8.94
N VAL A 86 -7.88 5.79 -9.06
CA VAL A 86 -7.60 5.20 -10.38
C VAL A 86 -8.52 4.02 -10.66
N VAL A 87 -9.08 3.99 -11.86
CA VAL A 87 -9.98 2.91 -12.25
C VAL A 87 -9.24 1.86 -13.09
N VAL A 88 -8.96 0.71 -12.49
CA VAL A 88 -8.26 -0.36 -13.17
C VAL A 88 -9.15 -1.60 -13.31
N ASP A 89 -9.21 -2.14 -14.52
CA ASP A 89 -10.02 -3.32 -14.78
C ASP A 89 -11.40 -3.19 -14.14
N GLY A 90 -11.87 -1.96 -14.01
CA GLY A 90 -13.17 -1.72 -13.41
C GLY A 90 -13.13 -1.76 -11.90
N ARG A 91 -11.99 -1.36 -11.32
CA ARG A 91 -11.83 -1.36 -9.87
C ARG A 91 -11.18 -0.06 -9.41
N THR A 92 -11.72 0.50 -8.33
CA THR A 92 -11.20 1.74 -7.77
C THR A 92 -9.99 1.49 -6.88
N LEU A 93 -8.80 1.70 -7.43
CA LEU A 93 -7.56 1.48 -6.67
C LEU A 93 -7.21 2.72 -5.84
N LYS A 94 -6.73 2.48 -4.63
CA LYS A 94 -6.35 3.58 -3.73
C LYS A 94 -5.01 3.30 -3.07
N ALA A 95 -4.24 4.35 -2.82
CA ALA A 95 -2.94 4.22 -2.19
C ALA A 95 -2.75 5.26 -1.08
N SER A 96 -1.89 4.94 -0.13
CA SER A 96 -1.62 5.84 0.99
C SER A 96 -0.24 5.58 1.58
N LEU A 97 0.24 6.53 2.38
CA LEU A 97 1.55 6.41 3.01
C LEU A 97 1.46 6.71 4.51
N GLY A 98 2.31 6.03 5.28
CA GLY A 98 2.31 6.23 6.72
C GLY A 98 1.71 5.05 7.46
N THR A 99 1.78 3.87 6.87
CA THR A 99 1.25 2.66 7.48
C THR A 99 2.29 1.99 8.37
N THR A 100 1.85 1.54 9.55
CA THR A 100 2.74 0.87 10.49
C THR A 100 2.90 -0.60 10.15
N LYS A 101 4.13 -1.09 10.22
CA LYS A 101 4.42 -2.49 9.93
C LYS A 101 4.78 -3.26 11.19
N TYR A 102 4.07 -4.35 11.45
CA TYR A 102 4.32 -5.17 12.62
C TYR A 102 5.73 -5.77 12.59
N CYS A 103 6.68 -5.02 13.13
CA CYS A 103 8.07 -5.48 13.16
C CYS A 103 8.19 -6.82 13.87
N SER A 104 9.21 -7.59 13.51
CA SER A 104 9.43 -8.90 14.11
C SER A 104 10.81 -8.98 14.75
N TYR A 105 10.87 -8.68 16.05
CA TYR A 105 12.13 -8.71 16.78
C TYR A 105 12.64 -10.14 16.93
N SER A 106 13.91 -10.36 16.61
CA SER A 106 14.51 -11.68 16.72
C SER A 106 15.47 -11.76 17.90
N GLY A 107 16.56 -11.00 17.82
CA GLY A 107 17.55 -10.99 18.89
C GLY A 107 18.81 -10.23 18.51
N PRO A 108 19.87 -10.44 19.29
CA PRO A 108 19.86 -11.35 20.44
C PRO A 108 19.01 -10.82 21.59
N SER A 109 18.10 -11.65 22.08
CA SER A 109 17.23 -11.27 23.19
C SER A 109 17.90 -11.54 24.53
N SER A 110 17.62 -10.68 25.51
CA SER A 110 18.19 -10.82 26.84
C SER A 110 17.49 -11.93 27.62
N GLY A 111 18.28 -12.77 28.28
CA GLY A 111 17.71 -13.87 29.05
C GLY A 111 17.77 -15.19 28.31
N GLY A 1 6.42 39.72 16.17
CA GLY A 1 5.53 40.81 15.82
C GLY A 1 4.08 40.46 16.05
N SER A 2 3.21 41.48 15.97
CA SER A 2 1.78 41.28 16.17
C SER A 2 1.16 40.55 14.99
N SER A 3 1.19 39.21 15.04
CA SER A 3 0.63 38.40 13.96
C SER A 3 -0.09 37.18 14.53
N GLY A 4 -1.19 36.80 13.89
CA GLY A 4 -1.96 35.65 14.34
C GLY A 4 -1.98 34.53 13.31
N SER A 5 -0.87 33.79 13.22
CA SER A 5 -0.76 32.70 12.27
C SER A 5 0.27 31.67 12.73
N SER A 6 -0.05 30.40 12.55
CA SER A 6 0.85 29.33 12.96
C SER A 6 1.92 29.07 11.89
N GLY A 7 3.03 28.47 12.30
CA GLY A 7 4.11 28.19 11.37
C GLY A 7 4.79 26.87 11.67
N ALA A 8 4.11 25.77 11.39
CA ALA A 8 4.66 24.44 11.63
C ALA A 8 5.38 23.92 10.40
N SER A 9 6.33 23.01 10.61
CA SER A 9 7.09 22.43 9.51
C SER A 9 6.80 20.94 9.36
N VAL A 10 6.60 20.50 8.12
CA VAL A 10 6.31 19.10 7.85
C VAL A 10 7.49 18.42 7.16
N ARG A 11 8.07 17.43 7.84
CA ARG A 11 9.21 16.70 7.28
C ARG A 11 8.81 15.28 6.92
N VAL A 12 9.29 14.81 5.76
CA VAL A 12 8.99 13.47 5.29
C VAL A 12 9.80 12.43 6.06
N VAL A 13 9.10 11.48 6.68
CA VAL A 13 9.77 10.42 7.44
C VAL A 13 9.63 9.07 6.74
N GLN A 14 10.70 8.66 6.07
CA GLN A 14 10.70 7.38 5.36
C GLN A 14 9.33 7.09 4.77
N LYS A 15 8.70 8.12 4.19
CA LYS A 15 7.38 7.97 3.60
C LYS A 15 7.48 7.51 2.15
N ASN A 16 8.24 6.44 1.93
CA ASN A 16 8.44 5.90 0.59
C ASN A 16 7.78 4.53 0.45
N LEU A 17 6.74 4.29 1.24
CA LEU A 17 6.03 3.03 1.21
C LEU A 17 4.64 3.19 0.60
N VAL A 18 4.38 2.46 -0.48
CA VAL A 18 3.09 2.52 -1.16
C VAL A 18 2.15 1.42 -0.67
N PHE A 19 1.08 1.82 -0.01
CA PHE A 19 0.10 0.87 0.51
C PHE A 19 -1.18 0.89 -0.32
N VAL A 20 -1.30 -0.07 -1.24
CA VAL A 20 -2.48 -0.16 -2.09
C VAL A 20 -3.47 -1.19 -1.57
N VAL A 21 -4.71 -0.76 -1.36
CA VAL A 21 -5.76 -1.65 -0.86
C VAL A 21 -6.89 -1.78 -1.86
N GLY A 22 -7.79 -2.74 -1.62
CA GLY A 22 -8.91 -2.95 -2.50
C GLY A 22 -8.53 -3.68 -3.78
N LEU A 23 -7.64 -4.67 -3.63
CA LEU A 23 -7.19 -5.46 -4.77
C LEU A 23 -7.83 -6.85 -4.76
N SER A 24 -8.24 -7.31 -5.94
CA SER A 24 -8.87 -8.62 -6.07
C SER A 24 -7.81 -9.72 -6.01
N GLN A 25 -8.21 -10.87 -5.48
CA GLN A 25 -7.30 -12.01 -5.36
C GLN A 25 -6.48 -12.17 -6.63
N ARG A 26 -7.09 -11.88 -7.78
CA ARG A 26 -6.40 -11.99 -9.05
C ARG A 26 -5.31 -10.94 -9.19
N LEU A 27 -5.64 -9.70 -8.86
CA LEU A 27 -4.69 -8.60 -8.95
C LEU A 27 -3.65 -8.69 -7.84
N ALA A 28 -4.00 -9.37 -6.74
CA ALA A 28 -3.10 -9.55 -5.62
C ALA A 28 -1.97 -10.52 -5.97
N ASP A 29 -0.93 -10.00 -6.62
CA ASP A 29 0.21 -10.83 -7.00
C ASP A 29 1.49 -10.00 -7.01
N PRO A 30 2.60 -10.64 -6.61
CA PRO A 30 3.91 -9.99 -6.56
C PRO A 30 4.47 -9.68 -7.94
N GLU A 31 4.37 -10.66 -8.85
CA GLU A 31 4.87 -10.49 -10.21
C GLU A 31 3.94 -9.58 -11.00
N VAL A 32 2.64 -9.78 -10.84
CA VAL A 32 1.65 -8.98 -11.56
C VAL A 32 1.80 -7.50 -11.22
N LEU A 33 1.95 -7.20 -9.95
CA LEU A 33 2.10 -5.82 -9.49
C LEU A 33 3.45 -5.25 -9.94
N LYS A 34 4.48 -6.09 -9.91
CA LYS A 34 5.81 -5.67 -10.31
C LYS A 34 5.88 -5.39 -11.81
N ARG A 35 5.13 -6.18 -12.57
CA ARG A 35 5.09 -6.01 -14.02
C ARG A 35 4.96 -4.54 -14.41
N PRO A 36 5.55 -4.17 -15.55
CA PRO A 36 5.52 -2.78 -16.04
C PRO A 36 4.12 -2.38 -16.51
N GLU A 37 3.18 -3.32 -16.47
CA GLU A 37 1.81 -3.07 -16.89
C GLU A 37 0.92 -2.75 -15.70
N TYR A 38 1.54 -2.65 -14.52
CA TYR A 38 0.80 -2.37 -13.30
C TYR A 38 1.45 -1.24 -12.51
N PHE A 39 2.59 -1.55 -11.88
CA PHE A 39 3.31 -0.56 -11.09
C PHE A 39 4.77 -0.48 -11.53
N GLY A 40 5.16 -1.39 -12.43
CA GLY A 40 6.53 -1.41 -12.91
C GLY A 40 6.85 -0.23 -13.81
N LYS A 41 5.81 0.41 -14.34
CA LYS A 41 5.98 1.55 -15.23
C LYS A 41 6.04 2.85 -14.42
N PHE A 42 5.40 2.85 -13.25
CA PHE A 42 5.37 4.03 -12.40
C PHE A 42 6.78 4.37 -11.91
N GLY A 43 7.52 3.35 -11.51
CA GLY A 43 8.87 3.56 -11.02
C GLY A 43 9.57 2.27 -10.67
N LYS A 44 10.89 2.34 -10.47
CA LYS A 44 11.67 1.17 -10.11
C LYS A 44 11.30 0.64 -8.73
N ILE A 45 10.84 -0.60 -8.68
CA ILE A 45 10.45 -1.21 -7.42
C ILE A 45 11.59 -2.04 -6.83
N HIS A 46 11.67 -2.06 -5.50
CA HIS A 46 12.71 -2.81 -4.81
C HIS A 46 12.14 -4.06 -4.16
N LYS A 47 11.19 -3.87 -3.25
CA LYS A 47 10.56 -4.98 -2.55
C LYS A 47 9.04 -4.94 -2.70
N VAL A 48 8.42 -6.11 -2.77
CA VAL A 48 6.97 -6.19 -2.91
C VAL A 48 6.38 -7.15 -1.89
N VAL A 49 5.31 -6.72 -1.22
CA VAL A 49 4.65 -7.54 -0.22
C VAL A 49 3.16 -7.67 -0.51
N ILE A 50 2.62 -8.87 -0.29
CA ILE A 50 1.21 -9.12 -0.54
C ILE A 50 0.50 -9.55 0.75
N ASN A 51 -0.52 -8.80 1.14
CA ASN A 51 -1.28 -9.09 2.34
C ASN A 51 -2.73 -9.43 2.00
N ASN A 52 -3.08 -10.71 2.09
CA ASN A 52 -4.43 -11.16 1.79
C ASN A 52 -5.28 -11.19 3.05
N SER A 53 -6.59 -11.30 2.86
CA SER A 53 -7.51 -11.35 3.99
C SER A 53 -7.36 -12.64 4.78
N THR A 54 -7.02 -12.50 6.06
CA THR A 54 -6.83 -13.66 6.93
C THR A 54 -8.17 -14.21 7.41
N SER A 55 -8.95 -13.37 8.08
CA SER A 55 -10.25 -13.79 8.59
C SER A 55 -11.28 -13.84 7.47
N TYR A 56 -11.97 -14.98 7.36
CA TYR A 56 -12.98 -15.16 6.32
C TYR A 56 -14.32 -14.56 6.77
N ALA A 57 -14.87 -13.69 5.92
CA ALA A 57 -16.16 -13.06 6.22
C ALA A 57 -17.32 -13.94 5.79
N GLY A 58 -17.47 -14.10 4.48
CA GLY A 58 -18.56 -14.92 3.96
C GLY A 58 -19.69 -14.10 3.41
N SER A 59 -19.77 -12.83 3.82
CA SER A 59 -20.82 -11.94 3.37
C SER A 59 -20.27 -10.87 2.43
N GLN A 60 -19.31 -10.09 2.93
CA GLN A 60 -18.70 -9.03 2.14
C GLN A 60 -17.50 -9.57 1.34
N GLY A 61 -17.22 -8.94 0.22
CA GLY A 61 -16.11 -9.36 -0.61
C GLY A 61 -14.76 -9.08 0.03
N PRO A 62 -13.79 -9.97 -0.22
CA PRO A 62 -12.44 -9.83 0.34
C PRO A 62 -11.67 -8.67 -0.28
N SER A 63 -10.77 -8.09 0.50
CA SER A 63 -9.96 -6.96 0.03
C SER A 63 -8.48 -7.19 0.34
N ALA A 64 -7.72 -7.50 -0.71
CA ALA A 64 -6.28 -7.73 -0.56
C ALA A 64 -5.51 -6.41 -0.59
N SER A 65 -4.23 -6.47 -0.20
CA SER A 65 -3.39 -5.28 -0.18
C SER A 65 -1.97 -5.64 -0.61
N ALA A 66 -1.20 -4.61 -0.98
CA ALA A 66 0.18 -4.80 -1.41
C ALA A 66 1.06 -3.63 -0.99
N TYR A 67 2.29 -3.93 -0.60
CA TYR A 67 3.22 -2.90 -0.15
C TYR A 67 4.42 -2.82 -1.10
N VAL A 68 4.52 -1.71 -1.82
CA VAL A 68 5.61 -1.50 -2.77
C VAL A 68 6.61 -0.48 -2.23
N THR A 69 7.90 -0.82 -2.33
CA THR A 69 8.95 0.07 -1.85
C THR A 69 9.63 0.80 -3.01
N TYR A 70 9.67 2.11 -2.93
CA TYR A 70 10.28 2.93 -3.97
C TYR A 70 11.65 3.44 -3.54
N ILE A 71 12.62 3.36 -4.44
CA ILE A 71 13.97 3.81 -4.16
C ILE A 71 14.02 5.30 -3.88
N ARG A 72 13.40 6.08 -4.76
CA ARG A 72 13.37 7.53 -4.61
C ARG A 72 12.02 7.98 -4.05
N SER A 73 12.05 8.62 -2.88
CA SER A 73 10.84 9.10 -2.23
C SER A 73 9.99 9.90 -3.21
N GLU A 74 10.58 10.96 -3.77
CA GLU A 74 9.87 11.82 -4.72
C GLU A 74 9.03 10.98 -5.69
N ASP A 75 9.70 10.12 -6.45
CA ASP A 75 9.01 9.27 -7.41
C ASP A 75 7.80 8.60 -6.78
N ALA A 76 7.98 8.06 -5.57
CA ALA A 76 6.89 7.40 -4.86
C ALA A 76 5.71 8.34 -4.65
N LEU A 77 5.98 9.49 -4.04
CA LEU A 77 4.94 10.48 -3.77
C LEU A 77 4.06 10.68 -5.01
N ARG A 78 4.67 11.10 -6.11
CA ARG A 78 3.95 11.33 -7.35
C ARG A 78 3.15 10.09 -7.76
N ALA A 79 3.84 8.95 -7.82
CA ALA A 79 3.19 7.70 -8.20
C ALA A 79 1.86 7.52 -7.46
N ILE A 80 1.82 8.00 -6.21
CA ILE A 80 0.61 7.90 -5.40
C ILE A 80 -0.38 9.00 -5.74
N GLN A 81 0.14 10.17 -6.13
CA GLN A 81 -0.69 11.30 -6.48
C GLN A 81 -1.49 11.02 -7.76
N CYS A 82 -0.93 10.16 -8.60
CA CYS A 82 -1.59 9.80 -9.86
C CYS A 82 -2.43 8.54 -9.70
N VAL A 83 -1.95 7.62 -8.88
CA VAL A 83 -2.66 6.36 -8.63
C VAL A 83 -3.98 6.62 -7.93
N ASN A 84 -3.95 7.45 -6.90
CA ASN A 84 -5.16 7.78 -6.14
C ASN A 84 -6.28 8.22 -7.07
N ASN A 85 -7.51 7.87 -6.71
CA ASN A 85 -8.67 8.23 -7.51
C ASN A 85 -8.55 7.70 -8.93
N VAL A 86 -8.30 6.40 -9.06
CA VAL A 86 -8.15 5.77 -10.36
C VAL A 86 -8.93 4.46 -10.43
N VAL A 87 -9.59 4.23 -11.56
CA VAL A 87 -10.38 3.01 -11.75
C VAL A 87 -9.55 1.93 -12.41
N VAL A 88 -9.48 0.76 -11.76
CA VAL A 88 -8.71 -0.36 -12.29
C VAL A 88 -9.50 -1.66 -12.17
N ASP A 89 -9.64 -2.37 -13.27
CA ASP A 89 -10.36 -3.63 -13.29
C ASP A 89 -11.81 -3.44 -12.84
N GLY A 90 -12.31 -2.22 -13.01
CA GLY A 90 -13.68 -1.92 -12.62
C GLY A 90 -13.78 -1.43 -11.19
N ARG A 91 -12.72 -1.68 -10.41
CA ARG A 91 -12.69 -1.25 -9.01
C ARG A 91 -11.56 -0.25 -8.78
N THR A 92 -11.90 0.88 -8.14
CA THR A 92 -10.91 1.91 -7.86
C THR A 92 -9.95 1.46 -6.76
N LEU A 93 -8.67 1.77 -6.94
CA LEU A 93 -7.65 1.40 -5.96
C LEU A 93 -7.20 2.62 -5.16
N LYS A 94 -6.93 2.41 -3.88
CA LYS A 94 -6.47 3.49 -3.01
C LYS A 94 -5.05 3.25 -2.52
N ALA A 95 -4.14 4.14 -2.90
CA ALA A 95 -2.75 4.03 -2.50
C ALA A 95 -2.34 5.18 -1.58
N SER A 96 -1.76 4.84 -0.44
CA SER A 96 -1.34 5.85 0.53
C SER A 96 0.05 5.50 1.09
N LEU A 97 0.60 6.41 1.88
CA LEU A 97 1.91 6.21 2.48
C LEU A 97 1.88 6.49 3.98
N GLY A 98 2.87 5.97 4.69
CA GLY A 98 2.93 6.18 6.13
C GLY A 98 1.72 5.64 6.85
N THR A 99 1.13 4.58 6.30
CA THR A 99 -0.05 3.96 6.90
C THR A 99 0.34 2.88 7.89
N THR A 100 -0.26 2.92 9.07
CA THR A 100 0.02 1.94 10.11
C THR A 100 -1.25 1.27 10.59
N LYS A 101 -1.17 -0.03 10.85
CA LYS A 101 -2.32 -0.81 11.32
C LYS A 101 -2.69 -0.43 12.74
N TYR A 102 -3.86 -0.86 13.19
CA TYR A 102 -4.32 -0.56 14.54
C TYR A 102 -3.47 -1.27 15.58
N CYS A 103 -2.90 -0.50 16.50
CA CYS A 103 -2.06 -1.05 17.55
C CYS A 103 -1.95 -0.10 18.74
N SER A 104 -1.47 -0.60 19.86
CA SER A 104 -1.33 0.21 21.06
C SER A 104 -0.19 1.20 20.93
N TYR A 105 -0.52 2.48 20.75
CA TYR A 105 0.48 3.52 20.60
C TYR A 105 -0.17 4.90 20.56
N SER A 106 0.48 5.87 21.20
CA SER A 106 -0.04 7.23 21.25
C SER A 106 0.99 8.22 20.71
N GLY A 107 0.58 9.48 20.56
CA GLY A 107 1.47 10.50 20.05
C GLY A 107 1.64 10.42 18.54
N PRO A 108 2.70 11.08 18.03
CA PRO A 108 3.63 11.83 18.86
C PRO A 108 3.01 13.09 19.45
N SER A 109 3.49 13.48 20.63
CA SER A 109 2.97 14.67 21.29
C SER A 109 3.69 15.93 20.80
N SER A 110 3.27 17.08 21.31
CA SER A 110 3.86 18.35 20.92
C SER A 110 3.82 19.35 22.07
N GLY A 111 4.85 20.18 22.17
CA GLY A 111 4.91 21.18 23.22
C GLY A 111 6.21 21.13 23.99
N GLY A 1 -16.29 14.74 -2.07
CA GLY A 1 -16.04 15.48 -0.86
C GLY A 1 -16.80 14.95 0.33
N SER A 2 -16.70 13.63 0.55
CA SER A 2 -17.39 12.98 1.65
C SER A 2 -16.88 13.52 3.00
N SER A 3 -17.76 14.23 3.71
CA SER A 3 -17.41 14.80 5.00
C SER A 3 -17.52 13.75 6.11
N GLY A 4 -16.45 12.99 6.30
CA GLY A 4 -16.45 11.96 7.31
C GLY A 4 -15.70 12.39 8.57
N SER A 5 -16.00 11.74 9.68
CA SER A 5 -15.35 12.05 10.96
C SER A 5 -13.84 12.07 10.81
N SER A 6 -13.14 12.38 11.89
CA SER A 6 -11.69 12.44 11.89
C SER A 6 -11.09 11.19 12.54
N GLY A 7 -11.45 10.97 13.80
CA GLY A 7 -10.94 9.82 14.53
C GLY A 7 -9.54 10.04 15.06
N ALA A 8 -9.35 9.75 16.34
CA ALA A 8 -8.05 9.92 16.97
C ALA A 8 -7.36 8.58 17.19
N SER A 9 -6.21 8.39 16.56
CA SER A 9 -5.45 7.15 16.67
C SER A 9 -3.97 7.39 16.44
N VAL A 10 -3.14 6.47 16.93
CA VAL A 10 -1.70 6.57 16.78
C VAL A 10 -1.24 5.98 15.45
N ARG A 11 -0.66 6.82 14.60
CA ARG A 11 -0.17 6.38 13.30
C ARG A 11 1.34 6.57 13.19
N VAL A 12 2.00 5.65 12.49
CA VAL A 12 3.44 5.73 12.30
C VAL A 12 3.79 6.52 11.05
N VAL A 13 4.89 7.26 11.11
CA VAL A 13 5.34 8.06 9.98
C VAL A 13 6.17 7.22 9.02
N GLN A 14 5.75 7.20 7.75
CA GLN A 14 6.46 6.44 6.73
C GLN A 14 6.12 6.95 5.33
N LYS A 15 7.06 7.67 4.73
CA LYS A 15 6.86 8.22 3.40
C LYS A 15 7.37 7.26 2.33
N ASN A 16 8.33 6.43 2.70
CA ASN A 16 8.91 5.46 1.78
C ASN A 16 8.14 4.14 1.82
N LEU A 17 6.82 4.24 1.91
CA LEU A 17 5.96 3.06 1.95
C LEU A 17 4.68 3.29 1.15
N VAL A 18 4.49 2.47 0.11
CA VAL A 18 3.32 2.56 -0.73
C VAL A 18 2.28 1.51 -0.37
N PHE A 19 1.23 1.93 0.33
CA PHE A 19 0.17 1.02 0.74
C PHE A 19 -1.05 1.16 -0.16
N VAL A 20 -1.33 0.11 -0.92
CA VAL A 20 -2.48 0.11 -1.83
C VAL A 20 -3.54 -0.88 -1.38
N VAL A 21 -4.77 -0.40 -1.23
CA VAL A 21 -5.88 -1.25 -0.81
C VAL A 21 -6.89 -1.44 -1.94
N GLY A 22 -7.78 -2.40 -1.77
CA GLY A 22 -8.78 -2.68 -2.78
C GLY A 22 -8.24 -3.47 -3.95
N LEU A 23 -7.44 -4.49 -3.64
CA LEU A 23 -6.84 -5.33 -4.68
C LEU A 23 -7.41 -6.75 -4.62
N SER A 24 -8.06 -7.16 -5.69
CA SER A 24 -8.66 -8.50 -5.76
C SER A 24 -7.57 -9.57 -5.73
N GLN A 25 -7.87 -10.68 -5.07
CA GLN A 25 -6.92 -11.78 -4.97
C GLN A 25 -6.19 -11.99 -6.29
N ARG A 26 -6.89 -11.77 -7.39
CA ARG A 26 -6.31 -11.94 -8.72
C ARG A 26 -5.26 -10.87 -8.99
N LEU A 27 -5.62 -9.61 -8.73
CA LEU A 27 -4.71 -8.50 -8.96
C LEU A 27 -3.61 -8.48 -7.90
N ALA A 28 -3.87 -9.14 -6.77
CA ALA A 28 -2.90 -9.20 -5.69
C ALA A 28 -1.80 -10.22 -5.98
N ASP A 29 -0.81 -9.80 -6.75
CA ASP A 29 0.31 -10.68 -7.10
C ASP A 29 1.60 -9.88 -7.27
N PRO A 30 2.73 -10.53 -6.96
CA PRO A 30 4.06 -9.91 -7.07
C PRO A 30 4.47 -9.66 -8.51
N GLU A 31 4.32 -10.69 -9.34
CA GLU A 31 4.69 -10.59 -10.75
C GLU A 31 3.76 -9.62 -11.48
N VAL A 32 2.47 -9.71 -11.18
CA VAL A 32 1.47 -8.85 -11.81
C VAL A 32 1.77 -7.38 -11.53
N LEU A 33 2.03 -7.07 -10.26
CA LEU A 33 2.34 -5.69 -9.86
C LEU A 33 3.71 -5.27 -10.37
N LYS A 34 4.63 -6.22 -10.44
CA LYS A 34 5.98 -5.94 -10.92
C LYS A 34 5.98 -5.58 -12.39
N ARG A 35 5.02 -6.13 -13.14
CA ARG A 35 4.90 -5.86 -14.56
C ARG A 35 4.93 -4.36 -14.84
N PRO A 36 5.56 -3.98 -15.96
CA PRO A 36 5.66 -2.57 -16.36
C PRO A 36 4.32 -1.98 -16.78
N GLU A 37 3.28 -2.80 -16.73
CA GLU A 37 1.94 -2.37 -17.12
C GLU A 37 1.10 -2.05 -15.88
N TYR A 38 1.64 -2.37 -14.71
CA TYR A 38 0.94 -2.13 -13.46
C TYR A 38 1.64 -1.05 -12.64
N PHE A 39 2.79 -1.39 -12.07
CA PHE A 39 3.56 -0.45 -11.27
C PHE A 39 4.99 -0.32 -11.79
N GLY A 40 5.43 -1.33 -12.53
CA GLY A 40 6.77 -1.31 -13.09
C GLY A 40 7.05 -0.04 -13.87
N LYS A 41 6.00 0.60 -14.36
CA LYS A 41 6.14 1.83 -15.12
C LYS A 41 6.09 3.05 -14.21
N PHE A 42 5.58 2.85 -13.00
CA PHE A 42 5.47 3.94 -12.03
C PHE A 42 6.81 4.21 -11.36
N GLY A 43 7.64 3.17 -11.26
CA GLY A 43 8.94 3.32 -10.64
C GLY A 43 9.65 1.99 -10.45
N LYS A 44 10.94 2.05 -10.12
CA LYS A 44 11.72 0.84 -9.90
C LYS A 44 11.39 0.21 -8.56
N ILE A 45 10.58 -0.84 -8.60
CA ILE A 45 10.19 -1.55 -7.37
C ILE A 45 11.37 -2.29 -6.76
N HIS A 46 11.52 -2.15 -5.45
CA HIS A 46 12.61 -2.80 -4.74
C HIS A 46 12.11 -4.02 -3.97
N LYS A 47 11.05 -3.82 -3.19
CA LYS A 47 10.47 -4.90 -2.39
C LYS A 47 8.95 -4.91 -2.53
N VAL A 48 8.39 -6.09 -2.79
CA VAL A 48 6.95 -6.24 -2.94
C VAL A 48 6.39 -7.21 -1.91
N VAL A 49 5.30 -6.81 -1.25
CA VAL A 49 4.67 -7.65 -0.24
C VAL A 49 3.17 -7.77 -0.50
N ILE A 50 2.68 -9.01 -0.50
CA ILE A 50 1.26 -9.27 -0.74
C ILE A 50 0.56 -9.69 0.55
N ASN A 51 -0.44 -8.90 0.96
CA ASN A 51 -1.19 -9.20 2.18
C ASN A 51 -2.61 -9.61 1.85
N ASN A 52 -2.88 -10.90 1.88
CA ASN A 52 -4.21 -11.43 1.59
C ASN A 52 -5.11 -11.35 2.81
N SER A 53 -6.40 -11.63 2.62
CA SER A 53 -7.36 -11.58 3.71
C SER A 53 -7.10 -12.70 4.71
N THR A 54 -7.44 -12.44 5.98
CA THR A 54 -7.24 -13.42 7.04
C THR A 54 -8.55 -13.75 7.73
N SER A 55 -9.62 -13.88 6.94
CA SER A 55 -10.93 -14.19 7.49
C SER A 55 -11.39 -15.58 7.06
N TYR A 56 -12.31 -16.16 7.82
CA TYR A 56 -12.82 -17.49 7.52
C TYR A 56 -13.51 -17.51 6.15
N ALA A 57 -13.45 -18.66 5.49
CA ALA A 57 -14.06 -18.81 4.18
C ALA A 57 -15.55 -18.52 4.24
N GLY A 58 -16.07 -17.90 3.17
CA GLY A 58 -17.49 -17.57 3.13
C GLY A 58 -17.76 -16.13 3.52
N SER A 59 -16.87 -15.23 3.11
CA SER A 59 -17.01 -13.82 3.43
C SER A 59 -17.82 -13.09 2.35
N GLN A 60 -18.17 -11.84 2.62
CA GLN A 60 -18.93 -11.05 1.67
C GLN A 60 -18.19 -9.76 1.30
N GLY A 61 -17.29 -9.88 0.33
CA GLY A 61 -16.52 -8.72 -0.10
C GLY A 61 -15.04 -8.87 0.19
N PRO A 62 -14.36 -9.72 -0.61
CA PRO A 62 -12.92 -9.96 -0.44
C PRO A 62 -12.07 -8.76 -0.83
N SER A 63 -11.23 -8.30 0.10
CA SER A 63 -10.38 -7.15 -0.15
C SER A 63 -8.97 -7.41 0.39
N ALA A 64 -7.97 -7.19 -0.47
CA ALA A 64 -6.58 -7.39 -0.08
C ALA A 64 -5.76 -6.13 -0.31
N SER A 65 -4.54 -6.13 0.21
CA SER A 65 -3.65 -4.97 0.07
C SER A 65 -2.23 -5.41 -0.26
N ALA A 66 -1.41 -4.47 -0.72
CA ALA A 66 -0.03 -4.76 -1.08
C ALA A 66 0.88 -3.61 -0.70
N TYR A 67 2.07 -3.94 -0.19
CA TYR A 67 3.04 -2.93 0.22
C TYR A 67 4.28 -2.97 -0.67
N VAL A 68 4.52 -1.89 -1.40
CA VAL A 68 5.66 -1.79 -2.29
C VAL A 68 6.63 -0.69 -1.85
N THR A 69 7.91 -0.98 -1.93
CA THR A 69 8.94 -0.01 -1.54
C THR A 69 9.63 0.59 -2.75
N TYR A 70 9.69 1.92 -2.80
CA TYR A 70 10.32 2.62 -3.92
C TYR A 70 11.63 3.26 -3.48
N ILE A 71 12.58 3.34 -4.41
CA ILE A 71 13.88 3.94 -4.13
C ILE A 71 13.80 5.46 -4.08
N ARG A 72 13.40 6.05 -5.21
CA ARG A 72 13.28 7.50 -5.30
C ARG A 72 11.95 7.97 -4.74
N SER A 73 11.97 8.44 -3.49
CA SER A 73 10.76 8.91 -2.84
C SER A 73 9.91 9.74 -3.79
N GLU A 74 10.52 10.75 -4.41
CA GLU A 74 9.82 11.62 -5.34
C GLU A 74 8.89 10.81 -6.24
N ASP A 75 9.46 9.87 -6.97
CA ASP A 75 8.67 9.02 -7.88
C ASP A 75 7.57 8.30 -7.12
N ALA A 76 7.87 7.92 -5.88
CA ALA A 76 6.90 7.22 -5.04
C ALA A 76 5.71 8.10 -4.72
N LEU A 77 5.97 9.23 -4.06
CA LEU A 77 4.91 10.17 -3.70
C LEU A 77 3.97 10.41 -4.86
N ARG A 78 4.54 10.76 -6.02
CA ARG A 78 3.75 11.02 -7.21
C ARG A 78 2.96 9.78 -7.63
N ALA A 79 3.62 8.63 -7.59
CA ALA A 79 2.98 7.37 -7.96
C ALA A 79 1.72 7.14 -7.15
N ILE A 80 1.71 7.63 -5.92
CA ILE A 80 0.56 7.48 -5.04
C ILE A 80 -0.51 8.51 -5.35
N GLN A 81 -0.07 9.73 -5.66
CA GLN A 81 -0.99 10.82 -5.97
C GLN A 81 -1.68 10.58 -7.31
N CYS A 82 -1.05 9.76 -8.15
CA CYS A 82 -1.59 9.45 -9.47
C CYS A 82 -2.43 8.17 -9.42
N VAL A 83 -2.01 7.22 -8.59
CA VAL A 83 -2.72 5.96 -8.45
C VAL A 83 -4.09 6.17 -7.83
N ASN A 84 -4.17 7.07 -6.85
CA ASN A 84 -5.43 7.37 -6.18
C ASN A 84 -6.45 7.94 -7.15
N ASN A 85 -7.71 7.52 -6.99
CA ASN A 85 -8.79 7.99 -7.86
C ASN A 85 -8.66 7.39 -9.25
N VAL A 86 -8.20 6.14 -9.31
CA VAL A 86 -8.04 5.45 -10.59
C VAL A 86 -8.89 4.19 -10.64
N VAL A 87 -9.64 4.03 -11.74
CA VAL A 87 -10.50 2.88 -11.92
C VAL A 87 -9.80 1.79 -12.73
N VAL A 88 -9.32 0.76 -12.04
CA VAL A 88 -8.63 -0.35 -12.69
C VAL A 88 -9.46 -1.63 -12.63
N ASP A 89 -9.85 -2.13 -13.80
CA ASP A 89 -10.64 -3.35 -13.89
C ASP A 89 -11.84 -3.28 -12.93
N GLY A 90 -12.58 -2.18 -12.99
CA GLY A 90 -13.73 -2.01 -12.13
C GLY A 90 -13.36 -1.99 -10.66
N ARG A 91 -12.15 -1.54 -10.36
CA ARG A 91 -11.67 -1.48 -8.98
C ARG A 91 -10.90 -0.18 -8.74
N THR A 92 -11.50 0.70 -7.92
CA THR A 92 -10.87 1.97 -7.61
C THR A 92 -9.66 1.79 -6.70
N LEU A 93 -8.47 1.84 -7.30
CA LEU A 93 -7.23 1.67 -6.54
C LEU A 93 -7.00 2.85 -5.61
N LYS A 94 -6.72 2.55 -4.35
CA LYS A 94 -6.47 3.59 -3.35
C LYS A 94 -5.13 3.38 -2.67
N ALA A 95 -4.25 4.37 -2.78
CA ALA A 95 -2.92 4.29 -2.17
C ALA A 95 -2.72 5.42 -1.16
N SER A 96 -1.88 5.16 -0.16
CA SER A 96 -1.60 6.16 0.87
C SER A 96 -0.28 5.87 1.56
N LEU A 97 0.24 6.85 2.28
CA LEU A 97 1.51 6.70 2.99
C LEU A 97 1.37 7.10 4.45
N GLY A 98 1.84 6.24 5.35
CA GLY A 98 1.74 6.53 6.77
C GLY A 98 0.68 5.71 7.47
N THR A 99 0.40 4.53 6.93
CA THR A 99 -0.59 3.64 7.50
C THR A 99 0.04 2.66 8.50
N THR A 100 -0.78 2.17 9.42
CA THR A 100 -0.30 1.23 10.44
C THR A 100 -0.58 -0.21 10.02
N LYS A 101 0.49 -0.98 9.83
CA LYS A 101 0.36 -2.38 9.43
C LYS A 101 0.59 -3.30 10.62
N TYR A 102 1.39 -2.84 11.58
CA TYR A 102 1.70 -3.63 12.77
C TYR A 102 2.47 -2.79 13.79
N CYS A 103 2.06 -2.90 15.04
CA CYS A 103 2.70 -2.15 16.12
C CYS A 103 3.77 -3.00 16.81
N SER A 104 4.97 -3.01 16.24
CA SER A 104 6.07 -3.78 16.80
C SER A 104 7.41 -3.34 16.21
N TYR A 105 8.50 -3.77 16.83
CA TYR A 105 9.83 -3.41 16.36
C TYR A 105 10.59 -4.64 15.89
N SER A 106 10.93 -4.65 14.60
CA SER A 106 11.66 -5.78 14.00
C SER A 106 12.05 -5.46 12.56
N GLY A 107 13.26 -5.87 12.19
CA GLY A 107 13.74 -5.64 10.84
C GLY A 107 12.96 -6.42 9.80
N PRO A 108 13.51 -6.50 8.58
CA PRO A 108 14.79 -5.88 8.25
C PRO A 108 14.70 -4.36 8.21
N SER A 109 15.52 -3.70 9.01
CA SER A 109 15.53 -2.24 9.08
C SER A 109 16.56 -1.67 8.10
N SER A 110 16.42 -0.38 7.81
CA SER A 110 17.34 0.29 6.89
C SER A 110 18.14 1.37 7.61
N GLY A 111 17.43 2.31 8.24
CA GLY A 111 18.10 3.38 8.96
C GLY A 111 17.24 4.62 9.08
N GLY A 1 16.51 25.87 -2.79
CA GLY A 1 16.10 26.97 -1.96
C GLY A 1 16.79 26.97 -0.61
N SER A 2 16.57 28.01 0.18
CA SER A 2 17.19 28.13 1.50
C SER A 2 16.13 28.09 2.60
N SER A 3 16.08 26.97 3.32
CA SER A 3 15.11 26.81 4.39
C SER A 3 15.38 27.79 5.53
N GLY A 4 14.33 28.44 6.00
CA GLY A 4 14.48 29.40 7.09
C GLY A 4 15.28 30.62 6.67
N SER A 5 14.99 31.76 7.29
CA SER A 5 15.68 33.00 6.98
C SER A 5 17.17 32.75 6.77
N SER A 6 17.83 32.22 7.79
CA SER A 6 19.26 31.93 7.70
C SER A 6 19.55 30.50 8.16
N GLY A 7 20.54 29.89 7.53
CA GLY A 7 20.90 28.52 7.88
C GLY A 7 19.99 27.50 7.24
N ALA A 8 20.51 26.78 6.24
CA ALA A 8 19.72 25.76 5.54
C ALA A 8 19.57 24.52 6.40
N SER A 9 18.50 23.76 6.16
CA SER A 9 18.24 22.54 6.90
C SER A 9 17.89 21.39 5.96
N VAL A 10 18.44 20.22 6.25
CA VAL A 10 18.19 19.03 5.43
C VAL A 10 16.80 18.46 5.71
N ARG A 11 16.21 17.87 4.68
CA ARG A 11 14.88 17.27 4.81
C ARG A 11 14.92 15.78 4.49
N VAL A 12 14.97 14.96 5.54
CA VAL A 12 15.01 13.52 5.37
C VAL A 12 13.77 12.86 5.98
N VAL A 13 12.82 12.51 5.11
CA VAL A 13 11.58 11.88 5.55
C VAL A 13 11.48 10.45 5.02
N GLN A 14 11.15 9.52 5.92
CA GLN A 14 11.01 8.12 5.54
C GLN A 14 9.61 7.82 5.04
N LYS A 15 9.10 8.67 4.17
CA LYS A 15 7.77 8.50 3.61
C LYS A 15 7.82 7.91 2.20
N ASN A 16 8.66 6.89 2.04
CA ASN A 16 8.81 6.23 0.75
C ASN A 16 8.24 4.82 0.78
N LEU A 17 6.99 4.71 1.24
CA LEU A 17 6.32 3.42 1.33
C LEU A 17 4.94 3.48 0.67
N VAL A 18 4.73 2.64 -0.33
CA VAL A 18 3.46 2.60 -1.05
C VAL A 18 2.54 1.53 -0.47
N PHE A 19 1.30 1.91 -0.17
CA PHE A 19 0.33 0.98 0.40
C PHE A 19 -0.97 1.02 -0.40
N VAL A 20 -1.13 0.06 -1.31
CA VAL A 20 -2.34 -0.02 -2.13
C VAL A 20 -3.38 -0.93 -1.50
N VAL A 21 -4.63 -0.48 -1.50
CA VAL A 21 -5.72 -1.26 -0.93
C VAL A 21 -6.84 -1.47 -1.94
N GLY A 22 -7.73 -2.42 -1.65
CA GLY A 22 -8.83 -2.70 -2.54
C GLY A 22 -8.40 -3.50 -3.76
N LEU A 23 -7.64 -4.57 -3.53
CA LEU A 23 -7.15 -5.42 -4.61
C LEU A 23 -7.87 -6.76 -4.60
N SER A 24 -8.36 -7.17 -5.77
CA SER A 24 -9.07 -8.43 -5.91
C SER A 24 -8.12 -9.60 -5.74
N GLN A 25 -8.67 -10.75 -5.34
CA GLN A 25 -7.87 -11.95 -5.14
C GLN A 25 -6.92 -12.18 -6.31
N ARG A 26 -7.41 -11.90 -7.51
CA ARG A 26 -6.61 -12.08 -8.72
C ARG A 26 -5.56 -10.97 -8.85
N LEU A 27 -6.00 -9.73 -8.73
CA LEU A 27 -5.11 -8.58 -8.82
C LEU A 27 -4.05 -8.62 -7.72
N ALA A 28 -4.33 -9.39 -6.67
CA ALA A 28 -3.40 -9.51 -5.55
C ALA A 28 -2.24 -10.43 -5.90
N ASP A 29 -1.23 -9.87 -6.55
CA ASP A 29 -0.05 -10.64 -6.95
C ASP A 29 1.19 -9.77 -6.95
N PRO A 30 2.34 -10.36 -6.55
CA PRO A 30 3.62 -9.65 -6.50
C PRO A 30 4.15 -9.32 -7.88
N GLU A 31 4.21 -10.33 -8.75
CA GLU A 31 4.70 -10.14 -10.11
C GLU A 31 3.76 -9.26 -10.91
N VAL A 32 2.46 -9.44 -10.70
CA VAL A 32 1.46 -8.65 -11.41
C VAL A 32 1.56 -7.18 -11.06
N LEU A 33 1.76 -6.89 -9.78
CA LEU A 33 1.89 -5.51 -9.31
C LEU A 33 3.22 -4.91 -9.75
N LYS A 34 4.25 -5.75 -9.82
CA LYS A 34 5.57 -5.30 -10.23
C LYS A 34 5.63 -5.05 -11.73
N ARG A 35 4.82 -5.79 -12.48
CA ARG A 35 4.77 -5.65 -13.93
C ARG A 35 4.68 -4.17 -14.33
N PRO A 36 5.27 -3.84 -15.49
CA PRO A 36 5.27 -2.47 -16.00
C PRO A 36 3.88 -2.01 -16.45
N GLU A 37 2.91 -2.92 -16.35
CA GLU A 37 1.54 -2.61 -16.74
C GLU A 37 0.73 -2.09 -15.56
N TYR A 38 1.17 -2.44 -14.36
CA TYR A 38 0.50 -2.01 -13.14
C TYR A 38 1.25 -0.88 -12.46
N PHE A 39 2.42 -1.19 -11.91
CA PHE A 39 3.23 -0.20 -11.23
C PHE A 39 4.65 -0.19 -11.80
N GLY A 40 5.09 -1.33 -12.33
CA GLY A 40 6.42 -1.43 -12.90
C GLY A 40 6.77 -0.24 -13.76
N LYS A 41 5.75 0.45 -14.26
CA LYS A 41 5.94 1.62 -15.11
C LYS A 41 6.15 2.88 -14.27
N PHE A 42 5.48 2.94 -13.12
CA PHE A 42 5.59 4.09 -12.23
C PHE A 42 7.04 4.33 -11.84
N GLY A 43 7.78 3.24 -11.60
CA GLY A 43 9.17 3.36 -11.22
C GLY A 43 9.81 2.01 -10.96
N LYS A 44 11.07 2.03 -10.53
CA LYS A 44 11.80 0.80 -10.26
C LYS A 44 11.56 0.34 -8.82
N ILE A 45 10.86 -0.78 -8.68
CA ILE A 45 10.57 -1.32 -7.35
C ILE A 45 11.73 -2.17 -6.84
N HIS A 46 11.97 -2.12 -5.53
CA HIS A 46 13.03 -2.89 -4.91
C HIS A 46 12.50 -4.13 -4.21
N LYS A 47 11.40 -3.96 -3.49
CA LYS A 47 10.79 -5.06 -2.77
C LYS A 47 9.26 -5.01 -2.89
N VAL A 48 8.64 -6.18 -2.94
CA VAL A 48 7.18 -6.25 -3.05
C VAL A 48 6.61 -7.22 -2.02
N VAL A 49 5.61 -6.77 -1.28
CA VAL A 49 4.96 -7.59 -0.26
C VAL A 49 3.45 -7.66 -0.47
N ILE A 50 2.88 -8.83 -0.26
CA ILE A 50 1.44 -9.03 -0.43
C ILE A 50 0.81 -9.54 0.86
N ASN A 51 -0.23 -8.84 1.31
CA ASN A 51 -0.94 -9.22 2.53
C ASN A 51 -2.40 -9.52 2.25
N ASN A 52 -2.84 -10.73 2.56
CA ASN A 52 -4.22 -11.13 2.34
C ASN A 52 -4.99 -11.16 3.65
N SER A 53 -6.31 -11.05 3.54
CA SER A 53 -7.18 -11.06 4.73
C SER A 53 -7.60 -12.48 5.08
N THR A 54 -8.01 -12.67 6.33
CA THR A 54 -8.44 -13.98 6.80
C THR A 54 -9.84 -14.31 6.31
N SER A 55 -9.99 -15.42 5.61
CA SER A 55 -11.28 -15.85 5.09
C SER A 55 -12.17 -16.37 6.21
N TYR A 56 -13.15 -15.57 6.59
CA TYR A 56 -14.08 -15.94 7.65
C TYR A 56 -15.47 -16.22 7.09
N ALA A 57 -16.13 -17.23 7.63
CA ALA A 57 -17.47 -17.60 7.19
C ALA A 57 -18.45 -16.45 7.37
N GLY A 58 -19.09 -16.04 6.29
CA GLY A 58 -20.05 -14.95 6.35
C GLY A 58 -19.50 -13.66 5.76
N SER A 59 -18.25 -13.71 5.29
CA SER A 59 -17.62 -12.54 4.70
C SER A 59 -17.86 -12.49 3.19
N GLN A 60 -18.30 -11.33 2.71
CA GLN A 60 -18.58 -11.14 1.30
C GLN A 60 -17.69 -10.06 0.70
N GLY A 61 -16.79 -10.46 -0.19
CA GLY A 61 -15.90 -9.50 -0.82
C GLY A 61 -14.51 -9.53 -0.22
N PRO A 62 -13.72 -10.55 -0.56
CA PRO A 62 -12.35 -10.72 -0.06
C PRO A 62 -11.40 -9.67 -0.62
N SER A 63 -11.08 -8.67 0.20
CA SER A 63 -10.17 -7.59 -0.21
C SER A 63 -8.78 -7.81 0.36
N ALA A 64 -7.76 -7.51 -0.45
CA ALA A 64 -6.38 -7.67 -0.02
C ALA A 64 -5.59 -6.39 -0.24
N SER A 65 -4.40 -6.33 0.33
CA SER A 65 -3.54 -5.15 0.19
C SER A 65 -2.15 -5.54 -0.32
N ALA A 66 -1.39 -4.54 -0.76
CA ALA A 66 -0.05 -4.78 -1.27
C ALA A 66 0.87 -3.61 -0.97
N TYR A 67 2.12 -3.90 -0.62
CA TYR A 67 3.09 -2.87 -0.30
C TYR A 67 4.23 -2.86 -1.32
N VAL A 68 4.63 -1.67 -1.75
CA VAL A 68 5.71 -1.52 -2.72
C VAL A 68 6.74 -0.51 -2.25
N THR A 69 7.99 -0.93 -2.21
CA THR A 69 9.07 -0.05 -1.77
C THR A 69 9.77 0.59 -2.96
N TYR A 70 9.79 1.92 -2.98
CA TYR A 70 10.42 2.67 -4.06
C TYR A 70 11.73 3.32 -3.59
N ILE A 71 12.72 3.31 -4.47
CA ILE A 71 14.02 3.90 -4.15
C ILE A 71 13.95 5.42 -4.17
N ARG A 72 13.23 5.96 -5.14
CA ARG A 72 13.08 7.40 -5.28
C ARG A 72 11.92 7.92 -4.43
N SER A 73 12.26 8.72 -3.42
CA SER A 73 11.25 9.28 -2.53
C SER A 73 10.19 10.04 -3.31
N GLU A 74 10.62 11.07 -4.04
CA GLU A 74 9.70 11.87 -4.83
C GLU A 74 8.83 10.99 -5.74
N ASP A 75 9.48 10.08 -6.46
CA ASP A 75 8.77 9.17 -7.35
C ASP A 75 7.57 8.54 -6.64
N ALA A 76 7.79 8.07 -5.42
CA ALA A 76 6.74 7.44 -4.64
C ALA A 76 5.60 8.41 -4.36
N LEU A 77 5.95 9.57 -3.80
CA LEU A 77 4.96 10.59 -3.48
C LEU A 77 3.98 10.78 -4.64
N ARG A 78 4.49 11.23 -5.77
CA ARG A 78 3.66 11.46 -6.95
C ARG A 78 2.98 10.16 -7.39
N ALA A 79 3.78 9.12 -7.58
CA ALA A 79 3.25 7.81 -7.99
C ALA A 79 1.94 7.51 -7.29
N ILE A 80 1.86 7.89 -6.01
CA ILE A 80 0.65 7.65 -5.22
C ILE A 80 -0.41 8.70 -5.52
N GLN A 81 0.03 9.94 -5.73
CA GLN A 81 -0.89 11.03 -6.02
C GLN A 81 -1.67 10.77 -7.30
N CYS A 82 -1.09 9.98 -8.20
CA CYS A 82 -1.72 9.66 -9.46
C CYS A 82 -2.49 8.33 -9.35
N VAL A 83 -1.89 7.36 -8.68
CA VAL A 83 -2.52 6.05 -8.50
C VAL A 83 -3.87 6.17 -7.80
N ASN A 84 -3.93 7.07 -6.81
CA ASN A 84 -5.16 7.28 -6.05
C ASN A 84 -6.27 7.79 -6.96
N ASN A 85 -7.47 7.25 -6.79
CA ASN A 85 -8.61 7.66 -7.60
C ASN A 85 -8.47 7.16 -9.04
N VAL A 86 -8.10 5.90 -9.20
CA VAL A 86 -7.93 5.31 -10.52
C VAL A 86 -8.73 4.02 -10.66
N VAL A 87 -9.43 3.88 -11.78
CA VAL A 87 -10.24 2.69 -12.04
C VAL A 87 -9.45 1.65 -12.83
N VAL A 88 -9.20 0.51 -12.20
CA VAL A 88 -8.46 -0.57 -12.85
C VAL A 88 -9.28 -1.85 -12.90
N ASP A 89 -9.56 -2.32 -14.12
CA ASP A 89 -10.34 -3.54 -14.30
C ASP A 89 -11.71 -3.40 -13.67
N GLY A 90 -12.21 -2.17 -13.60
CA GLY A 90 -13.51 -1.94 -13.01
C GLY A 90 -13.44 -1.66 -11.52
N ARG A 91 -12.33 -2.06 -10.90
CA ARG A 91 -12.14 -1.86 -9.47
C ARG A 91 -11.18 -0.70 -9.22
N THR A 92 -11.54 0.16 -8.26
CA THR A 92 -10.71 1.30 -7.92
C THR A 92 -9.65 0.93 -6.88
N LEU A 93 -8.41 1.33 -7.15
CA LEU A 93 -7.31 1.04 -6.24
C LEU A 93 -6.78 2.32 -5.60
N LYS A 94 -6.72 2.33 -4.27
CA LYS A 94 -6.23 3.49 -3.54
C LYS A 94 -4.87 3.20 -2.90
N ALA A 95 -3.95 4.15 -3.01
CA ALA A 95 -2.62 4.00 -2.44
C ALA A 95 -2.28 5.16 -1.51
N SER A 96 -1.46 4.88 -0.50
CA SER A 96 -1.07 5.89 0.47
C SER A 96 0.21 5.50 1.19
N LEU A 97 0.81 6.44 1.90
CA LEU A 97 2.05 6.19 2.63
C LEU A 97 1.90 6.58 4.10
N GLY A 98 2.67 5.93 4.97
CA GLY A 98 2.61 6.24 6.39
C GLY A 98 1.90 5.16 7.18
N THR A 99 2.00 3.92 6.71
CA THR A 99 1.36 2.79 7.37
C THR A 99 2.35 2.02 8.24
N THR A 100 2.04 1.92 9.53
CA THR A 100 2.91 1.21 10.47
C THR A 100 2.20 0.01 11.08
N LYS A 101 2.91 -1.10 11.21
CA LYS A 101 2.36 -2.32 11.78
C LYS A 101 2.30 -2.23 13.30
N TYR A 102 1.15 -2.56 13.87
CA TYR A 102 0.97 -2.51 15.32
C TYR A 102 1.96 -3.43 16.01
N CYS A 103 2.31 -3.09 17.25
CA CYS A 103 3.25 -3.88 18.03
C CYS A 103 2.66 -4.26 19.38
N SER A 104 1.74 -5.22 19.37
CA SER A 104 1.10 -5.67 20.60
C SER A 104 1.67 -7.01 21.06
N TYR A 105 1.62 -7.25 22.36
CA TYR A 105 2.15 -8.49 22.93
C TYR A 105 1.68 -8.66 24.38
N SER A 106 1.45 -9.91 24.77
CA SER A 106 0.99 -10.21 26.12
C SER A 106 1.83 -11.34 26.73
N GLY A 107 1.81 -11.42 28.06
CA GLY A 107 2.56 -12.46 28.74
C GLY A 107 2.45 -12.36 30.25
N PRO A 108 3.29 -13.12 30.97
CA PRO A 108 4.28 -14.01 30.35
C PRO A 108 3.63 -15.20 29.65
N SER A 109 2.72 -15.86 30.36
CA SER A 109 2.04 -17.03 29.81
C SER A 109 3.03 -17.99 29.17
N SER A 110 4.16 -18.19 29.83
CA SER A 110 5.19 -19.08 29.32
C SER A 110 5.57 -20.13 30.37
N GLY A 111 4.73 -21.14 30.51
CA GLY A 111 5.00 -22.19 31.48
C GLY A 111 3.83 -23.15 31.64
N GLY A 1 33.83 27.14 3.75
CA GLY A 1 33.07 27.19 2.52
C GLY A 1 33.09 25.87 1.78
N SER A 2 32.23 24.95 2.20
CA SER A 2 32.16 23.63 1.58
C SER A 2 30.73 23.32 1.15
N SER A 3 30.59 22.31 0.28
CA SER A 3 29.27 21.92 -0.20
C SER A 3 28.40 21.39 0.93
N GLY A 4 27.09 21.52 0.77
CA GLY A 4 26.17 21.06 1.79
C GLY A 4 25.36 22.19 2.42
N SER A 5 24.43 21.84 3.29
CA SER A 5 23.59 22.84 3.94
C SER A 5 23.75 22.77 5.46
N SER A 6 23.26 23.78 6.15
CA SER A 6 23.35 23.84 7.61
C SER A 6 21.97 23.77 8.24
N GLY A 7 21.81 22.85 9.20
CA GLY A 7 20.53 22.68 9.86
C GLY A 7 20.33 21.27 10.38
N ALA A 8 19.25 20.63 9.93
CA ALA A 8 18.94 19.27 10.34
C ALA A 8 20.05 18.31 9.93
N SER A 9 20.44 17.44 10.87
CA SER A 9 21.48 16.46 10.61
C SER A 9 20.98 15.34 9.69
N VAL A 10 19.99 14.60 10.16
CA VAL A 10 19.41 13.50 9.40
C VAL A 10 18.03 13.86 8.87
N ARG A 11 17.84 13.71 7.58
CA ARG A 11 16.55 14.02 6.95
C ARG A 11 15.70 12.76 6.83
N VAL A 12 14.74 12.62 7.75
CA VAL A 12 13.85 11.46 7.74
C VAL A 12 12.56 11.76 6.99
N VAL A 13 12.12 10.81 6.18
CA VAL A 13 10.89 10.97 5.40
C VAL A 13 9.79 10.05 5.90
N GLN A 14 8.55 10.50 5.79
CA GLN A 14 7.40 9.71 6.23
C GLN A 14 6.80 8.92 5.07
N LYS A 15 6.65 9.58 3.93
CA LYS A 15 6.09 8.93 2.74
C LYS A 15 7.14 8.09 2.03
N ASN A 16 7.37 6.88 2.53
CA ASN A 16 8.34 5.98 1.94
C ASN A 16 7.70 4.64 1.58
N LEU A 17 6.82 4.16 2.45
CA LEU A 17 6.14 2.89 2.23
C LEU A 17 4.81 3.11 1.51
N VAL A 18 4.65 2.45 0.36
CA VAL A 18 3.43 2.57 -0.43
C VAL A 18 2.45 1.46 -0.08
N PHE A 19 1.29 1.86 0.47
CA PHE A 19 0.26 0.90 0.85
C PHE A 19 -0.96 1.05 -0.03
N VAL A 20 -1.30 -0.02 -0.76
CA VAL A 20 -2.45 -0.01 -1.64
C VAL A 20 -3.52 -1.00 -1.17
N VAL A 21 -4.78 -0.57 -1.23
CA VAL A 21 -5.89 -1.42 -0.80
C VAL A 21 -6.91 -1.59 -1.92
N GLY A 22 -7.83 -2.52 -1.74
CA GLY A 22 -8.86 -2.77 -2.74
C GLY A 22 -8.33 -3.52 -3.93
N LEU A 23 -7.62 -4.62 -3.67
CA LEU A 23 -7.06 -5.44 -4.73
C LEU A 23 -7.69 -6.82 -4.75
N SER A 24 -8.12 -7.26 -5.93
CA SER A 24 -8.75 -8.56 -6.08
C SER A 24 -7.74 -9.69 -5.87
N GLN A 25 -8.23 -10.83 -5.41
CA GLN A 25 -7.37 -11.99 -5.16
C GLN A 25 -6.49 -12.29 -6.37
N ARG A 26 -6.96 -11.87 -7.55
CA ARG A 26 -6.22 -12.10 -8.79
C ARG A 26 -5.16 -11.01 -8.99
N LEU A 27 -5.55 -9.77 -8.78
CA LEU A 27 -4.63 -8.64 -8.95
C LEU A 27 -3.54 -8.66 -7.88
N ALA A 28 -3.87 -9.21 -6.72
CA ALA A 28 -2.93 -9.30 -5.62
C ALA A 28 -1.77 -10.24 -5.95
N ASP A 29 -0.78 -9.71 -6.67
CA ASP A 29 0.38 -10.49 -7.06
C ASP A 29 1.64 -9.64 -7.06
N PRO A 30 2.78 -10.24 -6.66
CA PRO A 30 4.07 -9.55 -6.62
C PRO A 30 4.61 -9.23 -8.01
N GLU A 31 4.42 -10.16 -8.93
CA GLU A 31 4.90 -9.99 -10.30
C GLU A 31 3.97 -9.06 -11.07
N VAL A 32 2.66 -9.28 -10.94
CA VAL A 32 1.67 -8.47 -11.63
C VAL A 32 1.78 -7.01 -11.22
N LEU A 33 2.05 -6.78 -9.94
CA LEU A 33 2.19 -5.42 -9.41
C LEU A 33 3.52 -4.80 -9.83
N LYS A 34 4.58 -5.58 -9.72
CA LYS A 34 5.91 -5.11 -10.09
C LYS A 34 6.02 -4.89 -11.60
N ARG A 35 5.19 -5.61 -12.35
CA ARG A 35 5.18 -5.51 -13.80
C ARG A 35 5.16 -4.05 -14.23
N PRO A 36 5.86 -3.74 -15.34
CA PRO A 36 5.94 -2.38 -15.88
C PRO A 36 4.61 -1.93 -16.48
N GLU A 37 3.67 -2.86 -16.59
CA GLU A 37 2.34 -2.55 -17.15
C GLU A 37 1.33 -2.31 -16.03
N TYR A 38 1.81 -2.24 -14.79
CA TYR A 38 0.95 -2.01 -13.65
C TYR A 38 1.42 -0.82 -12.83
N PHE A 39 2.51 -1.03 -12.09
CA PHE A 39 3.07 0.03 -11.26
C PHE A 39 4.48 0.41 -11.73
N GLY A 40 5.23 -0.58 -12.18
CA GLY A 40 6.58 -0.34 -12.66
C GLY A 40 6.69 0.93 -13.47
N LYS A 41 5.57 1.33 -14.07
CA LYS A 41 5.53 2.54 -14.89
C LYS A 41 6.30 3.67 -14.23
N PHE A 42 5.88 4.04 -13.03
CA PHE A 42 6.52 5.12 -12.28
C PHE A 42 8.03 4.89 -12.19
N GLY A 43 8.41 3.65 -11.92
CA GLY A 43 9.83 3.32 -11.81
C GLY A 43 10.05 1.89 -11.35
N LYS A 44 11.31 1.55 -11.09
CA LYS A 44 11.66 0.21 -10.64
C LYS A 44 11.30 0.02 -9.16
N ILE A 45 10.81 -1.17 -8.83
CA ILE A 45 10.43 -1.48 -7.46
C ILE A 45 11.52 -2.27 -6.75
N HIS A 46 11.73 -1.96 -5.47
CA HIS A 46 12.75 -2.66 -4.68
C HIS A 46 12.19 -3.95 -4.08
N LYS A 47 11.12 -3.83 -3.30
CA LYS A 47 10.50 -4.98 -2.68
C LYS A 47 8.98 -4.88 -2.75
N VAL A 48 8.32 -6.03 -2.88
CA VAL A 48 6.87 -6.07 -2.96
C VAL A 48 6.29 -7.16 -2.07
N VAL A 49 5.27 -6.81 -1.30
CA VAL A 49 4.63 -7.76 -0.39
C VAL A 49 3.13 -7.82 -0.63
N ILE A 50 2.57 -9.02 -0.53
CA ILE A 50 1.14 -9.22 -0.74
C ILE A 50 0.48 -9.80 0.50
N ASN A 51 -0.64 -9.21 0.91
CA ASN A 51 -1.36 -9.68 2.08
C ASN A 51 -2.83 -9.96 1.74
N ASN A 52 -3.18 -11.24 1.67
CA ASN A 52 -4.54 -11.64 1.36
C ASN A 52 -5.30 -12.04 2.62
N SER A 53 -6.60 -12.31 2.47
CA SER A 53 -7.43 -12.70 3.60
C SER A 53 -7.42 -14.22 3.77
N THR A 54 -7.04 -14.67 4.96
CA THR A 54 -6.99 -16.09 5.26
C THR A 54 -8.23 -16.53 6.03
N SER A 55 -8.53 -15.82 7.12
CA SER A 55 -9.68 -16.14 7.95
C SER A 55 -10.80 -15.13 7.75
N TYR A 56 -12.01 -15.62 7.53
CA TYR A 56 -13.16 -14.76 7.32
C TYR A 56 -14.08 -14.76 8.53
N ALA A 57 -13.96 -13.72 9.36
CA ALA A 57 -14.78 -13.60 10.56
C ALA A 57 -16.15 -13.01 10.23
N GLY A 58 -16.74 -13.45 9.13
CA GLY A 58 -18.04 -12.95 8.73
C GLY A 58 -17.96 -11.61 8.04
N SER A 59 -16.94 -11.44 7.19
CA SER A 59 -16.76 -10.18 6.48
C SER A 59 -17.25 -10.30 5.05
N GLN A 60 -18.03 -9.31 4.62
CA GLN A 60 -18.57 -9.30 3.27
C GLN A 60 -17.55 -8.78 2.27
N GLY A 61 -17.00 -9.69 1.47
CA GLY A 61 -16.00 -9.30 0.49
C GLY A 61 -14.81 -8.60 1.10
N PRO A 62 -13.87 -9.39 1.65
CA PRO A 62 -12.67 -8.86 2.29
C PRO A 62 -11.69 -8.24 1.28
N SER A 63 -11.20 -7.06 1.60
CA SER A 63 -10.27 -6.36 0.71
C SER A 63 -8.82 -6.70 1.06
N ALA A 64 -8.01 -6.91 0.04
CA ALA A 64 -6.59 -7.24 0.24
C ALA A 64 -5.72 -5.99 0.21
N SER A 65 -4.46 -6.15 0.60
CA SER A 65 -3.53 -5.03 0.62
C SER A 65 -2.15 -5.47 0.15
N ALA A 66 -1.39 -4.52 -0.40
CA ALA A 66 -0.05 -4.81 -0.89
C ALA A 66 0.93 -3.70 -0.49
N TYR A 67 2.20 -4.08 -0.33
CA TYR A 67 3.23 -3.11 0.05
C TYR A 67 4.27 -2.95 -1.06
N VAL A 68 4.48 -1.72 -1.49
CA VAL A 68 5.45 -1.43 -2.53
C VAL A 68 6.54 -0.48 -2.04
N THR A 69 7.80 -0.90 -2.20
CA THR A 69 8.92 -0.09 -1.77
C THR A 69 9.66 0.50 -2.96
N TYR A 70 9.79 1.83 -2.98
CA TYR A 70 10.47 2.52 -4.06
C TYR A 70 11.87 2.97 -3.63
N ILE A 71 12.70 3.31 -4.61
CA ILE A 71 14.06 3.77 -4.33
C ILE A 71 14.13 5.29 -4.24
N ARG A 72 13.39 5.95 -5.12
CA ARG A 72 13.36 7.42 -5.14
C ARG A 72 12.09 7.94 -4.48
N SER A 73 12.26 8.74 -3.43
CA SER A 73 11.13 9.31 -2.71
C SER A 73 10.12 9.92 -3.68
N GLU A 74 10.60 10.86 -4.50
CA GLU A 74 9.75 11.52 -5.47
C GLU A 74 8.88 10.51 -6.23
N ASP A 75 9.52 9.50 -6.79
CA ASP A 75 8.82 8.46 -7.53
C ASP A 75 7.66 7.90 -6.71
N ALA A 76 7.93 7.56 -5.46
CA ALA A 76 6.91 7.02 -4.57
C ALA A 76 5.70 7.95 -4.49
N LEU A 77 5.93 9.16 -3.98
CA LEU A 77 4.86 10.15 -3.83
C LEU A 77 3.97 10.15 -5.06
N ARG A 78 4.54 10.49 -6.21
CA ARG A 78 3.79 10.54 -7.46
C ARG A 78 3.04 9.22 -7.69
N ALA A 79 3.78 8.12 -7.76
CA ALA A 79 3.18 6.81 -7.98
C ALA A 79 1.87 6.67 -7.20
N ILE A 80 1.84 7.25 -6.01
CA ILE A 80 0.65 7.19 -5.16
C ILE A 80 -0.39 8.22 -5.59
N GLN A 81 0.09 9.42 -5.94
CA GLN A 81 -0.79 10.49 -6.38
C GLN A 81 -1.46 10.15 -7.71
N CYS A 82 -0.85 9.24 -8.45
CA CYS A 82 -1.38 8.83 -9.74
C CYS A 82 -2.25 7.59 -9.60
N VAL A 83 -1.84 6.68 -8.71
CA VAL A 83 -2.58 5.44 -8.48
C VAL A 83 -3.96 5.73 -7.89
N ASN A 84 -4.04 6.79 -7.08
CA ASN A 84 -5.31 7.18 -6.46
C ASN A 84 -6.29 7.68 -7.51
N ASN A 85 -7.57 7.38 -7.31
CA ASN A 85 -8.61 7.79 -8.24
C ASN A 85 -8.43 7.14 -9.60
N VAL A 86 -8.25 5.82 -9.60
CA VAL A 86 -8.07 5.07 -10.83
C VAL A 86 -9.04 3.90 -10.90
N VAL A 87 -9.64 3.71 -12.08
CA VAL A 87 -10.60 2.63 -12.28
C VAL A 87 -9.93 1.43 -12.95
N VAL A 88 -9.59 0.43 -12.13
CA VAL A 88 -8.95 -0.78 -12.64
C VAL A 88 -9.91 -1.96 -12.63
N ASP A 89 -10.50 -2.24 -13.78
CA ASP A 89 -11.45 -3.34 -13.91
C ASP A 89 -12.71 -3.08 -13.09
N GLY A 90 -13.13 -1.81 -13.07
CA GLY A 90 -14.33 -1.45 -12.32
C GLY A 90 -14.07 -1.36 -10.83
N ARG A 91 -12.87 -0.97 -10.46
CA ARG A 91 -12.50 -0.84 -9.05
C ARG A 91 -11.62 0.39 -8.82
N THR A 92 -11.91 1.13 -7.76
CA THR A 92 -11.15 2.32 -7.42
C THR A 92 -10.03 2.01 -6.43
N LEU A 93 -8.84 1.77 -6.93
CA LEU A 93 -7.69 1.46 -6.09
C LEU A 93 -7.29 2.68 -5.26
N LYS A 94 -7.08 2.45 -3.97
CA LYS A 94 -6.67 3.54 -3.07
C LYS A 94 -5.24 3.34 -2.59
N ALA A 95 -4.37 4.28 -2.95
CA ALA A 95 -2.97 4.22 -2.56
C ALA A 95 -2.62 5.33 -1.59
N SER A 96 -1.90 4.98 -0.52
CA SER A 96 -1.52 5.94 0.49
C SER A 96 -0.31 5.44 1.29
N LEU A 97 0.24 6.31 2.13
CA LEU A 97 1.39 5.96 2.95
C LEU A 97 1.07 6.09 4.43
N GLY A 98 1.85 5.41 5.26
CA GLY A 98 1.63 5.45 6.69
C GLY A 98 0.28 4.87 7.10
N THR A 99 -0.20 3.91 6.31
CA THR A 99 -1.48 3.27 6.58
C THR A 99 -1.29 1.98 7.37
N THR A 100 -1.86 1.95 8.58
CA THR A 100 -1.75 0.77 9.44
C THR A 100 -3.13 0.30 9.89
N LYS A 101 -3.17 -0.92 10.43
CA LYS A 101 -4.43 -1.49 10.90
C LYS A 101 -4.56 -1.35 12.42
N TYR A 102 -3.58 -1.89 13.15
CA TYR A 102 -3.59 -1.83 14.60
C TYR A 102 -3.48 -0.38 15.08
N CYS A 103 -4.62 0.23 15.34
CA CYS A 103 -4.66 1.61 15.80
C CYS A 103 -3.72 1.82 16.98
N SER A 104 -3.00 2.93 16.98
CA SER A 104 -2.07 3.24 18.05
C SER A 104 -2.09 4.73 18.39
N TYR A 105 -1.74 5.06 19.62
CA TYR A 105 -1.72 6.44 20.08
C TYR A 105 -0.64 6.67 21.12
N SER A 106 -0.35 7.93 21.42
CA SER A 106 0.67 8.29 22.39
C SER A 106 0.19 9.41 23.30
N GLY A 107 0.88 9.60 24.41
CA GLY A 107 0.51 10.64 25.35
C GLY A 107 0.36 10.13 26.78
N PRO A 108 -0.31 10.91 27.63
CA PRO A 108 -0.88 12.21 27.23
C PRO A 108 0.19 13.26 26.95
N SER A 109 1.34 13.11 27.60
CA SER A 109 2.44 14.05 27.43
C SER A 109 3.79 13.37 27.65
N SER A 110 4.84 13.99 27.16
CA SER A 110 6.19 13.43 27.29
C SER A 110 6.96 14.12 28.42
N GLY A 111 7.62 13.32 29.25
CA GLY A 111 8.38 13.87 30.35
C GLY A 111 9.14 15.13 29.96
N GLY A 1 -13.96 4.71 3.53
CA GLY A 1 -13.75 3.62 4.47
C GLY A 1 -14.19 3.98 5.88
N SER A 2 -13.67 3.25 6.85
CA SER A 2 -14.01 3.49 8.26
C SER A 2 -12.92 2.97 9.18
N SER A 3 -12.46 3.82 10.09
CA SER A 3 -11.41 3.44 11.03
C SER A 3 -11.97 3.31 12.44
N GLY A 4 -11.39 2.39 13.22
CA GLY A 4 -11.85 2.18 14.58
C GLY A 4 -11.17 1.01 15.24
N SER A 5 -9.96 1.23 15.74
CA SER A 5 -9.19 0.17 16.40
C SER A 5 -8.75 0.62 17.80
N SER A 6 -8.30 -0.34 18.60
CA SER A 6 -7.86 -0.05 19.95
C SER A 6 -6.34 -0.21 20.07
N GLY A 7 -5.63 0.92 20.09
CA GLY A 7 -4.19 0.89 20.20
C GLY A 7 -3.57 2.27 20.11
N ALA A 8 -2.95 2.70 21.20
CA ALA A 8 -2.31 4.01 21.24
C ALA A 8 -0.80 3.89 21.16
N SER A 9 -0.22 4.48 20.11
CA SER A 9 1.22 4.43 19.91
C SER A 9 1.65 5.44 18.85
N VAL A 10 2.96 5.61 18.69
CA VAL A 10 3.51 6.55 17.72
C VAL A 10 3.38 6.00 16.30
N ARG A 11 2.76 6.79 15.43
CA ARG A 11 2.56 6.38 14.04
C ARG A 11 3.81 6.70 13.21
N VAL A 12 4.57 5.67 12.88
CA VAL A 12 5.78 5.84 12.08
C VAL A 12 5.45 6.14 10.62
N VAL A 13 5.95 7.26 10.13
CA VAL A 13 5.70 7.66 8.74
C VAL A 13 6.77 7.09 7.81
N GLN A 14 6.33 6.25 6.88
CA GLN A 14 7.24 5.62 5.92
C GLN A 14 7.10 6.26 4.55
N LYS A 15 8.14 6.95 4.10
CA LYS A 15 8.14 7.61 2.80
C LYS A 15 8.22 6.59 1.67
N ASN A 16 9.12 5.61 1.83
CA ASN A 16 9.30 4.57 0.82
C ASN A 16 8.32 3.41 1.05
N LEU A 17 7.06 3.76 1.30
CA LEU A 17 6.03 2.75 1.53
C LEU A 17 4.73 3.14 0.84
N VAL A 18 4.26 2.28 -0.06
CA VAL A 18 3.03 2.52 -0.78
C VAL A 18 1.93 1.56 -0.36
N PHE A 19 0.96 2.05 0.40
CA PHE A 19 -0.15 1.23 0.87
C PHE A 19 -1.35 1.33 -0.06
N VAL A 20 -1.53 0.31 -0.90
CA VAL A 20 -2.63 0.29 -1.84
C VAL A 20 -3.70 -0.72 -1.41
N VAL A 21 -4.95 -0.28 -1.43
CA VAL A 21 -6.07 -1.13 -1.04
C VAL A 21 -7.05 -1.31 -2.19
N GLY A 22 -7.79 -2.42 -2.17
CA GLY A 22 -8.76 -2.68 -3.22
C GLY A 22 -8.16 -3.47 -4.37
N LEU A 23 -7.40 -4.51 -4.04
CA LEU A 23 -6.77 -5.34 -5.06
C LEU A 23 -7.40 -6.74 -5.08
N SER A 24 -7.87 -7.14 -6.26
CA SER A 24 -8.50 -8.45 -6.42
C SER A 24 -7.47 -9.56 -6.27
N GLN A 25 -7.88 -10.64 -5.60
CA GLN A 25 -6.99 -11.78 -5.39
C GLN A 25 -6.10 -12.02 -6.61
N ARG A 26 -6.69 -11.89 -7.80
CA ARG A 26 -5.95 -12.09 -9.03
C ARG A 26 -4.90 -11.00 -9.22
N LEU A 27 -5.28 -9.77 -8.95
CA LEU A 27 -4.38 -8.63 -9.09
C LEU A 27 -3.33 -8.63 -7.98
N ALA A 28 -3.67 -9.25 -6.85
CA ALA A 28 -2.77 -9.33 -5.72
C ALA A 28 -1.60 -10.26 -6.00
N ASP A 29 -0.59 -9.75 -6.68
CA ASP A 29 0.59 -10.55 -7.01
C ASP A 29 1.84 -9.68 -7.06
N PRO A 30 2.97 -10.25 -6.62
CA PRO A 30 4.25 -9.54 -6.60
C PRO A 30 4.81 -9.30 -7.99
N GLU A 31 4.79 -10.34 -8.82
CA GLU A 31 5.28 -10.24 -10.19
C GLU A 31 4.34 -9.39 -11.05
N VAL A 32 3.04 -9.63 -10.90
CA VAL A 32 2.04 -8.90 -11.66
C VAL A 32 2.12 -7.40 -11.39
N LEU A 33 2.30 -7.05 -10.12
CA LEU A 33 2.40 -5.65 -9.72
C LEU A 33 3.74 -5.05 -10.14
N LYS A 34 4.81 -5.85 -10.02
CA LYS A 34 6.14 -5.39 -10.40
C LYS A 34 6.20 -5.05 -11.88
N ARG A 35 5.40 -5.77 -12.68
CA ARG A 35 5.37 -5.54 -14.12
C ARG A 35 5.36 -4.04 -14.44
N PRO A 36 6.03 -3.67 -15.53
CA PRO A 36 6.11 -2.26 -15.96
C PRO A 36 4.78 -1.75 -16.49
N GLU A 37 3.78 -2.62 -16.53
CA GLU A 37 2.46 -2.25 -17.02
C GLU A 37 1.52 -1.92 -15.85
N TYR A 38 1.75 -2.57 -14.71
CA TYR A 38 0.94 -2.34 -13.52
C TYR A 38 1.48 -1.18 -12.70
N PHE A 39 2.58 -1.43 -12.00
CA PHE A 39 3.20 -0.40 -11.17
C PHE A 39 4.61 -0.07 -11.67
N GLY A 40 5.32 -1.09 -12.13
CA GLY A 40 6.67 -0.90 -12.63
C GLY A 40 6.75 0.25 -13.62
N LYS A 41 5.61 0.65 -14.17
CA LYS A 41 5.57 1.74 -15.13
C LYS A 41 6.26 2.99 -14.58
N PHE A 42 6.14 3.18 -13.27
CA PHE A 42 6.76 4.33 -12.62
C PHE A 42 8.27 4.16 -12.53
N GLY A 43 8.71 2.96 -12.18
CA GLY A 43 10.13 2.68 -12.06
C GLY A 43 10.41 1.37 -11.37
N LYS A 44 11.69 1.06 -11.20
CA LYS A 44 12.10 -0.18 -10.53
C LYS A 44 11.54 -0.25 -9.12
N ILE A 45 11.10 -1.44 -8.72
CA ILE A 45 10.55 -1.64 -7.38
C ILE A 45 11.53 -2.39 -6.50
N HIS A 46 11.63 -1.96 -5.24
CA HIS A 46 12.53 -2.60 -4.29
C HIS A 46 11.97 -3.93 -3.80
N LYS A 47 10.74 -3.89 -3.28
CA LYS A 47 10.08 -5.09 -2.78
C LYS A 47 8.57 -4.98 -2.94
N VAL A 48 7.93 -6.11 -3.23
CA VAL A 48 6.48 -6.15 -3.41
C VAL A 48 5.84 -7.14 -2.46
N VAL A 49 5.22 -6.62 -1.40
CA VAL A 49 4.56 -7.47 -0.41
C VAL A 49 3.06 -7.50 -0.64
N ILE A 50 2.46 -8.68 -0.45
CA ILE A 50 1.02 -8.84 -0.63
C ILE A 50 0.36 -9.30 0.66
N ASN A 51 -0.66 -8.55 1.10
CA ASN A 51 -1.38 -8.88 2.33
C ASN A 51 -2.86 -9.09 2.04
N ASN A 52 -3.46 -10.06 2.73
CA ASN A 52 -4.88 -10.36 2.55
C ASN A 52 -5.55 -10.61 3.90
N SER A 53 -6.77 -10.12 4.04
CA SER A 53 -7.53 -10.30 5.27
C SER A 53 -8.24 -11.64 5.30
N THR A 54 -7.59 -12.64 5.90
CA THR A 54 -8.16 -13.97 5.99
C THR A 54 -9.13 -14.09 7.16
N SER A 55 -9.93 -13.04 7.36
CA SER A 55 -10.90 -13.02 8.45
C SER A 55 -12.32 -13.16 7.92
N TYR A 56 -13.25 -13.48 8.81
CA TYR A 56 -14.64 -13.64 8.43
C TYR A 56 -15.46 -12.39 8.77
N ALA A 57 -15.81 -11.63 7.74
CA ALA A 57 -16.59 -10.41 7.93
C ALA A 57 -18.03 -10.60 7.45
N GLY A 58 -18.18 -11.13 6.24
CA GLY A 58 -19.50 -11.35 5.69
C GLY A 58 -19.77 -10.47 4.48
N SER A 59 -18.76 -10.28 3.64
CA SER A 59 -18.90 -9.45 2.45
C SER A 59 -18.68 -10.27 1.18
N GLN A 60 -19.31 -9.85 0.09
CA GLN A 60 -19.18 -10.55 -1.19
C GLN A 60 -18.01 -9.99 -1.98
N GLY A 61 -16.88 -10.70 -1.95
CA GLY A 61 -15.71 -10.27 -2.69
C GLY A 61 -14.75 -9.47 -1.82
N PRO A 62 -13.90 -10.18 -1.06
CA PRO A 62 -12.92 -9.55 -0.18
C PRO A 62 -11.81 -8.85 -0.95
N SER A 63 -11.39 -7.69 -0.46
CA SER A 63 -10.33 -6.91 -1.10
C SER A 63 -9.01 -7.11 -0.38
N ALA A 64 -7.92 -7.15 -1.15
CA ALA A 64 -6.60 -7.32 -0.58
C ALA A 64 -5.73 -6.08 -0.79
N SER A 65 -4.71 -5.92 0.04
CA SER A 65 -3.82 -4.78 -0.06
C SER A 65 -2.41 -5.21 -0.41
N ALA A 66 -1.56 -4.24 -0.76
CA ALA A 66 -0.17 -4.53 -1.12
C ALA A 66 0.73 -3.37 -0.73
N TYR A 67 1.97 -3.69 -0.37
CA TYR A 67 2.95 -2.68 0.03
C TYR A 67 4.10 -2.63 -0.96
N VAL A 68 4.12 -1.60 -1.80
CA VAL A 68 5.17 -1.43 -2.79
C VAL A 68 6.21 -0.41 -2.32
N THR A 69 7.47 -0.83 -2.33
CA THR A 69 8.57 0.03 -1.90
C THR A 69 9.21 0.73 -3.09
N TYR A 70 9.26 2.06 -3.05
CA TYR A 70 9.85 2.84 -4.12
C TYR A 70 11.19 3.41 -3.71
N ILE A 71 12.24 3.07 -4.46
CA ILE A 71 13.59 3.55 -4.16
C ILE A 71 13.64 5.07 -4.14
N ARG A 72 13.12 5.69 -5.20
CA ARG A 72 13.11 7.15 -5.30
C ARG A 72 11.87 7.73 -4.61
N SER A 73 12.10 8.54 -3.59
CA SER A 73 11.01 9.15 -2.85
C SER A 73 10.00 9.79 -3.80
N GLU A 74 10.51 10.55 -4.76
CA GLU A 74 9.64 11.22 -5.72
C GLU A 74 8.72 10.22 -6.42
N ASP A 75 9.32 9.21 -7.03
CA ASP A 75 8.55 8.18 -7.73
C ASP A 75 7.47 7.61 -6.82
N ALA A 76 7.75 7.55 -5.52
CA ALA A 76 6.81 7.03 -4.55
C ALA A 76 5.61 7.96 -4.38
N LEU A 77 5.87 9.14 -3.83
CA LEU A 77 4.83 10.14 -3.61
C LEU A 77 3.95 10.28 -4.86
N ARG A 78 4.58 10.60 -5.98
CA ARG A 78 3.85 10.76 -7.24
C ARG A 78 3.05 9.51 -7.57
N ALA A 79 3.69 8.35 -7.46
CA ALA A 79 3.04 7.09 -7.75
C ALA A 79 1.72 6.96 -7.00
N ILE A 80 1.67 7.54 -5.80
CA ILE A 80 0.47 7.49 -4.99
C ILE A 80 -0.57 8.52 -5.46
N GLN A 81 -0.09 9.67 -5.90
CA GLN A 81 -0.97 10.73 -6.38
C GLN A 81 -1.69 10.30 -7.66
N CYS A 82 -1.06 9.39 -8.41
CA CYS A 82 -1.65 8.89 -9.65
C CYS A 82 -2.44 7.61 -9.41
N VAL A 83 -1.94 6.77 -8.50
CA VAL A 83 -2.60 5.52 -8.18
C VAL A 83 -3.95 5.76 -7.52
N ASN A 84 -4.01 6.76 -6.64
CA ASN A 84 -5.24 7.10 -5.95
C ASN A 84 -6.28 7.67 -6.91
N ASN A 85 -7.55 7.49 -6.59
CA ASN A 85 -8.64 7.99 -7.43
C ASN A 85 -8.52 7.43 -8.85
N VAL A 86 -8.35 6.12 -8.95
CA VAL A 86 -8.22 5.46 -10.25
C VAL A 86 -9.09 4.21 -10.32
N VAL A 87 -9.72 3.99 -11.46
CA VAL A 87 -10.58 2.83 -11.65
C VAL A 87 -9.85 1.72 -12.40
N VAL A 88 -9.46 0.68 -11.68
CA VAL A 88 -8.76 -0.45 -12.27
C VAL A 88 -9.62 -1.70 -12.26
N ASP A 89 -10.26 -1.99 -13.39
CA ASP A 89 -11.10 -3.17 -13.51
C ASP A 89 -12.26 -3.10 -12.52
N GLY A 90 -12.99 -1.99 -12.54
CA GLY A 90 -14.11 -1.83 -11.63
C GLY A 90 -13.68 -1.82 -10.17
N ARG A 91 -12.44 -1.47 -9.93
CA ARG A 91 -11.90 -1.43 -8.57
C ARG A 91 -11.17 -0.12 -8.31
N THR A 92 -11.74 0.72 -7.44
CA THR A 92 -11.14 2.00 -7.11
C THR A 92 -9.95 1.83 -6.17
N LEU A 93 -8.76 1.74 -6.75
CA LEU A 93 -7.55 1.58 -5.95
C LEU A 93 -7.23 2.84 -5.16
N LYS A 94 -7.01 2.67 -3.86
CA LYS A 94 -6.69 3.80 -2.99
C LYS A 94 -5.30 3.65 -2.39
N ALA A 95 -4.43 4.60 -2.69
CA ALA A 95 -3.06 4.58 -2.17
C ALA A 95 -2.86 5.64 -1.11
N SER A 96 -2.03 5.33 -0.11
CA SER A 96 -1.77 6.26 0.98
C SER A 96 -0.30 6.16 1.42
N LEU A 97 0.11 7.11 2.25
CA LEU A 97 1.49 7.13 2.75
C LEU A 97 1.51 7.25 4.27
N GLY A 98 2.35 6.45 4.91
CA GLY A 98 2.46 6.48 6.36
C GLY A 98 1.58 5.45 7.03
N THR A 99 1.23 4.40 6.29
CA THR A 99 0.39 3.33 6.82
C THR A 99 1.21 2.27 7.53
N THR A 100 0.97 2.08 8.82
CA THR A 100 1.69 1.09 9.60
C THR A 100 1.00 -0.27 9.54
N LYS A 101 1.66 -1.29 10.08
CA LYS A 101 1.12 -2.64 10.08
C LYS A 101 0.74 -3.06 11.50
N TYR A 102 -0.43 -3.66 11.64
CA TYR A 102 -0.91 -4.11 12.95
C TYR A 102 -0.08 -5.29 13.45
N CYS A 103 0.14 -6.26 12.58
CA CYS A 103 0.93 -7.45 12.94
C CYS A 103 2.19 -7.06 13.69
N SER A 104 3.05 -6.30 13.02
CA SER A 104 4.31 -5.87 13.63
C SER A 104 4.04 -4.91 14.79
N TYR A 105 4.08 -5.44 16.01
CA TYR A 105 3.84 -4.64 17.20
C TYR A 105 5.15 -4.08 17.76
N SER A 106 5.46 -2.85 17.39
CA SER A 106 6.70 -2.21 17.85
C SER A 106 6.55 -0.68 17.83
N GLY A 107 6.69 -0.06 18.99
CA GLY A 107 6.58 1.38 19.09
C GLY A 107 7.76 2.10 18.46
N PRO A 108 8.95 1.93 19.07
CA PRO A 108 9.10 1.10 20.27
C PRO A 108 8.45 1.73 21.50
N SER A 109 8.09 3.00 21.38
CA SER A 109 7.46 3.71 22.48
C SER A 109 6.09 3.11 22.81
N SER A 110 5.99 2.44 23.95
CA SER A 110 4.74 1.83 24.36
C SER A 110 3.94 2.76 25.27
N GLY A 111 2.70 3.03 24.88
CA GLY A 111 1.85 3.91 25.67
C GLY A 111 0.75 4.54 24.84
N GLY A 1 -20.07 3.72 9.45
CA GLY A 1 -18.99 3.71 10.42
C GLY A 1 -18.32 5.07 10.55
N SER A 2 -17.02 5.06 10.77
CA SER A 2 -16.26 6.31 10.92
C SER A 2 -14.93 6.24 10.17
N SER A 3 -14.69 7.22 9.30
CA SER A 3 -13.46 7.26 8.53
C SER A 3 -13.14 5.88 7.94
N GLY A 4 -14.17 5.18 7.49
CA GLY A 4 -13.98 3.87 6.91
C GLY A 4 -14.38 2.75 7.86
N SER A 5 -13.73 1.60 7.72
CA SER A 5 -14.02 0.45 8.58
C SER A 5 -12.91 0.24 9.60
N SER A 6 -11.70 0.01 9.12
CA SER A 6 -10.56 -0.20 9.99
C SER A 6 -9.26 -0.28 9.19
N GLY A 7 -8.13 -0.32 9.90
CA GLY A 7 -6.84 -0.39 9.23
C GLY A 7 -6.09 -1.66 9.57
N ALA A 8 -4.89 -1.79 9.02
CA ALA A 8 -4.06 -2.97 9.27
C ALA A 8 -3.93 -3.24 10.76
N SER A 9 -3.55 -4.47 11.10
CA SER A 9 -3.39 -4.86 12.51
C SER A 9 -2.06 -4.36 13.06
N VAL A 10 -0.98 -4.61 12.33
CA VAL A 10 0.35 -4.19 12.75
C VAL A 10 0.62 -2.75 12.34
N ARG A 11 1.46 -2.07 13.10
CA ARG A 11 1.81 -0.68 12.81
C ARG A 11 3.15 -0.60 12.07
N VAL A 12 3.15 0.07 10.94
CA VAL A 12 4.37 0.23 10.14
C VAL A 12 4.57 1.68 9.73
N VAL A 13 5.80 2.16 9.86
CA VAL A 13 6.13 3.54 9.50
C VAL A 13 7.18 3.58 8.39
N GLN A 14 6.91 4.34 7.35
CA GLN A 14 7.84 4.46 6.23
C GLN A 14 7.48 5.66 5.36
N LYS A 15 8.48 6.21 4.67
CA LYS A 15 8.26 7.35 3.79
C LYS A 15 8.22 6.92 2.33
N ASN A 16 9.24 6.19 1.90
CA ASN A 16 9.31 5.70 0.52
C ASN A 16 8.55 4.39 0.37
N LEU A 17 7.31 4.37 0.85
CA LEU A 17 6.48 3.17 0.76
C LEU A 17 5.10 3.51 0.21
N VAL A 18 4.52 2.57 -0.54
CA VAL A 18 3.20 2.77 -1.12
C VAL A 18 2.23 1.67 -0.68
N PHE A 19 1.24 2.05 0.12
CA PHE A 19 0.26 1.11 0.62
C PHE A 19 -1.02 1.17 -0.22
N VAL A 20 -1.30 0.09 -0.94
CA VAL A 20 -2.49 0.02 -1.78
C VAL A 20 -3.50 -0.97 -1.21
N VAL A 21 -4.78 -0.58 -1.23
CA VAL A 21 -5.84 -1.43 -0.72
C VAL A 21 -6.95 -1.62 -1.76
N GLY A 22 -7.85 -2.56 -1.50
CA GLY A 22 -8.94 -2.82 -2.42
C GLY A 22 -8.49 -3.54 -3.67
N LEU A 23 -7.62 -4.52 -3.50
CA LEU A 23 -7.11 -5.30 -4.62
C LEU A 23 -7.77 -6.67 -4.69
N SER A 24 -8.24 -7.04 -5.88
CA SER A 24 -8.91 -8.32 -6.07
C SER A 24 -7.88 -9.45 -6.16
N GLN A 25 -8.23 -10.59 -5.60
CA GLN A 25 -7.34 -11.75 -5.61
C GLN A 25 -6.55 -11.81 -6.91
N ARG A 26 -7.22 -11.50 -8.02
CA ARG A 26 -6.56 -11.53 -9.33
C ARG A 26 -5.44 -10.48 -9.39
N LEU A 27 -5.74 -9.27 -8.95
CA LEU A 27 -4.76 -8.19 -8.96
C LEU A 27 -3.70 -8.41 -7.89
N ALA A 28 -4.08 -9.08 -6.81
CA ALA A 28 -3.17 -9.36 -5.71
C ALA A 28 -2.05 -10.31 -6.16
N ASP A 29 -1.02 -9.75 -6.78
CA ASP A 29 0.11 -10.54 -7.26
C ASP A 29 1.40 -9.73 -7.22
N PRO A 30 2.51 -10.40 -6.90
CA PRO A 30 3.82 -9.76 -6.81
C PRO A 30 4.36 -9.35 -8.18
N GLU A 31 4.22 -10.25 -9.15
CA GLU A 31 4.69 -9.98 -10.51
C GLU A 31 3.76 -9.00 -11.22
N VAL A 32 2.46 -9.15 -10.98
CA VAL A 32 1.47 -8.28 -11.60
C VAL A 32 1.69 -6.82 -11.20
N LEU A 33 1.83 -6.59 -9.90
CA LEU A 33 2.05 -5.25 -9.37
C LEU A 33 3.40 -4.70 -9.82
N LYS A 34 4.43 -5.53 -9.75
CA LYS A 34 5.76 -5.13 -10.16
C LYS A 34 5.79 -4.76 -11.63
N ARG A 35 5.12 -5.54 -12.46
CA ARG A 35 5.08 -5.28 -13.90
C ARG A 35 5.05 -3.79 -14.18
N PRO A 36 5.74 -3.38 -15.26
CA PRO A 36 5.81 -1.96 -15.66
C PRO A 36 4.47 -1.44 -16.18
N GLU A 37 3.48 -2.33 -16.23
CA GLU A 37 2.15 -1.95 -16.71
C GLU A 37 1.18 -1.77 -15.54
N TYR A 38 1.67 -1.98 -14.33
CA TYR A 38 0.85 -1.84 -13.13
C TYR A 38 1.38 -0.73 -12.24
N PHE A 39 2.49 -1.00 -11.56
CA PHE A 39 3.11 -0.03 -10.66
C PHE A 39 4.55 0.27 -11.08
N GLY A 40 5.11 -0.63 -11.90
CA GLY A 40 6.47 -0.44 -12.35
C GLY A 40 6.60 0.67 -13.37
N LYS A 41 5.48 1.29 -13.71
CA LYS A 41 5.47 2.38 -14.67
C LYS A 41 5.93 3.69 -14.03
N PHE A 42 5.86 3.74 -12.70
CA PHE A 42 6.28 4.93 -11.97
C PHE A 42 7.78 4.91 -11.70
N GLY A 43 8.31 3.73 -11.42
CA GLY A 43 9.73 3.60 -11.14
C GLY A 43 10.13 2.17 -10.84
N LYS A 44 11.40 1.98 -10.47
CA LYS A 44 11.91 0.65 -10.15
C LYS A 44 11.54 0.25 -8.73
N ILE A 45 11.07 -0.98 -8.56
CA ILE A 45 10.70 -1.48 -7.25
C ILE A 45 11.84 -2.25 -6.60
N HIS A 46 11.92 -2.17 -5.27
CA HIS A 46 12.96 -2.86 -4.53
C HIS A 46 12.44 -4.17 -3.94
N LYS A 47 11.24 -4.11 -3.37
CA LYS A 47 10.63 -5.29 -2.77
C LYS A 47 9.10 -5.23 -2.90
N VAL A 48 8.49 -6.39 -3.12
CA VAL A 48 7.04 -6.47 -3.25
C VAL A 48 6.45 -7.50 -2.30
N VAL A 49 5.55 -7.05 -1.43
CA VAL A 49 4.91 -7.94 -0.46
C VAL A 49 3.39 -7.86 -0.56
N ILE A 50 2.73 -8.99 -0.34
CA ILE A 50 1.28 -9.05 -0.40
C ILE A 50 0.68 -9.39 0.96
N ASN A 51 -0.44 -8.75 1.28
CA ASN A 51 -1.12 -9.00 2.56
C ASN A 51 -2.60 -9.30 2.35
N ASN A 52 -3.13 -10.21 3.15
CA ASN A 52 -4.53 -10.59 3.05
C ASN A 52 -5.21 -10.52 4.42
N SER A 53 -6.43 -9.96 4.44
CA SER A 53 -7.17 -9.83 5.68
C SER A 53 -7.60 -11.21 6.20
N THR A 54 -6.94 -11.67 7.25
CA THR A 54 -7.25 -12.96 7.85
C THR A 54 -8.26 -12.82 8.98
N SER A 55 -7.97 -11.93 9.92
CA SER A 55 -8.86 -11.69 11.05
C SER A 55 -10.19 -11.09 10.59
N TYR A 56 -11.26 -11.87 10.71
CA TYR A 56 -12.58 -11.42 10.30
C TYR A 56 -13.12 -10.37 11.26
N ALA A 57 -13.15 -9.12 10.81
CA ALA A 57 -13.64 -8.02 11.64
C ALA A 57 -15.17 -7.92 11.56
N GLY A 58 -15.84 -9.07 11.57
CA GLY A 58 -17.28 -9.07 11.50
C GLY A 58 -17.79 -9.10 10.07
N SER A 59 -16.94 -8.72 9.13
CA SER A 59 -17.31 -8.70 7.72
C SER A 59 -16.75 -9.93 7.00
N GLN A 60 -17.53 -10.45 6.06
CA GLN A 60 -17.12 -11.63 5.29
C GLN A 60 -16.61 -11.22 3.91
N GLY A 61 -15.46 -11.78 3.53
CA GLY A 61 -14.88 -11.47 2.24
C GLY A 61 -14.27 -10.08 2.19
N PRO A 62 -13.26 -9.85 3.05
CA PRO A 62 -12.56 -8.57 3.13
C PRO A 62 -11.72 -8.29 1.89
N SER A 63 -10.94 -7.21 1.93
CA SER A 63 -10.09 -6.83 0.81
C SER A 63 -8.62 -7.07 1.14
N ALA A 64 -7.82 -7.27 0.10
CA ALA A 64 -6.39 -7.51 0.28
C ALA A 64 -5.57 -6.27 -0.06
N SER A 65 -4.43 -6.11 0.61
CA SER A 65 -3.56 -4.97 0.38
C SER A 65 -2.20 -5.41 -0.15
N ALA A 66 -1.39 -4.44 -0.55
CA ALA A 66 -0.06 -4.73 -1.08
C ALA A 66 0.92 -3.63 -0.72
N TYR A 67 2.09 -4.01 -0.25
CA TYR A 67 3.12 -3.05 0.14
C TYR A 67 4.23 -2.99 -0.91
N VAL A 68 4.35 -1.85 -1.58
CA VAL A 68 5.37 -1.67 -2.61
C VAL A 68 6.45 -0.70 -2.14
N THR A 69 7.69 -1.16 -2.17
CA THR A 69 8.82 -0.34 -1.75
C THR A 69 9.52 0.30 -2.95
N TYR A 70 9.62 1.62 -2.93
CA TYR A 70 10.27 2.35 -4.01
C TYR A 70 11.64 2.86 -3.58
N ILE A 71 12.57 2.91 -4.54
CA ILE A 71 13.92 3.38 -4.26
C ILE A 71 13.97 4.90 -4.23
N ARG A 72 13.18 5.54 -5.09
CA ARG A 72 13.14 7.00 -5.15
C ARG A 72 11.84 7.53 -4.55
N SER A 73 11.96 8.30 -3.47
CA SER A 73 10.81 8.86 -2.80
C SER A 73 9.88 9.54 -3.80
N GLU A 74 10.45 10.41 -4.63
CA GLU A 74 9.68 11.13 -5.64
C GLU A 74 8.79 10.18 -6.43
N ASP A 75 9.40 9.12 -6.94
CA ASP A 75 8.66 8.12 -7.72
C ASP A 75 7.47 7.59 -6.95
N ALA A 76 7.69 7.28 -5.67
CA ALA A 76 6.63 6.76 -4.82
C ALA A 76 5.49 7.76 -4.70
N LEU A 77 5.78 8.93 -4.14
CA LEU A 77 4.77 9.97 -3.96
C LEU A 77 3.89 10.08 -5.20
N ARG A 78 4.48 10.50 -6.31
CA ARG A 78 3.74 10.65 -7.56
C ARG A 78 2.91 9.40 -7.85
N ALA A 79 3.57 8.25 -7.86
CA ALA A 79 2.89 6.98 -8.13
C ALA A 79 1.57 6.89 -7.37
N ILE A 80 1.55 7.46 -6.17
CA ILE A 80 0.34 7.45 -5.35
C ILE A 80 -0.66 8.49 -5.84
N GLN A 81 -0.16 9.67 -6.20
CA GLN A 81 -1.01 10.76 -6.68
C GLN A 81 -1.76 10.34 -7.94
N CYS A 82 -1.16 9.42 -8.71
CA CYS A 82 -1.77 8.94 -9.93
C CYS A 82 -2.58 7.67 -9.68
N VAL A 83 -2.03 6.78 -8.87
CA VAL A 83 -2.71 5.52 -8.56
C VAL A 83 -4.08 5.78 -7.92
N ASN A 84 -4.16 6.83 -7.11
CA ASN A 84 -5.40 7.18 -6.45
C ASN A 84 -6.44 7.67 -7.46
N ASN A 85 -7.71 7.46 -7.13
CA ASN A 85 -8.80 7.89 -8.01
C ASN A 85 -8.65 7.26 -9.39
N VAL A 86 -8.32 5.97 -9.42
CA VAL A 86 -8.15 5.26 -10.69
C VAL A 86 -8.96 3.97 -10.68
N VAL A 87 -9.65 3.71 -11.78
CA VAL A 87 -10.47 2.51 -11.92
C VAL A 87 -9.72 1.42 -12.71
N VAL A 88 -9.25 0.40 -12.01
CA VAL A 88 -8.54 -0.70 -12.65
C VAL A 88 -9.32 -2.00 -12.54
N ASP A 89 -9.63 -2.58 -13.70
CA ASP A 89 -10.37 -3.83 -13.74
C ASP A 89 -11.64 -3.74 -12.90
N GLY A 90 -12.17 -2.54 -12.77
CA GLY A 90 -13.39 -2.33 -11.99
C GLY A 90 -13.10 -2.24 -10.51
N ARG A 91 -11.94 -1.69 -10.16
CA ARG A 91 -11.55 -1.55 -8.76
C ARG A 91 -10.87 -0.20 -8.52
N THR A 92 -11.42 0.57 -7.57
CA THR A 92 -10.87 1.87 -7.25
C THR A 92 -9.60 1.76 -6.42
N LEU A 93 -8.46 1.75 -7.09
CA LEU A 93 -7.17 1.64 -6.41
C LEU A 93 -6.95 2.82 -5.48
N LYS A 94 -6.65 2.53 -4.22
CA LYS A 94 -6.42 3.56 -3.22
C LYS A 94 -5.04 3.39 -2.58
N ALA A 95 -4.15 4.34 -2.85
CA ALA A 95 -2.81 4.29 -2.30
C ALA A 95 -2.61 5.36 -1.22
N SER A 96 -1.71 5.09 -0.29
CA SER A 96 -1.43 6.02 0.80
C SER A 96 0.06 6.11 1.08
N LEU A 97 0.48 7.22 1.68
CA LEU A 97 1.89 7.44 1.99
C LEU A 97 2.07 7.64 3.50
N GLY A 98 2.54 6.59 4.17
CA GLY A 98 2.76 6.68 5.60
C GLY A 98 1.52 7.10 6.36
N THR A 99 0.35 6.80 5.80
CA THR A 99 -0.91 7.17 6.42
C THR A 99 -1.92 6.03 6.33
N THR A 100 -2.66 5.80 7.41
CA THR A 100 -3.65 4.74 7.45
C THR A 100 -5.04 5.31 7.70
N LYS A 101 -5.10 6.42 8.43
CA LYS A 101 -6.37 7.06 8.75
C LYS A 101 -6.49 8.40 8.03
N TYR A 102 -5.74 9.38 8.50
CA TYR A 102 -5.76 10.71 7.90
C TYR A 102 -4.47 10.99 7.12
N CYS A 103 -4.62 11.48 5.90
CA CYS A 103 -3.47 11.78 5.06
C CYS A 103 -2.62 12.89 5.67
N SER A 104 -1.51 13.21 5.02
CA SER A 104 -0.60 14.24 5.51
C SER A 104 0.28 14.77 4.38
N TYR A 105 0.96 15.87 4.65
CA TYR A 105 1.84 16.50 3.65
C TYR A 105 2.83 17.43 4.32
N SER A 106 3.95 17.68 3.63
CA SER A 106 4.98 18.57 4.15
C SER A 106 6.00 18.91 3.08
N GLY A 107 6.57 20.11 3.17
CA GLY A 107 7.56 20.54 2.19
C GLY A 107 8.92 20.74 2.80
N PRO A 108 9.79 21.46 2.08
CA PRO A 108 9.46 22.04 0.77
C PRO A 108 9.30 20.98 -0.31
N SER A 109 8.22 21.07 -1.07
CA SER A 109 7.95 20.12 -2.14
C SER A 109 8.22 20.74 -3.51
N SER A 110 9.50 20.87 -3.85
CA SER A 110 9.89 21.45 -5.14
C SER A 110 10.44 20.38 -6.08
N GLY A 111 10.29 20.61 -7.38
CA GLY A 111 10.78 19.67 -8.36
C GLY A 111 11.86 20.26 -9.25
N GLY A 1 -21.92 -8.36 12.40
CA GLY A 1 -21.07 -7.78 13.43
C GLY A 1 -19.85 -7.09 12.86
N SER A 2 -18.92 -6.74 13.74
CA SER A 2 -17.69 -6.06 13.32
C SER A 2 -16.60 -6.19 14.39
N SER A 3 -15.54 -6.93 14.05
CA SER A 3 -14.45 -7.13 14.98
C SER A 3 -13.30 -6.17 14.69
N GLY A 4 -12.35 -6.09 15.61
CA GLY A 4 -11.21 -5.21 15.43
C GLY A 4 -10.62 -4.75 16.76
N SER A 5 -9.36 -5.08 16.98
CA SER A 5 -8.68 -4.71 18.22
C SER A 5 -7.59 -3.67 17.94
N SER A 6 -7.43 -2.74 18.88
CA SER A 6 -6.43 -1.69 18.75
C SER A 6 -5.53 -1.63 19.97
N GLY A 7 -4.23 -1.85 19.74
CA GLY A 7 -3.28 -1.83 20.84
C GLY A 7 -2.16 -0.83 20.61
N ALA A 8 -1.19 -0.81 21.52
CA ALA A 8 -0.07 0.11 21.41
C ALA A 8 1.13 -0.56 20.73
N SER A 9 1.77 0.17 19.83
CA SER A 9 2.91 -0.35 19.09
C SER A 9 3.86 0.78 18.70
N VAL A 10 5.07 0.40 18.28
CA VAL A 10 6.06 1.39 17.86
C VAL A 10 5.71 2.00 16.51
N ARG A 11 5.92 3.31 16.39
CA ARG A 11 5.62 4.00 15.14
C ARG A 11 6.83 4.80 14.66
N VAL A 12 7.10 4.73 13.37
CA VAL A 12 8.23 5.44 12.78
C VAL A 12 7.77 6.39 11.68
N VAL A 13 8.57 7.43 11.42
CA VAL A 13 8.25 8.41 10.39
C VAL A 13 9.11 8.19 9.15
N GLN A 14 8.44 7.95 8.01
CA GLN A 14 9.13 7.74 6.75
C GLN A 14 8.15 7.63 5.60
N LYS A 15 8.30 8.53 4.63
CA LYS A 15 7.42 8.54 3.46
C LYS A 15 8.00 7.69 2.33
N ASN A 16 8.55 6.53 2.69
CA ASN A 16 9.14 5.63 1.71
C ASN A 16 8.37 4.31 1.65
N LEU A 17 7.04 4.40 1.72
CA LEU A 17 6.19 3.21 1.69
C LEU A 17 4.90 3.49 0.92
N VAL A 18 4.45 2.51 0.16
CA VAL A 18 3.21 2.65 -0.61
C VAL A 18 2.21 1.57 -0.24
N PHE A 19 1.13 1.98 0.40
CA PHE A 19 0.08 1.04 0.81
C PHE A 19 -1.13 1.13 -0.11
N VAL A 20 -1.30 0.10 -0.94
CA VAL A 20 -2.42 0.06 -1.88
C VAL A 20 -3.49 -0.92 -1.41
N VAL A 21 -4.75 -0.47 -1.49
CA VAL A 21 -5.88 -1.30 -1.07
C VAL A 21 -6.89 -1.45 -2.20
N GLY A 22 -7.82 -2.39 -2.03
CA GLY A 22 -8.83 -2.62 -3.04
C GLY A 22 -8.31 -3.42 -4.22
N LEU A 23 -7.66 -4.53 -3.93
CA LEU A 23 -7.10 -5.39 -4.98
C LEU A 23 -7.80 -6.74 -5.01
N SER A 24 -8.06 -7.24 -6.21
CA SER A 24 -8.74 -8.53 -6.38
C SER A 24 -7.80 -9.68 -6.04
N GLN A 25 -8.36 -10.75 -5.48
CA GLN A 25 -7.57 -11.92 -5.10
C GLN A 25 -6.55 -12.25 -6.18
N ARG A 26 -6.88 -11.94 -7.43
CA ARG A 26 -5.99 -12.20 -8.55
C ARG A 26 -5.04 -11.03 -8.78
N LEU A 27 -5.54 -9.82 -8.61
CA LEU A 27 -4.73 -8.63 -8.79
C LEU A 27 -3.62 -8.55 -7.75
N ALA A 28 -3.90 -9.04 -6.55
CA ALA A 28 -2.92 -9.04 -5.47
C ALA A 28 -1.80 -10.03 -5.74
N ASP A 29 -0.82 -9.60 -6.52
CA ASP A 29 0.32 -10.45 -6.87
C ASP A 29 1.57 -9.62 -7.08
N PRO A 30 2.73 -10.19 -6.72
CA PRO A 30 4.03 -9.53 -6.86
C PRO A 30 4.45 -9.36 -8.32
N GLU A 31 4.13 -10.37 -9.13
CA GLU A 31 4.48 -10.33 -10.55
C GLU A 31 3.51 -9.45 -11.32
N VAL A 32 2.23 -9.58 -11.03
CA VAL A 32 1.20 -8.79 -11.69
C VAL A 32 1.39 -7.30 -11.42
N LEU A 33 1.75 -6.97 -10.18
CA LEU A 33 1.97 -5.58 -9.79
C LEU A 33 3.29 -5.06 -10.36
N LYS A 34 4.31 -5.91 -10.36
CA LYS A 34 5.62 -5.53 -10.88
C LYS A 34 5.55 -5.25 -12.38
N ARG A 35 4.64 -5.94 -13.06
CA ARG A 35 4.48 -5.77 -14.50
C ARG A 35 4.53 -4.29 -14.88
N PRO A 36 5.12 -4.01 -16.05
CA PRO A 36 5.25 -2.63 -16.55
C PRO A 36 3.91 -2.04 -16.97
N GLU A 37 2.85 -2.85 -16.90
CA GLU A 37 1.52 -2.41 -17.27
C GLU A 37 0.70 -2.06 -16.04
N TYR A 38 1.32 -2.19 -14.86
CA TYR A 38 0.65 -1.89 -13.61
C TYR A 38 1.39 -0.79 -12.84
N PHE A 39 2.52 -1.16 -12.24
CA PHE A 39 3.32 -0.21 -11.48
C PHE A 39 4.75 -0.14 -12.03
N GLY A 40 5.12 -1.16 -12.79
CA GLY A 40 6.47 -1.20 -13.37
C GLY A 40 6.78 0.04 -14.18
N LYS A 41 5.73 0.73 -14.65
CA LYS A 41 5.91 1.93 -15.45
C LYS A 41 5.92 3.17 -14.55
N PHE A 42 5.55 2.99 -13.29
CA PHE A 42 5.52 4.09 -12.35
C PHE A 42 6.91 4.38 -11.80
N GLY A 43 7.72 3.34 -11.67
CA GLY A 43 9.07 3.50 -11.17
C GLY A 43 9.77 2.18 -10.94
N LYS A 44 10.89 2.22 -10.23
CA LYS A 44 11.66 1.01 -9.95
C LYS A 44 11.29 0.43 -8.59
N ILE A 45 10.60 -0.71 -8.60
CA ILE A 45 10.19 -1.36 -7.37
C ILE A 45 11.36 -2.08 -6.70
N HIS A 46 11.43 -2.01 -5.38
CA HIS A 46 12.49 -2.66 -4.63
C HIS A 46 11.94 -3.78 -3.75
N LYS A 47 10.91 -3.45 -2.97
CA LYS A 47 10.29 -4.43 -2.08
C LYS A 47 8.78 -4.47 -2.30
N VAL A 48 8.23 -5.68 -2.36
CA VAL A 48 6.80 -5.87 -2.56
C VAL A 48 6.26 -6.96 -1.66
N VAL A 49 5.04 -6.76 -1.16
CA VAL A 49 4.40 -7.74 -0.28
C VAL A 49 2.90 -7.78 -0.51
N ILE A 50 2.33 -8.98 -0.49
CA ILE A 50 0.90 -9.16 -0.69
C ILE A 50 0.21 -9.60 0.59
N ASN A 51 -0.82 -8.86 0.98
CA ASN A 51 -1.57 -9.18 2.19
C ASN A 51 -3.05 -9.36 1.89
N ASN A 52 -3.66 -10.38 2.50
CA ASN A 52 -5.08 -10.65 2.28
C ASN A 52 -5.91 -10.23 3.50
N SER A 53 -7.20 -10.03 3.29
CA SER A 53 -8.09 -9.63 4.37
C SER A 53 -7.96 -10.56 5.56
N THR A 54 -7.73 -9.97 6.74
CA THR A 54 -7.58 -10.75 7.97
C THR A 54 -8.88 -10.76 8.77
N SER A 55 -9.51 -9.59 8.89
CA SER A 55 -10.75 -9.47 9.65
C SER A 55 -11.92 -10.05 8.86
N TYR A 56 -12.95 -10.47 9.56
CA TYR A 56 -14.14 -11.05 8.94
C TYR A 56 -15.32 -10.09 8.99
N ALA A 57 -15.57 -9.40 7.89
CA ALA A 57 -16.67 -8.45 7.82
C ALA A 57 -17.98 -9.15 7.43
N GLY A 58 -17.90 -10.01 6.42
CA GLY A 58 -19.09 -10.72 5.98
C GLY A 58 -19.57 -10.26 4.61
N SER A 59 -19.15 -9.05 4.22
CA SER A 59 -19.55 -8.50 2.94
C SER A 59 -18.95 -9.29 1.79
N GLN A 60 -19.72 -9.45 0.72
CA GLN A 60 -19.26 -10.18 -0.45
C GLN A 60 -18.18 -9.41 -1.20
N GLY A 61 -17.18 -10.13 -1.71
CA GLY A 61 -16.11 -9.50 -2.44
C GLY A 61 -15.03 -8.94 -1.52
N PRO A 62 -14.10 -9.82 -1.09
CA PRO A 62 -13.01 -9.43 -0.20
C PRO A 62 -11.99 -8.53 -0.89
N SER A 63 -11.32 -7.69 -0.09
CA SER A 63 -10.32 -6.77 -0.63
C SER A 63 -8.94 -7.07 -0.05
N ALA A 64 -7.94 -7.11 -0.92
CA ALA A 64 -6.57 -7.39 -0.51
C ALA A 64 -5.68 -6.16 -0.68
N SER A 65 -4.67 -6.04 0.16
CA SER A 65 -3.75 -4.91 0.10
C SER A 65 -2.34 -5.37 -0.29
N ALA A 66 -1.55 -4.44 -0.82
CA ALA A 66 -0.19 -4.76 -1.23
C ALA A 66 0.77 -3.62 -0.88
N TYR A 67 1.87 -3.95 -0.20
CA TYR A 67 2.85 -2.96 0.18
C TYR A 67 4.04 -2.96 -0.78
N VAL A 68 4.36 -1.78 -1.32
CA VAL A 68 5.48 -1.65 -2.24
C VAL A 68 6.41 -0.52 -1.83
N THR A 69 7.71 -0.77 -1.92
CA THR A 69 8.70 0.23 -1.55
C THR A 69 9.40 0.79 -2.78
N TYR A 70 9.55 2.11 -2.83
CA TYR A 70 10.20 2.77 -3.96
C TYR A 70 11.53 3.38 -3.54
N ILE A 71 12.58 3.08 -4.30
CA ILE A 71 13.91 3.60 -3.99
C ILE A 71 13.93 5.12 -4.06
N ARG A 72 13.24 5.68 -5.06
CA ARG A 72 13.18 7.12 -5.23
C ARG A 72 11.98 7.71 -4.51
N SER A 73 12.24 8.51 -3.48
CA SER A 73 11.18 9.13 -2.70
C SER A 73 10.19 9.86 -3.60
N GLU A 74 10.70 10.83 -4.35
CA GLU A 74 9.86 11.61 -5.26
C GLU A 74 8.97 10.69 -6.10
N ASP A 75 9.57 9.67 -6.69
CA ASP A 75 8.83 8.72 -7.52
C ASP A 75 7.64 8.16 -6.75
N ALA A 76 7.89 7.67 -5.55
CA ALA A 76 6.83 7.10 -4.72
C ALA A 76 5.68 8.09 -4.55
N LEU A 77 6.00 9.27 -4.01
CA LEU A 77 4.99 10.30 -3.80
C LEU A 77 4.06 10.43 -5.00
N ARG A 78 4.63 10.77 -6.14
CA ARG A 78 3.86 10.92 -7.37
C ARG A 78 3.06 9.66 -7.67
N ALA A 79 3.71 8.50 -7.50
CA ALA A 79 3.05 7.23 -7.75
C ALA A 79 1.75 7.10 -6.95
N ILE A 80 1.73 7.73 -5.78
CA ILE A 80 0.55 7.69 -4.92
C ILE A 80 -0.48 8.73 -5.36
N GLN A 81 0.00 9.86 -5.85
CA GLN A 81 -0.89 10.93 -6.30
C GLN A 81 -1.64 10.51 -7.56
N CYS A 82 -1.03 9.62 -8.34
CA CYS A 82 -1.65 9.15 -9.58
C CYS A 82 -2.43 7.86 -9.32
N VAL A 83 -1.91 7.02 -8.43
CA VAL A 83 -2.56 5.75 -8.11
C VAL A 83 -3.89 5.99 -7.41
N ASN A 84 -4.00 7.09 -6.67
CA ASN A 84 -5.21 7.42 -5.95
C ASN A 84 -6.30 7.89 -6.92
N ASN A 85 -7.47 7.28 -6.83
CA ASN A 85 -8.59 7.63 -7.69
C ASN A 85 -8.37 7.11 -9.11
N VAL A 86 -8.07 5.81 -9.22
CA VAL A 86 -7.84 5.19 -10.52
C VAL A 86 -8.65 3.91 -10.67
N VAL A 87 -9.32 3.76 -11.81
CA VAL A 87 -10.13 2.57 -12.07
C VAL A 87 -9.33 1.52 -12.82
N VAL A 88 -8.97 0.45 -12.10
CA VAL A 88 -8.20 -0.64 -12.69
C VAL A 88 -8.95 -1.96 -12.60
N ASP A 89 -9.35 -2.49 -13.75
CA ASP A 89 -10.07 -3.76 -13.81
C ASP A 89 -11.38 -3.66 -13.01
N GLY A 90 -11.91 -2.45 -12.90
CA GLY A 90 -13.14 -2.25 -12.16
C GLY A 90 -12.92 -2.18 -10.66
N ARG A 91 -11.72 -1.76 -10.26
CA ARG A 91 -11.38 -1.64 -8.85
C ARG A 91 -10.64 -0.34 -8.58
N THR A 92 -11.19 0.45 -7.65
CA THR A 92 -10.58 1.74 -7.30
C THR A 92 -9.36 1.53 -6.40
N LEU A 93 -8.17 1.64 -6.99
CA LEU A 93 -6.94 1.47 -6.24
C LEU A 93 -6.61 2.73 -5.45
N LYS A 94 -6.41 2.56 -4.14
CA LYS A 94 -6.09 3.68 -3.26
C LYS A 94 -4.72 3.48 -2.61
N ALA A 95 -3.79 4.38 -2.90
CA ALA A 95 -2.45 4.31 -2.35
C ALA A 95 -2.25 5.37 -1.27
N SER A 96 -1.55 5.00 -0.20
CA SER A 96 -1.29 5.92 0.90
C SER A 96 0.09 5.67 1.50
N LEU A 97 0.59 6.64 2.26
CA LEU A 97 1.91 6.52 2.89
C LEU A 97 1.82 6.88 4.37
N GLY A 98 2.73 6.31 5.16
CA GLY A 98 2.74 6.58 6.59
C GLY A 98 1.71 5.77 7.35
N THR A 99 1.37 4.60 6.82
CA THR A 99 0.39 3.72 7.45
C THR A 99 1.06 2.53 8.10
N THR A 100 0.65 2.23 9.34
CA THR A 100 1.21 1.11 10.08
C THR A 100 0.14 0.05 10.35
N LYS A 101 0.59 -1.18 10.59
CA LYS A 101 -0.32 -2.28 10.87
C LYS A 101 -0.13 -2.79 12.30
N TYR A 102 -1.20 -2.75 13.09
CA TYR A 102 -1.15 -3.22 14.47
C TYR A 102 -0.53 -4.60 14.56
N CYS A 103 0.76 -4.64 14.90
CA CYS A 103 1.48 -5.91 15.02
C CYS A 103 1.66 -6.29 16.48
N SER A 104 1.28 -7.52 16.82
CA SER A 104 1.40 -8.01 18.19
C SER A 104 1.78 -9.48 18.21
N TYR A 105 2.63 -9.86 19.16
CA TYR A 105 3.06 -11.25 19.29
C TYR A 105 3.48 -11.56 20.72
N SER A 106 3.77 -12.82 20.99
CA SER A 106 4.17 -13.26 22.32
C SER A 106 5.69 -13.33 22.44
N GLY A 107 6.19 -13.30 23.68
CA GLY A 107 7.62 -13.35 23.90
C GLY A 107 8.35 -12.19 23.27
N PRO A 108 9.68 -12.31 23.17
CA PRO A 108 10.41 -13.49 23.65
C PRO A 108 10.41 -13.59 25.17
N SER A 109 10.79 -14.77 25.67
CA SER A 109 10.83 -15.00 27.11
C SER A 109 11.60 -13.89 27.83
N SER A 110 11.27 -13.68 29.09
CA SER A 110 11.92 -12.64 29.89
C SER A 110 12.99 -13.24 30.80
N GLY A 111 14.22 -13.29 30.31
CA GLY A 111 15.31 -13.84 31.09
C GLY A 111 16.66 -13.61 30.44
N GLY A 1 -21.53 20.25 2.77
CA GLY A 1 -20.74 19.58 1.77
C GLY A 1 -19.25 19.85 1.92
N SER A 2 -18.60 19.09 2.78
CA SER A 2 -17.17 19.26 3.03
C SER A 2 -16.40 17.98 2.66
N SER A 3 -15.55 18.08 1.65
CA SER A 3 -14.76 16.94 1.20
C SER A 3 -13.27 17.29 1.18
N GLY A 4 -12.46 16.37 1.68
CA GLY A 4 -11.02 16.60 1.70
C GLY A 4 -10.55 17.22 3.00
N SER A 5 -10.69 16.48 4.10
CA SER A 5 -10.29 16.97 5.41
C SER A 5 -8.77 17.16 5.47
N SER A 6 -8.35 18.17 6.22
CA SER A 6 -6.92 18.46 6.36
C SER A 6 -6.32 17.69 7.53
N GLY A 7 -5.01 17.78 7.68
CA GLY A 7 -4.33 17.09 8.76
C GLY A 7 -2.95 17.65 9.03
N ALA A 8 -2.34 17.22 10.14
CA ALA A 8 -1.01 17.68 10.51
C ALA A 8 -0.04 17.54 9.34
N SER A 9 1.12 18.17 9.46
CA SER A 9 2.13 18.13 8.41
C SER A 9 3.46 17.64 8.96
N VAL A 10 3.63 16.32 9.00
CA VAL A 10 4.86 15.72 9.51
C VAL A 10 5.93 15.67 8.43
N ARG A 11 7.19 15.77 8.85
CA ARG A 11 8.31 15.76 7.91
C ARG A 11 9.01 14.40 7.95
N VAL A 12 8.64 13.53 7.00
CA VAL A 12 9.23 12.20 6.91
C VAL A 12 10.36 12.17 5.89
N VAL A 13 11.44 11.48 6.23
CA VAL A 13 12.59 11.36 5.32
C VAL A 13 12.72 9.95 4.77
N GLN A 14 13.12 9.84 3.52
CA GLN A 14 13.28 8.54 2.88
C GLN A 14 11.96 7.80 2.80
N LYS A 15 10.93 8.48 2.31
CA LYS A 15 9.60 7.89 2.18
C LYS A 15 9.57 6.83 1.08
N ASN A 16 9.69 5.57 1.46
CA ASN A 16 9.68 4.47 0.50
C ASN A 16 8.70 3.38 0.94
N LEU A 17 7.48 3.77 1.26
CA LEU A 17 6.46 2.81 1.70
C LEU A 17 5.09 3.21 1.16
N VAL A 18 4.56 2.38 0.26
CA VAL A 18 3.25 2.64 -0.34
C VAL A 18 2.25 1.57 0.07
N PHE A 19 1.13 2.00 0.65
CA PHE A 19 0.09 1.08 1.09
C PHE A 19 -1.12 1.14 0.17
N VAL A 20 -1.32 0.10 -0.63
CA VAL A 20 -2.43 0.04 -1.56
C VAL A 20 -3.45 -1.01 -1.12
N VAL A 21 -4.72 -0.62 -1.11
CA VAL A 21 -5.80 -1.53 -0.72
C VAL A 21 -6.82 -1.69 -1.84
N GLY A 22 -7.60 -2.76 -1.77
CA GLY A 22 -8.61 -3.01 -2.79
C GLY A 22 -8.05 -3.77 -3.99
N LEU A 23 -7.39 -4.88 -3.72
CA LEU A 23 -6.81 -5.70 -4.78
C LEU A 23 -7.47 -7.07 -4.83
N SER A 24 -7.81 -7.51 -6.04
CA SER A 24 -8.45 -8.81 -6.23
C SER A 24 -7.47 -9.94 -5.94
N GLN A 25 -8.00 -11.07 -5.46
CA GLN A 25 -7.18 -12.23 -5.14
C GLN A 25 -6.21 -12.54 -6.27
N ARG A 26 -6.63 -12.25 -7.50
CA ARG A 26 -5.80 -12.50 -8.67
C ARG A 26 -4.84 -11.34 -8.92
N LEU A 27 -5.33 -10.13 -8.72
CA LEU A 27 -4.52 -8.94 -8.92
C LEU A 27 -3.40 -8.86 -7.89
N ALA A 28 -3.64 -9.43 -6.71
CA ALA A 28 -2.65 -9.44 -5.64
C ALA A 28 -1.48 -10.36 -5.98
N ASP A 29 -0.51 -9.83 -6.72
CA ASP A 29 0.66 -10.61 -7.10
C ASP A 29 1.89 -9.72 -7.22
N PRO A 30 3.06 -10.27 -6.83
CA PRO A 30 4.32 -9.54 -6.88
C PRO A 30 4.80 -9.29 -8.30
N GLU A 31 4.80 -10.35 -9.11
CA GLU A 31 5.24 -10.24 -10.50
C GLU A 31 4.27 -9.38 -11.31
N VAL A 32 2.97 -9.58 -11.08
CA VAL A 32 1.96 -8.82 -11.78
C VAL A 32 2.05 -7.33 -11.47
N LEU A 33 2.28 -7.00 -10.20
CA LEU A 33 2.40 -5.62 -9.78
C LEU A 33 3.73 -5.03 -10.23
N LYS A 34 4.80 -5.80 -10.09
CA LYS A 34 6.13 -5.36 -10.48
C LYS A 34 6.18 -5.06 -11.98
N ARG A 35 5.33 -5.73 -12.74
CA ARG A 35 5.28 -5.54 -14.19
C ARG A 35 5.09 -4.06 -14.53
N PRO A 36 5.74 -3.63 -15.62
CA PRO A 36 5.66 -2.24 -16.09
C PRO A 36 4.28 -1.88 -16.63
N GLU A 37 3.36 -2.85 -16.58
CA GLU A 37 2.01 -2.63 -17.07
C GLU A 37 1.05 -2.38 -15.91
N TYR A 38 1.50 -2.67 -14.69
CA TYR A 38 0.68 -2.48 -13.50
C TYR A 38 1.20 -1.31 -12.67
N PHE A 39 2.34 -1.52 -12.03
CA PHE A 39 2.95 -0.49 -11.19
C PHE A 39 4.36 -0.15 -11.67
N GLY A 40 5.10 -1.19 -12.06
CA GLY A 40 6.46 -0.98 -12.54
C GLY A 40 6.60 0.28 -13.38
N LYS A 41 5.51 0.66 -14.04
CA LYS A 41 5.52 1.85 -14.88
C LYS A 41 6.03 3.07 -14.11
N PHE A 42 5.41 3.33 -12.95
CA PHE A 42 5.80 4.46 -12.12
C PHE A 42 7.30 4.43 -11.83
N GLY A 43 7.82 3.23 -11.59
CA GLY A 43 9.24 3.09 -11.31
C GLY A 43 9.65 1.64 -11.10
N LYS A 44 10.93 1.42 -10.86
CA LYS A 44 11.46 0.07 -10.66
C LYS A 44 11.33 -0.34 -9.20
N ILE A 45 10.27 -1.09 -8.89
CA ILE A 45 10.03 -1.55 -7.53
C ILE A 45 11.16 -2.46 -7.05
N HIS A 46 11.55 -2.31 -5.79
CA HIS A 46 12.61 -3.11 -5.21
C HIS A 46 12.04 -4.30 -4.44
N LYS A 47 11.14 -4.01 -3.50
CA LYS A 47 10.52 -5.05 -2.68
C LYS A 47 9.00 -4.94 -2.73
N VAL A 48 8.32 -6.07 -2.56
CA VAL A 48 6.87 -6.10 -2.59
C VAL A 48 6.32 -7.03 -1.50
N VAL A 49 5.17 -6.66 -0.94
CA VAL A 49 4.55 -7.46 0.10
C VAL A 49 3.04 -7.53 -0.10
N ILE A 50 2.53 -8.74 -0.33
CA ILE A 50 1.10 -8.93 -0.54
C ILE A 50 0.44 -9.49 0.71
N ASN A 51 -0.63 -8.83 1.16
CA ASN A 51 -1.35 -9.27 2.35
C ASN A 51 -2.84 -9.43 2.05
N ASN A 52 -3.29 -10.68 1.98
CA ASN A 52 -4.68 -10.98 1.69
C ASN A 52 -5.27 -11.91 2.75
N SER A 53 -6.59 -11.88 2.90
CA SER A 53 -7.26 -12.73 3.87
C SER A 53 -6.91 -14.20 3.67
N THR A 54 -7.32 -15.04 4.61
CA THR A 54 -7.05 -16.47 4.54
C THR A 54 -7.99 -17.15 3.54
N SER A 55 -9.29 -16.98 3.74
CA SER A 55 -10.29 -17.58 2.88
C SER A 55 -11.06 -16.51 2.11
N TYR A 56 -10.98 -16.56 0.79
CA TYR A 56 -11.67 -15.60 -0.05
C TYR A 56 -12.79 -16.27 -0.85
N ALA A 57 -13.97 -15.64 -0.85
CA ALA A 57 -15.11 -16.18 -1.58
C ALA A 57 -15.34 -15.41 -2.88
N GLY A 58 -15.26 -14.08 -2.80
CA GLY A 58 -15.47 -13.26 -3.98
C GLY A 58 -16.69 -12.36 -3.85
N SER A 59 -16.89 -11.82 -2.66
CA SER A 59 -18.03 -10.93 -2.40
C SER A 59 -17.56 -9.51 -2.09
N GLN A 60 -18.51 -8.60 -1.98
CA GLN A 60 -18.20 -7.21 -1.68
C GLN A 60 -17.99 -7.00 -0.19
N GLY A 61 -16.91 -6.29 0.16
CA GLY A 61 -16.62 -6.03 1.56
C GLY A 61 -15.15 -6.25 1.88
N PRO A 62 -14.73 -7.52 1.91
CA PRO A 62 -13.34 -7.89 2.21
C PRO A 62 -12.38 -7.50 1.11
N SER A 63 -11.40 -6.67 1.45
CA SER A 63 -10.41 -6.21 0.48
C SER A 63 -9.00 -6.61 0.91
N ALA A 64 -8.07 -6.59 -0.05
CA ALA A 64 -6.69 -6.95 0.24
C ALA A 64 -5.79 -5.72 0.18
N SER A 65 -4.60 -5.85 0.74
CA SER A 65 -3.64 -4.74 0.77
C SER A 65 -2.22 -5.24 0.46
N ALA A 66 -1.38 -4.34 -0.02
CA ALA A 66 0.00 -4.68 -0.35
C ALA A 66 0.92 -3.50 -0.15
N TYR A 67 2.19 -3.77 0.15
CA TYR A 67 3.18 -2.72 0.37
C TYR A 67 4.22 -2.70 -0.74
N VAL A 68 4.33 -1.57 -1.42
CA VAL A 68 5.29 -1.42 -2.51
C VAL A 68 6.43 -0.49 -2.11
N THR A 69 7.66 -0.94 -2.36
CA THR A 69 8.84 -0.15 -2.04
C THR A 69 9.40 0.54 -3.27
N TYR A 70 9.54 1.86 -3.19
CA TYR A 70 10.06 2.64 -4.31
C TYR A 70 11.50 3.08 -4.04
N ILE A 71 12.34 2.98 -5.05
CA ILE A 71 13.74 3.36 -4.94
C ILE A 71 13.88 4.84 -4.60
N ARG A 72 13.18 5.68 -5.37
CA ARG A 72 13.23 7.12 -5.16
C ARG A 72 11.95 7.61 -4.48
N SER A 73 12.12 8.34 -3.38
CA SER A 73 10.99 8.86 -2.62
C SER A 73 10.05 9.65 -3.53
N GLU A 74 10.59 10.69 -4.17
CA GLU A 74 9.81 11.52 -5.07
C GLU A 74 8.91 10.67 -5.97
N ASP A 75 9.50 9.66 -6.59
CA ASP A 75 8.77 8.77 -7.47
C ASP A 75 7.58 8.15 -6.75
N ALA A 76 7.82 7.61 -5.56
CA ALA A 76 6.77 7.00 -4.77
C ALA A 76 5.63 7.97 -4.51
N LEU A 77 5.96 9.11 -3.93
CA LEU A 77 4.96 10.14 -3.63
C LEU A 77 4.03 10.36 -4.82
N ARG A 78 4.59 10.82 -5.92
CA ARG A 78 3.81 11.07 -7.13
C ARG A 78 3.01 9.84 -7.53
N ALA A 79 3.68 8.69 -7.56
CA ALA A 79 3.04 7.43 -7.93
C ALA A 79 1.74 7.25 -7.16
N ILE A 80 1.70 7.72 -5.93
CA ILE A 80 0.51 7.60 -5.09
C ILE A 80 -0.50 8.69 -5.44
N GLN A 81 -0.02 9.88 -5.76
CA GLN A 81 -0.88 11.00 -6.10
C GLN A 81 -1.66 10.70 -7.38
N CYS A 82 -1.08 9.87 -8.24
CA CYS A 82 -1.71 9.50 -9.50
C CYS A 82 -2.52 8.21 -9.36
N VAL A 83 -1.98 7.28 -8.57
CA VAL A 83 -2.65 6.01 -8.34
C VAL A 83 -4.05 6.21 -7.76
N ASN A 84 -4.17 7.12 -6.81
CA ASN A 84 -5.45 7.42 -6.18
C ASN A 84 -6.43 8.02 -7.19
N ASN A 85 -7.69 7.63 -7.08
CA ASN A 85 -8.73 8.13 -7.97
C ASN A 85 -8.53 7.59 -9.38
N VAL A 86 -8.39 6.28 -9.49
CA VAL A 86 -8.19 5.63 -10.79
C VAL A 86 -9.07 4.40 -10.93
N VAL A 87 -9.67 4.23 -12.10
CA VAL A 87 -10.54 3.09 -12.36
C VAL A 87 -9.80 1.99 -13.11
N VAL A 88 -9.51 0.89 -12.43
CA VAL A 88 -8.80 -0.23 -13.04
C VAL A 88 -9.68 -1.48 -13.08
N ASP A 89 -10.22 -1.78 -14.25
CA ASP A 89 -11.08 -2.94 -14.43
C ASP A 89 -12.28 -2.88 -13.48
N GLY A 90 -12.78 -1.68 -13.25
CA GLY A 90 -13.92 -1.51 -12.37
C GLY A 90 -13.54 -1.54 -10.92
N ARG A 91 -12.29 -1.19 -10.62
CA ARG A 91 -11.79 -1.20 -9.25
C ARG A 91 -11.04 0.09 -8.94
N THR A 92 -11.56 0.88 -8.01
CA THR A 92 -10.94 2.15 -7.64
C THR A 92 -9.78 1.91 -6.67
N LEU A 93 -8.58 1.79 -7.22
CA LEU A 93 -7.39 1.56 -6.41
C LEU A 93 -7.13 2.74 -5.47
N LYS A 94 -6.80 2.43 -4.23
CA LYS A 94 -6.52 3.47 -3.24
C LYS A 94 -5.13 3.29 -2.64
N ALA A 95 -4.26 4.27 -2.86
CA ALA A 95 -2.90 4.23 -2.33
C ALA A 95 -2.69 5.30 -1.27
N SER A 96 -1.96 4.94 -0.21
CA SER A 96 -1.69 5.87 0.87
C SER A 96 -0.25 5.71 1.37
N LEU A 97 0.26 6.76 2.01
CA LEU A 97 1.62 6.74 2.54
C LEU A 97 1.65 7.23 3.98
N GLY A 98 2.16 6.39 4.88
CA GLY A 98 2.24 6.76 6.28
C GLY A 98 1.27 5.98 7.14
N THR A 99 0.94 4.76 6.72
CA THR A 99 0.02 3.91 7.45
C THR A 99 0.67 2.59 7.83
N THR A 100 0.82 2.35 9.13
CA THR A 100 1.43 1.13 9.63
C THR A 100 0.38 0.22 10.27
N LYS A 101 0.53 -1.09 10.06
CA LYS A 101 -0.39 -2.06 10.63
C LYS A 101 0.25 -2.80 11.79
N TYR A 102 1.40 -3.42 11.53
CA TYR A 102 2.11 -4.17 12.57
C TYR A 102 3.51 -4.56 12.08
N CYS A 103 4.52 -4.26 12.90
CA CYS A 103 5.89 -4.58 12.56
C CYS A 103 6.79 -4.47 13.79
N SER A 104 7.89 -5.24 13.78
CA SER A 104 8.82 -5.23 14.89
C SER A 104 9.03 -3.81 15.43
N TYR A 105 8.89 -3.65 16.74
CA TYR A 105 9.06 -2.35 17.37
C TYR A 105 10.39 -2.27 18.12
N SER A 106 10.75 -1.08 18.56
CA SER A 106 11.99 -0.87 19.28
C SER A 106 11.80 0.12 20.43
N GLY A 107 12.69 0.07 21.41
CA GLY A 107 12.60 0.96 22.55
C GLY A 107 11.53 0.54 23.54
N PRO A 108 11.86 -0.45 24.39
CA PRO A 108 13.18 -1.09 24.38
C PRO A 108 13.40 -1.95 23.15
N SER A 109 14.63 -2.43 22.98
CA SER A 109 14.97 -3.26 21.83
C SER A 109 15.20 -4.71 22.27
N SER A 110 16.00 -4.88 23.31
CA SER A 110 16.30 -6.22 23.83
C SER A 110 15.54 -6.48 25.13
N GLY A 111 15.51 -7.75 25.52
CA GLY A 111 14.81 -8.12 26.74
C GLY A 111 14.52 -9.61 26.82
N GLY A 1 -11.01 12.93 -1.67
CA GLY A 1 -9.88 13.66 -2.24
C GLY A 1 -9.27 14.64 -1.26
N SER A 2 -8.31 14.17 -0.48
CA SER A 2 -7.65 15.02 0.52
C SER A 2 -6.32 15.53 -0.02
N SER A 3 -6.30 16.78 -0.45
CA SER A 3 -5.09 17.40 -0.98
C SER A 3 -4.95 18.83 -0.50
N GLY A 4 -3.70 19.27 -0.33
CA GLY A 4 -3.45 20.62 0.13
C GLY A 4 -2.62 20.65 1.40
N SER A 5 -1.47 19.98 1.37
CA SER A 5 -0.58 19.93 2.52
C SER A 5 -1.23 19.18 3.68
N SER A 6 -1.90 18.07 3.36
CA SER A 6 -2.58 17.27 4.38
C SER A 6 -1.71 16.10 4.81
N GLY A 7 -2.17 15.37 5.81
CA GLY A 7 -1.42 14.22 6.30
C GLY A 7 -1.92 13.73 7.65
N ALA A 8 -1.26 12.72 8.19
CA ALA A 8 -1.65 12.16 9.48
C ALA A 8 -1.14 13.03 10.63
N SER A 9 -2.00 13.24 11.62
CA SER A 9 -1.65 14.05 12.78
C SER A 9 -0.17 13.88 13.13
N VAL A 10 0.29 12.64 13.12
CA VAL A 10 1.68 12.33 13.44
C VAL A 10 2.61 12.76 12.31
N ARG A 11 3.68 13.46 12.67
CA ARG A 11 4.65 13.93 11.68
C ARG A 11 5.58 12.80 11.26
N VAL A 12 5.63 12.55 9.96
CA VAL A 12 6.49 11.50 9.42
C VAL A 12 7.36 12.03 8.28
N VAL A 13 8.65 11.71 8.33
CA VAL A 13 9.59 12.15 7.31
C VAL A 13 10.22 10.96 6.59
N GLN A 14 10.64 11.17 5.34
CA GLN A 14 11.26 10.11 4.55
C GLN A 14 10.27 8.96 4.32
N LYS A 15 9.09 9.29 3.82
CA LYS A 15 8.06 8.29 3.55
C LYS A 15 8.45 7.43 2.35
N ASN A 16 9.20 6.37 2.61
CA ASN A 16 9.64 5.46 1.56
C ASN A 16 8.80 4.18 1.56
N LEU A 17 7.49 4.33 1.73
CA LEU A 17 6.59 3.20 1.75
C LEU A 17 5.30 3.51 0.99
N VAL A 18 4.73 2.51 0.34
CA VAL A 18 3.50 2.68 -0.42
C VAL A 18 2.51 1.56 -0.11
N PHE A 19 1.46 1.90 0.63
CA PHE A 19 0.43 0.93 1.00
C PHE A 19 -0.81 1.11 0.14
N VAL A 20 -1.09 0.10 -0.69
CA VAL A 20 -2.26 0.14 -1.56
C VAL A 20 -3.31 -0.88 -1.13
N VAL A 21 -4.58 -0.53 -1.31
CA VAL A 21 -5.68 -1.42 -0.95
C VAL A 21 -6.68 -1.54 -2.08
N GLY A 22 -7.62 -2.47 -1.93
CA GLY A 22 -8.63 -2.68 -2.95
C GLY A 22 -8.11 -3.49 -4.12
N LEU A 23 -7.51 -4.63 -3.83
CA LEU A 23 -6.97 -5.50 -4.86
C LEU A 23 -7.66 -6.86 -4.86
N SER A 24 -8.10 -7.30 -6.04
CA SER A 24 -8.78 -8.59 -6.17
C SER A 24 -7.81 -9.74 -5.96
N GLN A 25 -8.27 -10.79 -5.27
CA GLN A 25 -7.44 -11.95 -5.01
C GLN A 25 -6.52 -12.25 -6.19
N ARG A 26 -7.00 -11.94 -7.40
CA ARG A 26 -6.22 -12.18 -8.60
C ARG A 26 -5.21 -11.05 -8.83
N LEU A 27 -5.68 -9.81 -8.71
CA LEU A 27 -4.82 -8.65 -8.90
C LEU A 27 -3.69 -8.63 -7.88
N ALA A 28 -3.99 -9.11 -6.68
CA ALA A 28 -2.99 -9.16 -5.61
C ALA A 28 -1.86 -10.12 -5.95
N ASP A 29 -0.86 -9.62 -6.66
CA ASP A 29 0.28 -10.44 -7.04
C ASP A 29 1.56 -9.60 -7.12
N PRO A 30 2.69 -10.19 -6.72
CA PRO A 30 3.99 -9.53 -6.73
C PRO A 30 4.50 -9.26 -8.14
N GLU A 31 4.50 -10.30 -8.97
CA GLU A 31 4.96 -10.18 -10.35
C GLU A 31 4.01 -9.32 -11.17
N VAL A 32 2.71 -9.56 -11.02
CA VAL A 32 1.70 -8.81 -11.75
C VAL A 32 1.79 -7.32 -11.41
N LEU A 33 2.03 -7.02 -10.14
CA LEU A 33 2.13 -5.64 -9.68
C LEU A 33 3.46 -5.02 -10.12
N LYS A 34 4.53 -5.79 -10.00
CA LYS A 34 5.85 -5.32 -10.39
C LYS A 34 5.88 -4.92 -11.86
N ARG A 35 5.07 -5.60 -12.67
CA ARG A 35 5.00 -5.32 -14.10
C ARG A 35 5.08 -3.82 -14.36
N PRO A 36 5.74 -3.44 -15.46
CA PRO A 36 5.90 -2.03 -15.85
C PRO A 36 4.59 -1.41 -16.32
N GLU A 37 3.51 -2.19 -16.25
CA GLU A 37 2.20 -1.70 -16.66
C GLU A 37 1.32 -1.44 -15.45
N TYR A 38 1.53 -2.20 -14.39
CA TYR A 38 0.75 -2.06 -13.16
C TYR A 38 1.34 -0.97 -12.26
N PHE A 39 2.45 -1.29 -11.61
CA PHE A 39 3.11 -0.35 -10.72
C PHE A 39 4.50 0.02 -11.25
N GLY A 40 5.20 -0.97 -11.78
CA GLY A 40 6.53 -0.74 -12.31
C GLY A 40 6.56 0.40 -13.31
N LYS A 41 5.40 0.73 -13.87
CA LYS A 41 5.30 1.80 -14.85
C LYS A 41 5.95 3.08 -14.32
N PHE A 42 5.72 3.36 -13.03
CA PHE A 42 6.28 4.56 -12.41
C PHE A 42 7.80 4.46 -12.34
N GLY A 43 8.30 3.31 -11.90
CA GLY A 43 9.74 3.12 -11.79
C GLY A 43 10.10 1.70 -11.42
N LYS A 44 11.32 1.52 -10.90
CA LYS A 44 11.79 0.20 -10.51
C LYS A 44 11.46 -0.07 -9.04
N ILE A 45 10.62 -1.07 -8.80
CA ILE A 45 10.22 -1.44 -7.44
C ILE A 45 11.37 -2.14 -6.71
N HIS A 46 11.50 -1.84 -5.43
CA HIS A 46 12.56 -2.44 -4.61
C HIS A 46 12.03 -3.65 -3.85
N LYS A 47 10.84 -3.50 -3.26
CA LYS A 47 10.23 -4.59 -2.51
C LYS A 47 8.72 -4.67 -2.79
N VAL A 48 8.20 -5.88 -2.85
CA VAL A 48 6.79 -6.09 -3.10
C VAL A 48 6.20 -7.13 -2.16
N VAL A 49 5.35 -6.67 -1.24
CA VAL A 49 4.72 -7.56 -0.27
C VAL A 49 3.21 -7.60 -0.46
N ILE A 50 2.64 -8.80 -0.36
CA ILE A 50 1.19 -8.97 -0.53
C ILE A 50 0.54 -9.38 0.79
N ASN A 51 -0.58 -8.73 1.10
CA ASN A 51 -1.31 -9.02 2.33
C ASN A 51 -2.79 -9.24 2.05
N ASN A 52 -3.25 -10.47 2.20
CA ASN A 52 -4.65 -10.81 1.97
C ASN A 52 -5.39 -11.00 3.28
N SER A 53 -6.67 -10.62 3.29
CA SER A 53 -7.50 -10.74 4.49
C SER A 53 -7.94 -12.19 4.70
N THR A 54 -7.57 -12.75 5.85
CA THR A 54 -7.93 -14.13 6.16
C THR A 54 -9.23 -14.20 6.95
N SER A 55 -9.35 -13.34 7.96
CA SER A 55 -10.55 -13.29 8.79
C SER A 55 -11.74 -12.79 7.99
N TYR A 56 -12.93 -13.25 8.37
CA TYR A 56 -14.15 -12.85 7.68
C TYR A 56 -14.64 -11.49 8.17
N ALA A 57 -14.54 -10.49 7.32
CA ALA A 57 -14.96 -9.13 7.66
C ALA A 57 -16.47 -8.99 7.58
N GLY A 58 -17.06 -9.55 6.53
CA GLY A 58 -18.50 -9.48 6.35
C GLY A 58 -18.92 -8.28 5.51
N SER A 59 -18.14 -7.99 4.48
CA SER A 59 -18.44 -6.86 3.59
C SER A 59 -18.73 -7.34 2.18
N GLN A 60 -19.11 -6.41 1.31
CA GLN A 60 -19.42 -6.74 -0.08
C GLN A 60 -18.15 -7.13 -0.84
N GLY A 61 -17.72 -8.38 -0.67
CA GLY A 61 -16.53 -8.84 -1.35
C GLY A 61 -15.27 -8.63 -0.53
N PRO A 62 -14.31 -9.55 -0.66
CA PRO A 62 -13.04 -9.49 0.08
C PRO A 62 -12.15 -8.35 -0.43
N SER A 63 -11.23 -7.92 0.43
CA SER A 63 -10.32 -6.84 0.08
C SER A 63 -8.90 -7.14 0.57
N ALA A 64 -7.93 -7.00 -0.32
CA ALA A 64 -6.54 -7.26 0.02
C ALA A 64 -5.69 -5.99 -0.11
N SER A 65 -4.50 -6.01 0.46
CA SER A 65 -3.60 -4.86 0.40
C SER A 65 -2.15 -5.31 0.20
N ALA A 66 -1.34 -4.44 -0.38
CA ALA A 66 0.06 -4.74 -0.63
C ALA A 66 0.94 -3.55 -0.32
N TYR A 67 2.19 -3.82 0.05
CA TYR A 67 3.14 -2.76 0.38
C TYR A 67 4.28 -2.71 -0.63
N VAL A 68 4.37 -1.61 -1.37
CA VAL A 68 5.41 -1.45 -2.37
C VAL A 68 6.43 -0.39 -1.95
N THR A 69 7.70 -0.63 -2.25
CA THR A 69 8.76 0.30 -1.90
C THR A 69 9.49 0.79 -3.14
N TYR A 70 9.40 2.09 -3.40
CA TYR A 70 10.05 2.69 -4.56
C TYR A 70 11.46 3.16 -4.20
N ILE A 71 12.41 2.86 -5.08
CA ILE A 71 13.81 3.26 -4.85
C ILE A 71 13.93 4.77 -4.70
N ARG A 72 13.21 5.51 -5.55
CA ARG A 72 13.24 6.97 -5.50
C ARG A 72 12.03 7.50 -4.73
N SER A 73 12.30 8.32 -3.72
CA SER A 73 11.25 8.92 -2.91
C SER A 73 10.23 9.65 -3.78
N GLU A 74 10.71 10.71 -4.46
CA GLU A 74 9.84 11.49 -5.32
C GLU A 74 8.91 10.60 -6.13
N ASP A 75 9.49 9.66 -6.87
CA ASP A 75 8.71 8.73 -7.69
C ASP A 75 7.59 8.10 -6.87
N ALA A 76 7.91 7.66 -5.67
CA ALA A 76 6.93 7.04 -4.79
C ALA A 76 5.76 7.97 -4.53
N LEU A 77 6.04 9.12 -3.92
CA LEU A 77 5.00 10.10 -3.62
C LEU A 77 4.04 10.26 -4.79
N ARG A 78 4.57 10.70 -5.92
CA ARG A 78 3.76 10.89 -7.12
C ARG A 78 3.01 9.60 -7.50
N ALA A 79 3.76 8.51 -7.59
CA ALA A 79 3.18 7.21 -7.92
C ALA A 79 1.86 6.99 -7.19
N ILE A 80 1.79 7.46 -5.95
CA ILE A 80 0.58 7.33 -5.14
C ILE A 80 -0.45 8.38 -5.52
N GLN A 81 0.02 9.59 -5.78
CA GLN A 81 -0.88 10.69 -6.15
C GLN A 81 -1.61 10.38 -7.45
N CYS A 82 -1.00 9.54 -8.28
CA CYS A 82 -1.61 9.17 -9.55
C CYS A 82 -2.40 7.88 -9.42
N VAL A 83 -1.89 6.94 -8.63
CA VAL A 83 -2.55 5.66 -8.41
C VAL A 83 -3.90 5.85 -7.73
N ASN A 84 -3.95 6.77 -6.78
CA ASN A 84 -5.18 7.05 -6.04
C ASN A 84 -6.25 7.61 -6.98
N ASN A 85 -7.48 7.15 -6.79
CA ASN A 85 -8.60 7.60 -7.62
C ASN A 85 -8.44 7.12 -9.05
N VAL A 86 -8.16 5.83 -9.21
CA VAL A 86 -7.98 5.24 -10.53
C VAL A 86 -8.81 3.97 -10.68
N VAL A 87 -9.57 3.89 -11.76
CA VAL A 87 -10.41 2.71 -12.03
C VAL A 87 -9.65 1.67 -12.82
N VAL A 88 -9.32 0.56 -12.17
CA VAL A 88 -8.59 -0.53 -12.81
C VAL A 88 -9.42 -1.81 -12.84
N ASP A 89 -9.87 -2.19 -14.03
CA ASP A 89 -10.67 -3.39 -14.19
C ASP A 89 -11.96 -3.29 -13.38
N GLY A 90 -12.55 -2.11 -13.33
CA GLY A 90 -13.78 -1.91 -12.58
C GLY A 90 -13.55 -1.89 -11.08
N ARG A 91 -12.40 -1.36 -10.67
CA ARG A 91 -12.05 -1.29 -9.26
C ARG A 91 -11.31 0.00 -8.95
N THR A 92 -11.85 0.78 -8.02
CA THR A 92 -11.24 2.05 -7.62
C THR A 92 -10.08 1.82 -6.65
N LEU A 93 -8.87 1.73 -7.19
CA LEU A 93 -7.68 1.52 -6.37
C LEU A 93 -7.42 2.72 -5.47
N LYS A 94 -6.88 2.46 -4.28
CA LYS A 94 -6.58 3.53 -3.33
C LYS A 94 -5.13 3.42 -2.84
N ALA A 95 -4.32 4.40 -3.23
CA ALA A 95 -2.92 4.42 -2.84
C ALA A 95 -2.68 5.42 -1.72
N SER A 96 -2.02 4.98 -0.65
CA SER A 96 -1.74 5.83 0.49
C SER A 96 -0.61 5.24 1.35
N LEU A 97 0.21 6.12 1.91
CA LEU A 97 1.32 5.69 2.75
C LEU A 97 1.16 6.22 4.18
N GLY A 98 1.84 5.56 5.12
CA GLY A 98 1.76 5.99 6.51
C GLY A 98 1.06 4.97 7.39
N THR A 99 1.17 3.69 7.02
CA THR A 99 0.54 2.62 7.78
C THR A 99 1.58 1.78 8.52
N THR A 100 1.51 1.80 9.84
CA THR A 100 2.45 1.04 10.66
C THR A 100 1.76 -0.13 11.35
N LYS A 101 2.35 -1.32 11.22
CA LYS A 101 1.78 -2.53 11.82
C LYS A 101 2.21 -2.64 13.28
N TYR A 102 2.17 -1.53 14.00
CA TYR A 102 2.57 -1.51 15.41
C TYR A 102 3.71 -2.49 15.67
N CYS A 103 4.69 -2.47 14.78
CA CYS A 103 5.85 -3.35 14.92
C CYS A 103 6.82 -2.83 15.98
N SER A 104 7.10 -3.67 16.97
CA SER A 104 8.01 -3.28 18.05
C SER A 104 9.46 -3.41 17.61
N TYR A 105 10.30 -2.49 18.08
CA TYR A 105 11.71 -2.49 17.73
C TYR A 105 12.46 -1.40 18.50
N SER A 106 13.79 -1.47 18.46
CA SER A 106 14.62 -0.50 19.15
C SER A 106 15.52 0.25 18.17
N GLY A 107 15.72 1.54 18.42
CA GLY A 107 16.56 2.35 17.54
C GLY A 107 15.94 3.70 17.24
N PRO A 108 16.44 4.35 16.17
CA PRO A 108 17.52 3.81 15.36
C PRO A 108 18.85 3.78 16.09
N SER A 109 19.80 3.00 15.56
CA SER A 109 21.13 2.88 16.17
C SER A 109 22.05 3.99 15.68
N SER A 110 22.98 4.39 16.54
CA SER A 110 23.93 5.45 16.19
C SER A 110 24.43 5.29 14.75
N GLY A 111 24.35 6.37 13.99
CA GLY A 111 24.78 6.35 12.61
C GLY A 111 26.18 5.79 12.46
N GLY A 1 -18.90 35.01 3.75
CA GLY A 1 -17.85 36.02 3.79
C GLY A 1 -16.52 35.47 3.29
N SER A 2 -15.71 34.95 4.22
CA SER A 2 -14.41 34.40 3.87
C SER A 2 -14.31 32.93 4.28
N SER A 3 -13.72 32.12 3.39
CA SER A 3 -13.57 30.69 3.65
C SER A 3 -13.18 30.44 5.11
N GLY A 4 -12.13 31.13 5.55
CA GLY A 4 -11.68 30.97 6.93
C GLY A 4 -10.49 30.03 7.05
N SER A 5 -9.50 30.22 6.18
CA SER A 5 -8.31 29.38 6.18
C SER A 5 -7.06 30.20 6.52
N SER A 6 -6.06 29.54 7.09
CA SER A 6 -4.83 30.20 7.46
C SER A 6 -3.65 29.65 6.66
N GLY A 7 -3.58 28.33 6.55
CA GLY A 7 -2.51 27.71 5.80
C GLY A 7 -2.59 26.19 5.84
N ALA A 8 -3.18 25.60 4.81
CA ALA A 8 -3.32 24.15 4.73
C ALA A 8 -2.00 23.50 4.35
N SER A 9 -1.57 22.53 5.15
CA SER A 9 -0.33 21.82 4.89
C SER A 9 -0.48 20.33 5.14
N VAL A 10 -0.08 19.52 4.16
CA VAL A 10 -0.16 18.06 4.28
C VAL A 10 1.14 17.47 4.76
N ARG A 11 1.15 16.97 5.99
CA ARG A 11 2.35 16.37 6.57
C ARG A 11 2.06 14.96 7.06
N VAL A 12 2.57 13.97 6.34
CA VAL A 12 2.37 12.57 6.71
C VAL A 12 3.68 11.90 7.07
N VAL A 13 3.71 11.23 8.22
CA VAL A 13 4.91 10.54 8.68
C VAL A 13 5.15 9.27 7.87
N GLN A 14 6.42 8.86 7.80
CA GLN A 14 6.78 7.65 7.07
C GLN A 14 6.36 7.75 5.61
N LYS A 15 6.61 8.90 5.00
CA LYS A 15 6.24 9.13 3.60
C LYS A 15 7.22 8.42 2.67
N ASN A 16 7.50 7.16 2.96
CA ASN A 16 8.42 6.37 2.14
C ASN A 16 7.80 5.02 1.78
N LEU A 17 7.06 4.44 2.71
CA LEU A 17 6.41 3.15 2.48
C LEU A 17 5.06 3.33 1.80
N VAL A 18 4.87 2.66 0.67
CA VAL A 18 3.62 2.74 -0.07
C VAL A 18 2.71 1.56 0.26
N PHE A 19 1.45 1.86 0.54
CA PHE A 19 0.48 0.82 0.87
C PHE A 19 -0.80 1.00 0.05
N VAL A 20 -1.09 -0.01 -0.78
CA VAL A 20 -2.29 0.04 -1.61
C VAL A 20 -3.27 -1.05 -1.22
N VAL A 21 -4.55 -0.69 -1.14
CA VAL A 21 -5.60 -1.64 -0.78
C VAL A 21 -6.69 -1.69 -1.84
N GLY A 22 -7.57 -2.69 -1.74
CA GLY A 22 -8.64 -2.83 -2.69
C GLY A 22 -8.20 -3.53 -3.96
N LEU A 23 -7.49 -4.64 -3.80
CA LEU A 23 -7.01 -5.41 -4.94
C LEU A 23 -7.68 -6.78 -5.01
N SER A 24 -8.06 -7.18 -6.22
CA SER A 24 -8.72 -8.47 -6.42
C SER A 24 -7.80 -9.62 -6.05
N GLN A 25 -8.37 -10.65 -5.43
CA GLN A 25 -7.60 -11.81 -5.02
C GLN A 25 -6.56 -12.18 -6.07
N ARG A 26 -6.92 -12.03 -7.33
CA ARG A 26 -6.02 -12.35 -8.44
C ARG A 26 -5.02 -11.21 -8.67
N LEU A 27 -5.51 -9.98 -8.57
CA LEU A 27 -4.66 -8.81 -8.77
C LEU A 27 -3.55 -8.76 -7.72
N ALA A 28 -3.89 -9.18 -6.50
CA ALA A 28 -2.92 -9.18 -5.41
C ALA A 28 -1.80 -10.17 -5.67
N ASP A 29 -0.81 -9.75 -6.44
CA ASP A 29 0.33 -10.61 -6.77
C ASP A 29 1.60 -9.77 -6.94
N PRO A 30 2.75 -10.38 -6.59
CA PRO A 30 4.05 -9.71 -6.70
C PRO A 30 4.49 -9.51 -8.15
N GLU A 31 4.31 -10.54 -8.96
CA GLU A 31 4.68 -10.48 -10.37
C GLU A 31 3.71 -9.58 -11.15
N VAL A 32 2.43 -9.68 -10.82
CA VAL A 32 1.41 -8.88 -11.48
C VAL A 32 1.63 -7.39 -11.24
N LEU A 33 1.92 -7.03 -9.99
CA LEU A 33 2.16 -5.64 -9.64
C LEU A 33 3.53 -5.18 -10.12
N LYS A 34 4.53 -6.05 -9.98
CA LYS A 34 5.88 -5.73 -10.41
C LYS A 34 5.92 -5.40 -11.90
N ARG A 35 5.03 -6.02 -12.67
CA ARG A 35 4.96 -5.78 -14.10
C ARG A 35 5.05 -4.30 -14.41
N PRO A 36 5.74 -3.97 -15.53
CA PRO A 36 5.91 -2.58 -15.96
C PRO A 36 4.62 -1.95 -16.44
N GLU A 37 3.53 -2.73 -16.42
CA GLU A 37 2.23 -2.25 -16.86
C GLU A 37 1.35 -1.89 -15.67
N TYR A 38 1.61 -2.54 -14.54
CA TYR A 38 0.84 -2.30 -13.32
C TYR A 38 1.45 -1.16 -12.51
N PHE A 39 2.56 -1.46 -11.84
CA PHE A 39 3.25 -0.47 -11.02
C PHE A 39 4.58 -0.08 -11.64
N GLY A 40 5.35 -1.08 -12.07
CA GLY A 40 6.63 -0.83 -12.68
C GLY A 40 6.57 0.26 -13.74
N LYS A 41 5.38 0.50 -14.27
CA LYS A 41 5.18 1.52 -15.29
C LYS A 41 5.72 2.87 -14.83
N PHE A 42 5.60 3.14 -13.53
CA PHE A 42 6.08 4.39 -12.96
C PHE A 42 7.61 4.43 -12.93
N GLY A 43 8.20 3.33 -12.47
CA GLY A 43 9.65 3.26 -12.40
C GLY A 43 10.14 1.88 -12.03
N LYS A 44 10.99 1.80 -11.00
CA LYS A 44 11.54 0.53 -10.56
C LYS A 44 11.11 0.24 -9.13
N ILE A 45 10.76 -1.02 -8.86
CA ILE A 45 10.33 -1.43 -7.53
C ILE A 45 11.46 -2.12 -6.78
N HIS A 46 11.56 -1.82 -5.48
CA HIS A 46 12.60 -2.41 -4.65
C HIS A 46 12.11 -3.69 -3.98
N LYS A 47 10.98 -3.60 -3.29
CA LYS A 47 10.39 -4.75 -2.62
C LYS A 47 8.87 -4.70 -2.67
N VAL A 48 8.25 -5.87 -2.80
CA VAL A 48 6.79 -5.96 -2.85
C VAL A 48 6.26 -6.88 -1.76
N VAL A 49 5.08 -6.55 -1.24
CA VAL A 49 4.47 -7.35 -0.19
C VAL A 49 2.97 -7.55 -0.46
N ILE A 50 2.51 -8.77 -0.29
CA ILE A 50 1.10 -9.10 -0.52
C ILE A 50 0.40 -9.42 0.79
N ASN A 51 -0.78 -8.82 0.99
CA ASN A 51 -1.54 -9.04 2.20
C ASN A 51 -2.98 -9.46 1.86
N ASN A 52 -3.39 -10.61 2.39
CA ASN A 52 -4.73 -11.13 2.15
C ASN A 52 -5.53 -11.22 3.45
N SER A 53 -6.83 -10.96 3.37
CA SER A 53 -7.69 -11.02 4.53
C SER A 53 -7.93 -12.46 4.97
N THR A 54 -7.93 -12.68 6.28
CA THR A 54 -8.14 -14.02 6.83
C THR A 54 -9.24 -14.01 7.88
N SER A 55 -9.23 -12.98 8.73
CA SER A 55 -10.22 -12.86 9.79
C SER A 55 -11.12 -11.66 9.56
N TYR A 56 -12.40 -11.91 9.31
CA TYR A 56 -13.36 -10.85 9.06
C TYR A 56 -14.48 -10.87 10.10
N ALA A 57 -14.86 -9.69 10.59
CA ALA A 57 -15.92 -9.58 11.57
C ALA A 57 -17.21 -9.07 10.94
N GLY A 58 -18.01 -9.99 10.40
CA GLY A 58 -19.26 -9.61 9.78
C GLY A 58 -19.06 -8.59 8.66
N SER A 59 -18.00 -8.77 7.87
CA SER A 59 -17.71 -7.86 6.77
C SER A 59 -17.97 -8.54 5.43
N GLN A 60 -18.70 -7.84 4.56
CA GLN A 60 -19.02 -8.38 3.24
C GLN A 60 -18.23 -7.66 2.16
N GLY A 61 -16.98 -8.09 1.95
CA GLY A 61 -16.13 -7.48 0.94
C GLY A 61 -14.68 -7.86 1.11
N PRO A 62 -14.31 -9.03 0.57
CA PRO A 62 -12.93 -9.53 0.63
C PRO A 62 -11.97 -8.72 -0.22
N SER A 63 -11.23 -7.82 0.42
CA SER A 63 -10.27 -6.97 -0.28
C SER A 63 -8.85 -7.24 0.20
N ALA A 64 -7.90 -7.21 -0.73
CA ALA A 64 -6.50 -7.45 -0.40
C ALA A 64 -5.66 -6.21 -0.65
N SER A 65 -4.53 -6.11 0.04
CA SER A 65 -3.64 -4.96 -0.09
C SER A 65 -2.21 -5.42 -0.38
N ALA A 66 -1.33 -4.47 -0.65
CA ALA A 66 0.07 -4.77 -0.93
C ALA A 66 0.94 -3.54 -0.72
N TYR A 67 2.14 -3.76 -0.18
CA TYR A 67 3.07 -2.67 0.08
C TYR A 67 4.15 -2.61 -0.98
N VAL A 68 4.57 -1.40 -1.33
CA VAL A 68 5.61 -1.20 -2.34
C VAL A 68 6.68 -0.24 -1.86
N THR A 69 7.94 -0.59 -2.09
CA THR A 69 9.06 0.24 -1.67
C THR A 69 9.79 0.82 -2.87
N TYR A 70 9.81 2.15 -2.97
CA TYR A 70 10.48 2.83 -4.08
C TYR A 70 11.83 3.38 -3.64
N ILE A 71 12.80 3.34 -4.54
CA ILE A 71 14.14 3.84 -4.26
C ILE A 71 14.13 5.36 -4.10
N ARG A 72 13.45 6.03 -5.02
CA ARG A 72 13.37 7.49 -4.99
C ARG A 72 12.06 7.95 -4.33
N SER A 73 12.18 8.66 -3.22
CA SER A 73 11.02 9.16 -2.50
C SER A 73 10.07 9.89 -3.44
N GLU A 74 10.58 10.95 -4.08
CA GLU A 74 9.78 11.74 -5.01
C GLU A 74 8.92 10.84 -5.90
N ASP A 75 9.56 9.87 -6.55
CA ASP A 75 8.85 8.95 -7.42
C ASP A 75 7.66 8.32 -6.70
N ALA A 76 7.92 7.77 -5.52
CA ALA A 76 6.88 7.13 -4.73
C ALA A 76 5.69 8.08 -4.53
N LEU A 77 5.94 9.18 -3.84
CA LEU A 77 4.89 10.16 -3.58
C LEU A 77 3.97 10.32 -4.79
N ARG A 78 4.55 10.67 -5.93
CA ARG A 78 3.78 10.85 -7.16
C ARG A 78 3.04 9.56 -7.51
N ALA A 79 3.78 8.48 -7.69
CA ALA A 79 3.20 7.19 -8.03
C ALA A 79 1.86 6.99 -7.32
N ILE A 80 1.78 7.48 -6.08
CA ILE A 80 0.56 7.35 -5.29
C ILE A 80 -0.44 8.43 -5.64
N GLN A 81 0.06 9.65 -5.84
CA GLN A 81 -0.81 10.77 -6.19
C GLN A 81 -1.60 10.48 -7.46
N CYS A 82 -1.03 9.65 -8.33
CA CYS A 82 -1.67 9.30 -9.58
C CYS A 82 -2.48 8.01 -9.44
N VAL A 83 -1.92 7.06 -8.68
CA VAL A 83 -2.58 5.77 -8.47
C VAL A 83 -3.94 5.97 -7.80
N ASN A 84 -3.96 6.76 -6.73
CA ASN A 84 -5.19 7.03 -6.00
C ASN A 84 -6.24 7.66 -6.92
N ASN A 85 -7.49 7.23 -6.77
CA ASN A 85 -8.59 7.75 -7.57
C ASN A 85 -8.46 7.29 -9.02
N VAL A 86 -8.20 6.00 -9.19
CA VAL A 86 -8.06 5.42 -10.53
C VAL A 86 -9.00 4.24 -10.71
N VAL A 87 -9.63 4.17 -11.88
CA VAL A 87 -10.56 3.09 -12.19
C VAL A 87 -9.86 1.98 -12.98
N VAL A 88 -9.46 0.92 -12.28
CA VAL A 88 -8.79 -0.20 -12.92
C VAL A 88 -9.65 -1.45 -12.91
N ASP A 89 -10.11 -1.86 -14.09
CA ASP A 89 -10.96 -3.04 -14.21
C ASP A 89 -12.21 -2.90 -13.36
N GLY A 90 -12.81 -1.71 -13.38
CA GLY A 90 -14.01 -1.47 -12.60
C GLY A 90 -13.76 -1.49 -11.12
N ARG A 91 -12.58 -1.02 -10.71
CA ARG A 91 -12.21 -0.98 -9.30
C ARG A 91 -11.42 0.28 -8.98
N THR A 92 -11.74 0.90 -7.84
CA THR A 92 -11.06 2.12 -7.42
C THR A 92 -9.89 1.79 -6.50
N LEU A 93 -8.71 1.64 -7.09
CA LEU A 93 -7.50 1.33 -6.32
C LEU A 93 -7.19 2.45 -5.33
N LYS A 94 -7.06 2.07 -4.06
CA LYS A 94 -6.76 3.04 -3.01
C LYS A 94 -5.29 2.95 -2.59
N ALA A 95 -4.54 4.01 -2.87
CA ALA A 95 -3.13 4.06 -2.52
C ALA A 95 -2.87 5.07 -1.42
N SER A 96 -2.11 4.65 -0.41
CA SER A 96 -1.78 5.52 0.73
C SER A 96 -0.42 5.16 1.31
N LEU A 97 0.29 6.18 1.77
CA LEU A 97 1.62 5.98 2.36
C LEU A 97 1.67 6.55 3.78
N GLY A 98 2.52 5.95 4.60
CA GLY A 98 2.66 6.41 5.98
C GLY A 98 1.47 6.03 6.84
N THR A 99 0.80 4.94 6.48
CA THR A 99 -0.35 4.46 7.22
C THR A 99 -0.20 3.00 7.60
N THR A 100 -0.63 2.65 8.81
CA THR A 100 -0.55 1.28 9.29
C THR A 100 -1.92 0.62 9.33
N LYS A 101 -2.97 1.44 9.30
CA LYS A 101 -4.33 0.94 9.33
C LYS A 101 -4.91 0.85 7.93
N TYR A 102 -6.03 0.15 7.80
CA TYR A 102 -6.69 -0.02 6.50
C TYR A 102 -7.48 1.24 6.13
N CYS A 103 -8.32 1.69 7.05
CA CYS A 103 -9.13 2.88 6.82
C CYS A 103 -9.81 3.33 8.11
N SER A 104 -9.69 4.61 8.42
CA SER A 104 -10.30 5.17 9.63
C SER A 104 -10.21 6.69 9.63
N TYR A 105 -11.04 7.33 10.46
CA TYR A 105 -11.05 8.78 10.56
C TYR A 105 -9.73 9.30 11.10
N SER A 106 -8.81 9.64 10.20
CA SER A 106 -7.51 10.15 10.58
C SER A 106 -7.65 11.40 11.45
N GLY A 107 -6.73 11.56 12.40
CA GLY A 107 -6.76 12.71 13.28
C GLY A 107 -6.01 12.47 14.58
N PRO A 108 -6.55 11.59 15.42
CA PRO A 108 -7.80 10.88 15.14
C PRO A 108 -9.01 11.80 15.18
N SER A 109 -8.95 12.82 16.03
CA SER A 109 -10.04 13.77 16.17
C SER A 109 -9.60 14.99 16.99
N SER A 110 -9.94 16.18 16.50
CA SER A 110 -9.58 17.41 17.19
C SER A 110 -10.79 18.33 17.32
N GLY A 111 -11.10 18.71 18.56
CA GLY A 111 -12.23 19.59 18.80
C GLY A 111 -12.77 19.45 20.21
N GLY A 1 16.97 -1.41 29.15
CA GLY A 1 16.10 -2.49 29.55
C GLY A 1 14.67 -2.28 29.09
N SER A 2 13.76 -3.14 29.55
CA SER A 2 12.36 -3.05 29.17
C SER A 2 11.46 -3.63 30.26
N SER A 3 10.39 -2.91 30.57
CA SER A 3 9.45 -3.34 31.60
C SER A 3 8.06 -2.76 31.36
N GLY A 4 7.04 -3.45 31.87
CA GLY A 4 5.68 -2.99 31.69
C GLY A 4 5.00 -3.61 30.49
N SER A 5 3.75 -3.25 30.26
CA SER A 5 2.99 -3.78 29.13
C SER A 5 2.35 -2.65 28.33
N SER A 6 1.52 -1.86 28.99
CA SER A 6 0.83 -0.75 28.33
C SER A 6 1.80 0.38 28.05
N GLY A 7 2.19 0.54 26.78
CA GLY A 7 3.11 1.59 26.40
C GLY A 7 2.42 2.76 25.73
N ALA A 8 3.20 3.62 25.09
CA ALA A 8 2.64 4.79 24.41
C ALA A 8 2.40 4.48 22.94
N SER A 9 1.14 4.61 22.51
CA SER A 9 0.77 4.35 21.13
C SER A 9 1.26 5.47 20.22
N VAL A 10 2.54 5.41 19.85
CA VAL A 10 3.13 6.42 18.98
C VAL A 10 3.00 6.02 17.51
N ARG A 11 2.94 7.02 16.63
CA ARG A 11 2.82 6.77 15.20
C ARG A 11 3.92 7.49 14.43
N VAL A 12 4.36 6.89 13.33
CA VAL A 12 5.41 7.46 12.50
C VAL A 12 4.90 7.72 11.08
N VAL A 13 4.80 9.00 10.72
CA VAL A 13 4.34 9.39 9.39
C VAL A 13 5.51 9.58 8.43
N GLN A 14 5.37 9.02 7.24
CA GLN A 14 6.42 9.13 6.22
C GLN A 14 5.87 8.86 4.83
N LYS A 15 6.32 9.65 3.86
CA LYS A 15 5.87 9.50 2.48
C LYS A 15 6.86 8.68 1.67
N ASN A 16 7.11 7.45 2.10
CA ASN A 16 8.04 6.57 1.41
C ASN A 16 7.40 5.22 1.10
N LEU A 17 6.60 4.72 2.04
CA LEU A 17 5.92 3.45 1.88
C LEU A 17 4.58 3.63 1.18
N VAL A 18 4.23 2.67 0.32
CA VAL A 18 2.97 2.72 -0.41
C VAL A 18 2.05 1.57 -0.01
N PHE A 19 0.79 1.90 0.26
CA PHE A 19 -0.19 0.89 0.66
C PHE A 19 -1.45 0.99 -0.20
N VAL A 20 -1.61 0.04 -1.11
CA VAL A 20 -2.78 0.01 -1.99
C VAL A 20 -3.79 -1.03 -1.53
N VAL A 21 -5.02 -0.58 -1.27
CA VAL A 21 -6.08 -1.47 -0.82
C VAL A 21 -7.15 -1.63 -1.89
N GLY A 22 -7.83 -2.76 -1.88
CA GLY A 22 -8.88 -3.01 -2.86
C GLY A 22 -8.37 -3.78 -4.08
N LEU A 23 -7.47 -4.72 -3.84
CA LEU A 23 -6.91 -5.53 -4.92
C LEU A 23 -7.55 -6.91 -4.96
N SER A 24 -7.92 -7.34 -6.17
CA SER A 24 -8.56 -8.64 -6.36
C SER A 24 -7.57 -9.77 -6.08
N GLN A 25 -8.06 -10.82 -5.44
CA GLN A 25 -7.23 -11.98 -5.11
C GLN A 25 -6.31 -12.33 -6.27
N ARG A 26 -6.72 -11.97 -7.47
CA ARG A 26 -5.92 -12.25 -8.67
C ARG A 26 -4.96 -11.11 -8.96
N LEU A 27 -5.41 -9.88 -8.72
CA LEU A 27 -4.59 -8.70 -8.95
C LEU A 27 -3.45 -8.63 -7.95
N ALA A 28 -3.69 -9.12 -6.74
CA ALA A 28 -2.68 -9.10 -5.69
C ALA A 28 -1.56 -10.09 -5.99
N ASP A 29 -0.59 -9.64 -6.79
CA ASP A 29 0.54 -10.50 -7.16
C ASP A 29 1.81 -9.66 -7.31
N PRO A 30 2.96 -10.28 -6.96
CA PRO A 30 4.27 -9.62 -7.06
C PRO A 30 4.70 -9.40 -8.49
N GLU A 31 4.57 -10.43 -9.32
CA GLU A 31 4.95 -10.35 -10.72
C GLU A 31 3.99 -9.45 -11.50
N VAL A 32 2.71 -9.54 -11.16
CA VAL A 32 1.68 -8.74 -11.82
C VAL A 32 1.87 -7.26 -11.53
N LEU A 33 2.01 -6.92 -10.25
CA LEU A 33 2.19 -5.54 -9.84
C LEU A 33 3.56 -5.01 -10.28
N LYS A 34 4.56 -5.88 -10.23
CA LYS A 34 5.91 -5.51 -10.63
C LYS A 34 5.96 -5.12 -12.11
N ARG A 35 5.19 -5.83 -12.92
CA ARG A 35 5.13 -5.56 -14.36
C ARG A 35 5.08 -4.06 -14.62
N PRO A 36 5.74 -3.62 -15.70
CA PRO A 36 5.79 -2.22 -16.09
C PRO A 36 4.44 -1.71 -16.60
N GLU A 37 3.47 -2.63 -16.70
CA GLU A 37 2.14 -2.28 -17.17
C GLU A 37 1.20 -1.96 -16.00
N TYR A 38 1.62 -2.38 -14.81
CA TYR A 38 0.82 -2.14 -13.61
C TYR A 38 1.39 -0.98 -12.79
N PHE A 39 2.52 -1.22 -12.16
CA PHE A 39 3.17 -0.19 -11.34
C PHE A 39 4.59 0.09 -11.84
N GLY A 40 5.29 -0.98 -12.22
CA GLY A 40 6.65 -0.84 -12.70
C GLY A 40 6.82 0.36 -13.61
N LYS A 41 5.74 0.76 -14.27
CA LYS A 41 5.77 1.90 -15.18
C LYS A 41 6.48 3.08 -14.55
N PHE A 42 6.25 3.28 -13.25
CA PHE A 42 6.87 4.39 -12.52
C PHE A 42 8.39 4.23 -12.49
N GLY A 43 8.85 3.02 -12.19
CA GLY A 43 10.27 2.76 -12.13
C GLY A 43 10.59 1.36 -11.63
N LYS A 44 11.71 1.22 -10.94
CA LYS A 44 12.12 -0.06 -10.40
C LYS A 44 11.69 -0.21 -8.95
N ILE A 45 10.80 -1.18 -8.69
CA ILE A 45 10.32 -1.42 -7.35
C ILE A 45 11.39 -2.05 -6.47
N HIS A 46 11.46 -1.62 -5.21
CA HIS A 46 12.44 -2.14 -4.27
C HIS A 46 11.97 -3.45 -3.66
N LYS A 47 10.82 -3.41 -2.99
CA LYS A 47 10.26 -4.60 -2.36
C LYS A 47 8.74 -4.64 -2.54
N VAL A 48 8.19 -5.85 -2.56
CA VAL A 48 6.75 -6.02 -2.72
C VAL A 48 6.22 -7.09 -1.78
N VAL A 49 5.26 -6.71 -0.93
CA VAL A 49 4.67 -7.65 0.01
C VAL A 49 3.15 -7.68 -0.12
N ILE A 50 2.61 -8.85 -0.42
CA ILE A 50 1.18 -9.02 -0.57
C ILE A 50 0.51 -9.30 0.77
N ASN A 51 -0.62 -8.65 1.00
CA ASN A 51 -1.37 -8.83 2.25
C ASN A 51 -2.83 -9.16 1.97
N ASN A 52 -3.35 -10.16 2.67
CA ASN A 52 -4.74 -10.57 2.50
C ASN A 52 -5.47 -10.58 3.84
N SER A 53 -6.80 -10.75 3.78
CA SER A 53 -7.61 -10.77 4.99
C SER A 53 -7.93 -12.21 5.40
N THR A 54 -7.48 -12.59 6.58
CA THR A 54 -7.71 -13.93 7.11
C THR A 54 -8.52 -13.89 8.40
N SER A 55 -9.52 -13.03 8.43
CA SER A 55 -10.38 -12.89 9.60
C SER A 55 -11.80 -13.33 9.29
N TYR A 56 -12.58 -13.60 10.34
CA TYR A 56 -13.96 -14.03 10.18
C TYR A 56 -14.92 -13.00 10.77
N ALA A 57 -15.44 -12.13 9.91
CA ALA A 57 -16.37 -11.10 10.34
C ALA A 57 -17.77 -11.37 9.81
N GLY A 58 -17.86 -11.79 8.55
CA GLY A 58 -19.14 -12.08 7.95
C GLY A 58 -19.55 -11.05 6.91
N SER A 59 -18.59 -10.60 6.12
CA SER A 59 -18.84 -9.61 5.08
C SER A 59 -18.88 -10.25 3.70
N GLN A 60 -19.36 -9.50 2.72
CA GLN A 60 -19.45 -10.00 1.35
C GLN A 60 -18.38 -9.36 0.47
N GLY A 61 -17.82 -10.16 -0.43
CA GLY A 61 -16.78 -9.67 -1.32
C GLY A 61 -15.70 -8.90 -0.59
N PRO A 62 -14.73 -9.64 -0.02
CA PRO A 62 -13.62 -9.05 0.72
C PRO A 62 -12.65 -8.29 -0.18
N SER A 63 -11.72 -7.56 0.43
CA SER A 63 -10.74 -6.79 -0.32
C SER A 63 -9.33 -7.09 0.17
N ALA A 64 -8.36 -7.01 -0.74
CA ALA A 64 -6.97 -7.27 -0.40
C ALA A 64 -6.11 -6.02 -0.59
N SER A 65 -4.91 -6.04 -0.01
CA SER A 65 -4.00 -4.91 -0.12
C SER A 65 -2.57 -5.37 -0.33
N ALA A 66 -1.73 -4.49 -0.87
CA ALA A 66 -0.34 -4.81 -1.10
C ALA A 66 0.57 -3.64 -0.76
N TYR A 67 1.76 -3.95 -0.25
CA TYR A 67 2.71 -2.91 0.12
C TYR A 67 3.84 -2.82 -0.89
N VAL A 68 4.06 -1.61 -1.41
CA VAL A 68 5.12 -1.38 -2.40
C VAL A 68 6.10 -0.33 -1.91
N THR A 69 7.39 -0.64 -2.00
CA THR A 69 8.44 0.28 -1.58
C THR A 69 9.24 0.80 -2.77
N TYR A 70 9.40 2.11 -2.84
CA TYR A 70 10.13 2.74 -3.93
C TYR A 70 11.51 3.20 -3.45
N ILE A 71 12.41 3.40 -4.40
CA ILE A 71 13.76 3.86 -4.09
C ILE A 71 13.81 5.38 -3.95
N ARG A 72 13.44 6.07 -5.02
CA ARG A 72 13.45 7.53 -5.03
C ARG A 72 12.15 8.08 -4.45
N SER A 73 12.26 8.94 -3.45
CA SER A 73 11.09 9.53 -2.81
C SER A 73 10.14 10.10 -3.86
N GLU A 74 10.63 11.06 -4.63
CA GLU A 74 9.82 11.69 -5.67
C GLU A 74 8.97 10.66 -6.41
N ASP A 75 9.62 9.63 -6.94
CA ASP A 75 8.94 8.57 -7.66
C ASP A 75 7.75 8.05 -6.85
N ALA A 76 8.00 7.71 -5.59
CA ALA A 76 6.96 7.21 -4.71
C ALA A 76 5.79 8.19 -4.61
N LEU A 77 6.11 9.43 -4.24
CA LEU A 77 5.09 10.47 -4.10
C LEU A 77 4.11 10.43 -5.27
N ARG A 78 4.64 10.64 -6.48
CA ARG A 78 3.80 10.63 -7.68
C ARG A 78 3.09 9.28 -7.84
N ALA A 79 3.82 8.20 -7.59
CA ALA A 79 3.25 6.86 -7.70
C ALA A 79 1.94 6.75 -6.95
N ILE A 80 1.84 7.46 -5.83
CA ILE A 80 0.63 7.45 -5.02
C ILE A 80 -0.36 8.50 -5.51
N GLN A 81 0.14 9.67 -5.86
CA GLN A 81 -0.71 10.75 -6.34
C GLN A 81 -1.42 10.35 -7.64
N CYS A 82 -0.81 9.46 -8.39
CA CYS A 82 -1.37 8.98 -9.64
C CYS A 82 -2.19 7.72 -9.44
N VAL A 83 -1.67 6.81 -8.62
CA VAL A 83 -2.35 5.55 -8.34
C VAL A 83 -3.72 5.80 -7.72
N ASN A 84 -3.78 6.77 -6.82
CA ASN A 84 -5.04 7.11 -6.15
C ASN A 84 -6.05 7.68 -7.14
N ASN A 85 -7.32 7.37 -6.91
CA ASN A 85 -8.39 7.86 -7.78
C ASN A 85 -8.31 7.19 -9.15
N VAL A 86 -8.04 5.89 -9.17
CA VAL A 86 -7.93 5.14 -10.41
C VAL A 86 -8.93 3.99 -10.44
N VAL A 87 -9.64 3.86 -11.56
CA VAL A 87 -10.62 2.80 -11.72
C VAL A 87 -10.05 1.63 -12.50
N VAL A 88 -9.70 0.56 -11.79
CA VAL A 88 -9.14 -0.64 -12.42
C VAL A 88 -10.11 -1.80 -12.34
N ASP A 89 -10.56 -2.28 -13.48
CA ASP A 89 -11.49 -3.40 -13.54
C ASP A 89 -12.63 -3.21 -12.55
N GLY A 90 -13.16 -1.99 -12.49
CA GLY A 90 -14.25 -1.70 -11.58
C GLY A 90 -13.81 -1.68 -10.14
N ARG A 91 -12.56 -1.28 -9.90
CA ARG A 91 -12.01 -1.22 -8.55
C ARG A 91 -11.21 0.06 -8.35
N THR A 92 -11.75 0.96 -7.54
CA THR A 92 -11.09 2.24 -7.27
C THR A 92 -9.87 2.03 -6.36
N LEU A 93 -8.70 1.85 -6.99
CA LEU A 93 -7.47 1.64 -6.24
C LEU A 93 -7.16 2.84 -5.35
N LYS A 94 -6.82 2.56 -4.09
CA LYS A 94 -6.50 3.62 -3.14
C LYS A 94 -5.13 3.40 -2.52
N ALA A 95 -4.21 4.32 -2.80
CA ALA A 95 -2.86 4.23 -2.27
C ALA A 95 -2.62 5.25 -1.16
N SER A 96 -1.85 4.87 -0.16
CA SER A 96 -1.55 5.76 0.96
C SER A 96 -0.15 5.51 1.49
N LEU A 97 0.32 6.41 2.36
CA LEU A 97 1.66 6.29 2.94
C LEU A 97 1.59 6.34 4.46
N GLY A 98 2.65 5.87 5.12
CA GLY A 98 2.69 5.88 6.57
C GLY A 98 1.69 4.92 7.18
N THR A 99 1.41 3.83 6.47
CA THR A 99 0.47 2.82 6.94
C THR A 99 1.16 1.77 7.80
N THR A 100 0.60 1.51 8.98
CA THR A 100 1.18 0.52 9.89
C THR A 100 0.21 -0.63 10.13
N LYS A 101 0.71 -1.85 10.01
CA LYS A 101 -0.11 -3.05 10.22
C LYS A 101 0.26 -3.73 11.53
N TYR A 102 1.42 -3.39 12.08
CA TYR A 102 1.88 -3.98 13.32
C TYR A 102 2.40 -2.90 14.28
N CYS A 103 1.78 -2.79 15.43
CA CYS A 103 2.17 -1.80 16.43
C CYS A 103 3.68 -1.63 16.46
N SER A 104 4.14 -0.39 16.39
CA SER A 104 5.57 -0.09 16.41
C SER A 104 6.03 0.27 17.81
N TYR A 105 7.09 -0.41 18.26
CA TYR A 105 7.64 -0.17 19.59
C TYR A 105 9.13 0.16 19.51
N SER A 106 9.52 1.25 20.16
CA SER A 106 10.91 1.68 20.16
C SER A 106 11.14 2.78 21.20
N GLY A 107 12.12 2.56 22.07
CA GLY A 107 12.43 3.53 23.10
C GLY A 107 12.13 3.01 24.50
N PRO A 108 12.46 3.81 25.52
CA PRO A 108 13.09 5.11 25.33
C PRO A 108 14.53 5.00 24.82
N SER A 109 15.15 6.14 24.56
CA SER A 109 16.52 6.17 24.06
C SER A 109 17.44 6.93 25.01
N SER A 110 17.99 6.21 25.99
CA SER A 110 18.89 6.83 26.97
C SER A 110 19.76 5.78 27.63
N GLY A 111 20.95 6.18 28.07
CA GLY A 111 21.87 5.27 28.71
C GLY A 111 23.32 5.62 28.46
N GLY A 1 -9.44 21.23 3.78
CA GLY A 1 -10.19 20.31 4.62
C GLY A 1 -11.23 21.02 5.46
N SER A 2 -10.89 21.32 6.70
CA SER A 2 -11.82 21.99 7.61
C SER A 2 -11.23 23.31 8.10
N SER A 3 -11.89 24.41 7.77
CA SER A 3 -11.43 25.73 8.18
C SER A 3 -10.89 25.71 9.60
N GLY A 4 -11.62 25.03 10.48
CA GLY A 4 -11.19 24.94 11.88
C GLY A 4 -11.12 23.51 12.37
N SER A 5 -9.98 22.87 12.16
CA SER A 5 -9.80 21.48 12.57
C SER A 5 -8.94 21.41 13.84
N SER A 6 -9.43 20.67 14.83
CA SER A 6 -8.71 20.52 16.10
C SER A 6 -8.83 19.09 16.62
N GLY A 7 -7.68 18.50 16.97
CA GLY A 7 -7.68 17.15 17.48
C GLY A 7 -6.65 16.28 16.79
N ALA A 8 -6.98 15.82 15.59
CA ALA A 8 -6.08 14.96 14.82
C ALA A 8 -4.75 15.67 14.57
N SER A 9 -3.69 14.87 14.37
CA SER A 9 -2.36 15.41 14.14
C SER A 9 -1.67 14.66 13.01
N VAL A 10 -1.28 15.39 11.97
CA VAL A 10 -0.60 14.79 10.82
C VAL A 10 0.92 14.85 10.99
N ARG A 11 1.56 13.69 10.89
CA ARG A 11 3.00 13.60 11.03
C ARG A 11 3.67 13.37 9.68
N VAL A 12 4.86 13.92 9.51
CA VAL A 12 5.60 13.77 8.26
C VAL A 12 6.66 12.67 8.39
N VAL A 13 6.38 11.53 7.78
CA VAL A 13 7.31 10.40 7.83
C VAL A 13 7.79 10.03 6.42
N GLN A 14 9.03 9.58 6.32
CA GLN A 14 9.62 9.19 5.05
C GLN A 14 8.57 8.52 4.16
N LYS A 15 8.58 8.87 2.87
CA LYS A 15 7.64 8.30 1.93
C LYS A 15 8.28 7.14 1.15
N ASN A 16 8.92 6.23 1.88
CA ASN A 16 9.57 5.08 1.25
C ASN A 16 8.60 3.91 1.13
N LEU A 17 7.76 3.74 2.14
CA LEU A 17 6.78 2.66 2.14
C LEU A 17 5.47 3.10 1.50
N VAL A 18 5.00 2.32 0.53
CA VAL A 18 3.75 2.63 -0.16
C VAL A 18 2.72 1.52 0.04
N PHE A 19 1.56 1.89 0.56
CA PHE A 19 0.49 0.93 0.82
C PHE A 19 -0.71 1.20 -0.10
N VAL A 20 -1.13 0.18 -0.83
CA VAL A 20 -2.27 0.31 -1.73
C VAL A 20 -3.39 -0.65 -1.35
N VAL A 21 -4.63 -0.18 -1.47
CA VAL A 21 -5.79 -1.00 -1.14
C VAL A 21 -6.70 -1.18 -2.34
N GLY A 22 -7.70 -2.05 -2.20
CA GLY A 22 -8.63 -2.29 -3.29
C GLY A 22 -8.01 -3.13 -4.40
N LEU A 23 -7.45 -4.27 -4.03
CA LEU A 23 -6.83 -5.16 -5.00
C LEU A 23 -7.58 -6.50 -5.09
N SER A 24 -7.97 -6.88 -6.30
CA SER A 24 -8.68 -8.13 -6.52
C SER A 24 -7.82 -9.33 -6.16
N GLN A 25 -8.45 -10.42 -5.78
CA GLN A 25 -7.74 -11.64 -5.42
C GLN A 25 -6.76 -12.04 -6.51
N ARG A 26 -7.07 -11.65 -7.75
CA ARG A 26 -6.22 -11.98 -8.88
C ARG A 26 -5.12 -10.92 -9.06
N LEU A 27 -5.50 -9.65 -8.93
CA LEU A 27 -4.55 -8.56 -9.09
C LEU A 27 -3.52 -8.57 -7.95
N ALA A 28 -3.87 -9.23 -6.86
CA ALA A 28 -2.98 -9.32 -5.71
C ALA A 28 -1.81 -10.25 -6.00
N ASP A 29 -0.78 -9.71 -6.66
CA ASP A 29 0.41 -10.49 -7.00
C ASP A 29 1.65 -9.61 -7.02
N PRO A 30 2.78 -10.17 -6.58
CA PRO A 30 4.06 -9.46 -6.55
C PRO A 30 4.61 -9.18 -7.94
N GLU A 31 4.68 -10.24 -8.76
CA GLU A 31 5.19 -10.11 -10.12
C GLU A 31 4.23 -9.30 -10.99
N VAL A 32 2.95 -9.62 -10.88
CA VAL A 32 1.93 -8.93 -11.67
C VAL A 32 1.95 -7.42 -11.39
N LEU A 33 2.10 -7.07 -10.12
CA LEU A 33 2.14 -5.66 -9.72
C LEU A 33 3.45 -5.02 -10.14
N LYS A 34 4.55 -5.72 -9.91
CA LYS A 34 5.87 -5.21 -10.27
C LYS A 34 5.97 -4.94 -11.76
N ARG A 35 5.29 -5.76 -12.55
CA ARG A 35 5.30 -5.60 -14.00
C ARG A 35 5.25 -4.14 -14.39
N PRO A 36 5.94 -3.78 -15.48
CA PRO A 36 5.99 -2.41 -15.99
C PRO A 36 4.65 -1.95 -16.57
N GLU A 37 3.66 -2.84 -16.53
CA GLU A 37 2.34 -2.53 -17.05
C GLU A 37 1.35 -2.28 -15.91
N TYR A 38 1.79 -2.54 -14.69
CA TYR A 38 0.95 -2.33 -13.52
C TYR A 38 1.46 -1.17 -12.67
N PHE A 39 2.55 -1.41 -11.95
CA PHE A 39 3.14 -0.39 -11.09
C PHE A 39 4.52 0.00 -11.59
N GLY A 40 5.26 -0.99 -12.09
CA GLY A 40 6.60 -0.72 -12.59
C GLY A 40 6.68 0.54 -13.40
N LYS A 41 5.53 0.98 -13.93
CA LYS A 41 5.48 2.20 -14.75
C LYS A 41 6.19 3.35 -14.04
N PHE A 42 5.71 3.69 -12.85
CA PHE A 42 6.29 4.78 -12.07
C PHE A 42 7.81 4.65 -12.01
N GLY A 43 8.29 3.43 -11.80
CA GLY A 43 9.71 3.19 -11.73
C GLY A 43 10.04 1.76 -11.34
N LYS A 44 11.31 1.52 -11.01
CA LYS A 44 11.76 0.19 -10.63
C LYS A 44 11.47 -0.08 -9.15
N ILE A 45 10.63 -1.07 -8.89
CA ILE A 45 10.26 -1.43 -7.52
C ILE A 45 11.38 -2.22 -6.84
N HIS A 46 11.56 -1.99 -5.54
CA HIS A 46 12.59 -2.68 -4.77
C HIS A 46 12.07 -4.00 -4.22
N LYS A 47 10.99 -3.92 -3.43
CA LYS A 47 10.39 -5.10 -2.83
C LYS A 47 8.87 -4.99 -2.81
N VAL A 48 8.20 -6.13 -2.91
CA VAL A 48 6.74 -6.16 -2.90
C VAL A 48 6.22 -7.24 -1.96
N VAL A 49 5.14 -6.93 -1.25
CA VAL A 49 4.54 -7.87 -0.31
C VAL A 49 3.03 -7.90 -0.46
N ILE A 50 2.48 -9.11 -0.59
CA ILE A 50 1.03 -9.28 -0.74
C ILE A 50 0.39 -9.68 0.59
N ASN A 51 -0.68 -8.98 0.95
CA ASN A 51 -1.40 -9.27 2.18
C ASN A 51 -2.89 -9.45 1.93
N ASN A 52 -3.39 -10.66 2.22
CA ASN A 52 -4.80 -10.96 2.01
C ASN A 52 -5.57 -10.87 3.33
N SER A 53 -6.78 -10.33 3.27
CA SER A 53 -7.62 -10.19 4.46
C SER A 53 -8.32 -11.50 4.79
N THR A 54 -8.08 -12.01 5.99
CA THR A 54 -8.68 -13.26 6.43
C THR A 54 -10.10 -13.02 6.97
N SER A 55 -10.26 -11.96 7.75
CA SER A 55 -11.55 -11.63 8.33
C SER A 55 -12.21 -10.48 7.58
N TYR A 56 -13.27 -10.79 6.85
CA TYR A 56 -13.99 -9.78 6.07
C TYR A 56 -15.31 -9.43 6.74
N ALA A 57 -15.79 -8.22 6.47
CA ALA A 57 -17.04 -7.75 7.05
C ALA A 57 -18.24 -8.40 6.36
N GLY A 58 -18.21 -8.42 5.03
CA GLY A 58 -19.30 -9.02 4.27
C GLY A 58 -20.31 -7.98 3.80
N SER A 59 -19.83 -6.82 3.38
CA SER A 59 -20.70 -5.75 2.92
C SER A 59 -20.62 -5.60 1.40
N GLN A 60 -19.41 -5.37 0.90
CA GLN A 60 -19.20 -5.22 -0.53
C GLN A 60 -18.57 -6.48 -1.13
N GLY A 61 -17.47 -6.93 -0.54
CA GLY A 61 -16.80 -8.12 -1.03
C GLY A 61 -15.37 -8.20 -0.56
N PRO A 62 -14.69 -9.32 -0.91
CA PRO A 62 -13.29 -9.54 -0.52
C PRO A 62 -12.33 -8.60 -1.24
N SER A 63 -11.58 -7.82 -0.47
CA SER A 63 -10.62 -6.88 -1.04
C SER A 63 -9.28 -6.99 -0.34
N ALA A 64 -8.27 -7.46 -1.06
CA ALA A 64 -6.93 -7.62 -0.51
C ALA A 64 -6.10 -6.36 -0.75
N SER A 65 -4.94 -6.28 -0.09
CA SER A 65 -4.05 -5.14 -0.23
C SER A 65 -2.62 -5.59 -0.50
N ALA A 66 -1.78 -4.64 -0.89
CA ALA A 66 -0.38 -4.94 -1.18
C ALA A 66 0.53 -3.78 -0.81
N TYR A 67 1.77 -4.08 -0.46
CA TYR A 67 2.73 -3.06 -0.08
C TYR A 67 3.90 -3.01 -1.05
N VAL A 68 4.12 -1.84 -1.64
CA VAL A 68 5.22 -1.66 -2.60
C VAL A 68 6.29 -0.73 -2.03
N THR A 69 7.55 -1.05 -2.33
CA THR A 69 8.66 -0.25 -1.86
C THR A 69 9.38 0.43 -3.02
N TYR A 70 9.38 1.76 -3.00
CA TYR A 70 10.03 2.54 -4.06
C TYR A 70 11.42 3.00 -3.62
N ILE A 71 12.32 3.15 -4.58
CA ILE A 71 13.68 3.58 -4.31
C ILE A 71 13.79 5.10 -4.34
N ARG A 72 13.14 5.72 -5.32
CA ARG A 72 13.16 7.17 -5.46
C ARG A 72 11.95 7.80 -4.78
N SER A 73 12.21 8.65 -3.80
CA SER A 73 11.14 9.32 -3.07
C SER A 73 10.14 9.95 -4.03
N GLU A 74 10.61 10.86 -4.86
CA GLU A 74 9.76 11.54 -5.83
C GLU A 74 8.81 10.55 -6.49
N ASP A 75 9.38 9.48 -7.05
CA ASP A 75 8.58 8.46 -7.72
C ASP A 75 7.42 8.01 -6.85
N ALA A 76 7.71 7.69 -5.59
CA ALA A 76 6.69 7.25 -4.65
C ALA A 76 5.58 8.28 -4.53
N LEU A 77 5.94 9.50 -4.13
CA LEU A 77 4.97 10.58 -3.97
C LEU A 77 3.95 10.56 -5.11
N ARG A 78 4.45 10.70 -6.34
CA ARG A 78 3.59 10.71 -7.52
C ARG A 78 2.82 9.40 -7.63
N ALA A 79 3.52 8.29 -7.42
CA ALA A 79 2.90 6.97 -7.50
C ALA A 79 1.60 6.93 -6.71
N ILE A 80 1.56 7.63 -5.58
CA ILE A 80 0.37 7.68 -4.74
C ILE A 80 -0.66 8.65 -5.29
N GLN A 81 -0.19 9.82 -5.74
CA GLN A 81 -1.07 10.83 -6.30
C GLN A 81 -1.72 10.35 -7.58
N CYS A 82 -1.07 9.40 -8.25
CA CYS A 82 -1.58 8.85 -9.50
C CYS A 82 -2.39 7.60 -9.25
N VAL A 83 -1.92 6.77 -8.31
CA VAL A 83 -2.61 5.53 -7.97
C VAL A 83 -3.99 5.81 -7.38
N ASN A 84 -4.14 6.97 -6.76
CA ASN A 84 -5.40 7.36 -6.15
C ASN A 84 -6.42 7.78 -7.21
N ASN A 85 -7.69 7.50 -6.95
CA ASN A 85 -8.76 7.84 -7.88
C ASN A 85 -8.54 7.16 -9.23
N VAL A 86 -8.13 5.90 -9.18
CA VAL A 86 -7.89 5.13 -10.41
C VAL A 86 -8.76 3.89 -10.45
N VAL A 87 -9.35 3.63 -11.61
CA VAL A 87 -10.21 2.46 -11.79
C VAL A 87 -9.50 1.36 -12.57
N VAL A 88 -9.41 0.17 -11.97
CA VAL A 88 -8.75 -0.96 -12.61
C VAL A 88 -9.65 -2.19 -12.60
N ASP A 89 -10.25 -2.49 -13.75
CA ASP A 89 -11.13 -3.64 -13.88
C ASP A 89 -12.25 -3.59 -12.84
N GLY A 90 -12.75 -2.38 -12.58
CA GLY A 90 -13.81 -2.21 -11.62
C GLY A 90 -13.30 -2.19 -10.19
N ARG A 91 -12.14 -1.58 -9.99
CA ARG A 91 -11.54 -1.48 -8.67
C ARG A 91 -10.87 -0.13 -8.47
N THR A 92 -11.31 0.60 -7.44
CA THR A 92 -10.76 1.91 -7.14
C THR A 92 -9.50 1.80 -6.29
N LEU A 93 -8.35 1.75 -6.95
CA LEU A 93 -7.07 1.64 -6.26
C LEU A 93 -6.75 2.93 -5.50
N LYS A 94 -6.59 2.81 -4.19
CA LYS A 94 -6.27 3.96 -3.35
C LYS A 94 -4.96 3.75 -2.60
N ALA A 95 -4.02 4.67 -2.80
CA ALA A 95 -2.72 4.59 -2.14
C ALA A 95 -2.59 5.64 -1.04
N SER A 96 -1.88 5.28 0.03
CA SER A 96 -1.69 6.20 1.14
C SER A 96 -0.25 6.13 1.67
N LEU A 97 0.10 7.06 2.53
CA LEU A 97 1.45 7.11 3.11
C LEU A 97 1.39 7.17 4.63
N GLY A 98 2.08 6.23 5.29
CA GLY A 98 2.10 6.20 6.73
C GLY A 98 0.75 5.79 7.32
N THR A 99 0.00 4.99 6.57
CA THR A 99 -1.31 4.54 7.01
C THR A 99 -1.34 3.02 7.16
N THR A 100 -1.89 2.55 8.28
CA THR A 100 -1.99 1.11 8.52
C THR A 100 -3.43 0.69 8.75
N LYS A 101 -4.05 0.14 7.70
CA LYS A 101 -5.43 -0.31 7.79
C LYS A 101 -5.50 -1.82 7.99
N TYR A 102 -5.43 -2.24 9.25
CA TYR A 102 -5.48 -3.66 9.59
C TYR A 102 -5.51 -3.86 11.10
N CYS A 103 -5.98 -5.04 11.52
CA CYS A 103 -6.05 -5.35 12.94
C CYS A 103 -4.71 -5.87 13.45
N SER A 104 -3.92 -4.98 14.03
CA SER A 104 -2.61 -5.34 14.56
C SER A 104 -2.54 -5.10 16.05
N TYR A 105 -3.01 -6.07 16.83
CA TYR A 105 -3.01 -5.96 18.28
C TYR A 105 -1.89 -6.82 18.88
N SER A 106 -0.83 -6.16 19.32
CA SER A 106 0.31 -6.86 19.92
C SER A 106 1.00 -5.98 20.96
N GLY A 107 1.76 -6.61 21.84
CA GLY A 107 2.47 -5.87 22.87
C GLY A 107 1.64 -5.69 24.13
N PRO A 108 2.26 -5.16 25.19
CA PRO A 108 3.68 -4.78 25.15
C PRO A 108 4.61 -5.98 25.09
N SER A 109 5.87 -5.75 24.75
CA SER A 109 6.85 -6.81 24.64
C SER A 109 8.26 -6.29 24.93
N SER A 110 9.15 -7.19 25.33
CA SER A 110 10.53 -6.83 25.64
C SER A 110 11.45 -7.11 24.46
N GLY A 111 12.51 -6.32 24.33
CA GLY A 111 13.44 -6.51 23.25
C GLY A 111 13.59 -5.26 22.39
N GLY A 1 -17.55 7.77 4.43
CA GLY A 1 -16.57 6.70 4.33
C GLY A 1 -16.39 5.94 5.63
N SER A 2 -15.15 5.70 6.01
CA SER A 2 -14.85 4.97 7.23
C SER A 2 -13.35 5.04 7.56
N SER A 3 -13.03 5.68 8.68
CA SER A 3 -11.64 5.82 9.11
C SER A 3 -11.33 4.87 10.26
N GLY A 4 -10.33 4.01 10.05
CA GLY A 4 -9.95 3.06 11.09
C GLY A 4 -9.48 3.75 12.35
N SER A 5 -8.20 3.56 12.68
CA SER A 5 -7.63 4.16 13.89
C SER A 5 -6.20 4.61 13.64
N SER A 6 -5.97 5.93 13.74
CA SER A 6 -4.64 6.48 13.52
C SER A 6 -3.56 5.58 14.11
N GLY A 7 -3.85 5.02 15.28
CA GLY A 7 -2.89 4.13 15.92
C GLY A 7 -2.43 4.66 17.27
N ALA A 8 -2.78 3.94 18.32
CA ALA A 8 -2.39 4.35 19.67
C ALA A 8 -0.88 4.54 19.78
N SER A 9 -0.47 5.76 20.10
CA SER A 9 0.95 6.07 20.23
C SER A 9 1.78 5.27 19.23
N VAL A 10 1.26 5.12 18.03
CA VAL A 10 1.96 4.37 16.98
C VAL A 10 2.77 5.30 16.09
N ARG A 11 4.08 5.36 16.35
CA ARG A 11 4.97 6.22 15.57
C ARG A 11 5.72 5.40 14.53
N VAL A 12 5.38 5.60 13.26
CA VAL A 12 6.03 4.88 12.17
C VAL A 12 6.82 5.83 11.28
N VAL A 13 7.98 5.38 10.82
CA VAL A 13 8.84 6.19 9.97
C VAL A 13 9.06 5.52 8.62
N GLN A 14 8.24 5.91 7.63
CA GLN A 14 8.35 5.34 6.30
C GLN A 14 7.88 6.33 5.24
N LYS A 15 8.78 6.72 4.35
CA LYS A 15 8.45 7.67 3.29
C LYS A 15 8.27 6.95 1.95
N ASN A 16 9.10 5.93 1.72
CA ASN A 16 9.03 5.17 0.48
C ASN A 16 8.13 3.95 0.64
N LEU A 17 7.03 4.12 1.36
CA LEU A 17 6.08 3.03 1.60
C LEU A 17 4.75 3.31 0.91
N VAL A 18 4.40 2.46 -0.05
CA VAL A 18 3.15 2.61 -0.77
C VAL A 18 2.13 1.55 -0.36
N PHE A 19 1.09 1.99 0.35
CA PHE A 19 0.05 1.08 0.82
C PHE A 19 -1.18 1.16 -0.09
N VAL A 20 -1.38 0.11 -0.88
CA VAL A 20 -2.52 0.05 -1.80
C VAL A 20 -3.57 -0.93 -1.30
N VAL A 21 -4.84 -0.53 -1.41
CA VAL A 21 -5.94 -1.39 -0.98
C VAL A 21 -6.91 -1.66 -2.12
N GLY A 22 -7.71 -2.72 -1.97
CA GLY A 22 -8.67 -3.06 -3.00
C GLY A 22 -8.05 -3.86 -4.12
N LEU A 23 -7.37 -4.94 -3.78
CA LEU A 23 -6.71 -5.79 -4.77
C LEU A 23 -7.48 -7.10 -4.96
N SER A 24 -7.93 -7.34 -6.19
CA SER A 24 -8.67 -8.55 -6.51
C SER A 24 -7.81 -9.79 -6.33
N GLN A 25 -8.41 -10.87 -5.83
CA GLN A 25 -7.69 -12.11 -5.60
C GLN A 25 -6.67 -12.35 -6.69
N ARG A 26 -7.06 -12.11 -7.94
CA ARG A 26 -6.17 -12.30 -9.08
C ARG A 26 -5.12 -11.18 -9.14
N LEU A 27 -5.57 -9.95 -8.90
CA LEU A 27 -4.68 -8.80 -8.93
C LEU A 27 -3.58 -8.93 -7.88
N ALA A 28 -3.91 -9.58 -6.76
CA ALA A 28 -2.96 -9.77 -5.69
C ALA A 28 -1.84 -10.73 -6.10
N ASP A 29 -0.84 -10.19 -6.77
CA ASP A 29 0.30 -11.00 -7.23
C ASP A 29 1.58 -10.17 -7.26
N PRO A 30 2.70 -10.80 -6.90
CA PRO A 30 4.01 -10.13 -6.88
C PRO A 30 4.52 -9.82 -8.29
N GLU A 31 4.50 -10.82 -9.15
CA GLU A 31 4.97 -10.65 -10.53
C GLU A 31 4.06 -9.70 -11.30
N VAL A 32 2.76 -9.96 -11.24
CA VAL A 32 1.78 -9.12 -11.93
C VAL A 32 1.92 -7.66 -11.52
N LEU A 33 2.04 -7.42 -10.22
CA LEU A 33 2.20 -6.07 -9.70
C LEU A 33 3.53 -5.47 -10.13
N LYS A 34 4.58 -6.26 -10.05
CA LYS A 34 5.92 -5.82 -10.42
C LYS A 34 5.94 -5.35 -11.87
N ARG A 35 5.25 -6.08 -12.74
CA ARG A 35 5.19 -5.74 -14.15
C ARG A 35 5.12 -4.21 -14.34
N PRO A 36 5.79 -3.72 -15.39
CA PRO A 36 5.82 -2.29 -15.71
C PRO A 36 4.48 -1.78 -16.20
N GLU A 37 3.49 -2.67 -16.24
CA GLU A 37 2.15 -2.30 -16.69
C GLU A 37 1.22 -2.06 -15.50
N TYR A 38 1.51 -2.72 -14.39
CA TYR A 38 0.70 -2.58 -13.18
C TYR A 38 1.24 -1.45 -12.29
N PHE A 39 2.42 -1.67 -11.72
CA PHE A 39 3.04 -0.68 -10.86
C PHE A 39 4.36 -0.19 -11.45
N GLY A 40 5.23 -1.13 -11.79
CA GLY A 40 6.52 -0.77 -12.37
C GLY A 40 6.43 0.42 -13.30
N LYS A 41 5.25 0.59 -13.91
CA LYS A 41 5.04 1.69 -14.84
C LYS A 41 5.64 2.99 -14.30
N PHE A 42 5.34 3.31 -13.05
CA PHE A 42 5.85 4.52 -12.42
C PHE A 42 7.37 4.47 -12.30
N GLY A 43 7.88 3.34 -11.82
CA GLY A 43 9.31 3.18 -11.67
C GLY A 43 9.70 1.78 -11.26
N LYS A 44 10.98 1.59 -10.94
CA LYS A 44 11.49 0.29 -10.53
C LYS A 44 11.14 0.01 -9.06
N ILE A 45 10.45 -1.09 -8.82
CA ILE A 45 10.05 -1.47 -7.47
C ILE A 45 11.22 -2.13 -6.73
N HIS A 46 11.34 -1.83 -5.45
CA HIS A 46 12.40 -2.40 -4.62
C HIS A 46 11.94 -3.69 -3.95
N LYS A 47 10.78 -3.65 -3.34
CA LYS A 47 10.21 -4.81 -2.65
C LYS A 47 8.69 -4.82 -2.75
N VAL A 48 8.11 -6.02 -2.68
CA VAL A 48 6.66 -6.17 -2.77
C VAL A 48 6.14 -7.08 -1.67
N VAL A 49 5.00 -6.71 -1.09
CA VAL A 49 4.40 -7.51 -0.02
C VAL A 49 2.91 -7.71 -0.27
N ILE A 50 2.46 -8.96 -0.15
CA ILE A 50 1.06 -9.29 -0.36
C ILE A 50 0.39 -9.71 0.95
N ASN A 51 -0.67 -9.00 1.32
CA ASN A 51 -1.40 -9.29 2.55
C ASN A 51 -2.81 -9.76 2.24
N ASN A 52 -3.13 -10.99 2.64
CA ASN A 52 -4.45 -11.56 2.41
C ASN A 52 -5.28 -11.55 3.68
N SER A 53 -6.59 -11.40 3.53
CA SER A 53 -7.49 -11.37 4.67
C SER A 53 -7.95 -12.78 5.05
N THR A 54 -7.82 -13.11 6.33
CA THR A 54 -8.22 -14.42 6.82
C THR A 54 -9.48 -14.35 7.67
N SER A 55 -9.53 -13.34 8.54
CA SER A 55 -10.68 -13.15 9.41
C SER A 55 -11.92 -12.76 8.61
N TYR A 56 -12.98 -13.55 8.76
CA TYR A 56 -14.23 -13.29 8.05
C TYR A 56 -14.97 -12.10 8.65
N ALA A 57 -15.58 -11.29 7.79
CA ALA A 57 -16.33 -10.13 8.23
C ALA A 57 -17.83 -10.39 8.21
N GLY A 58 -18.31 -10.87 7.08
CA GLY A 58 -19.73 -11.16 6.94
C GLY A 58 -20.54 -9.93 6.58
N SER A 59 -19.96 -8.76 6.84
CA SER A 59 -20.64 -7.49 6.54
C SER A 59 -19.96 -6.77 5.39
N GLN A 60 -18.63 -6.59 5.51
CA GLN A 60 -17.86 -5.90 4.49
C GLN A 60 -17.01 -6.89 3.70
N GLY A 61 -17.34 -7.07 2.43
CA GLY A 61 -16.59 -8.00 1.59
C GLY A 61 -15.11 -7.97 1.89
N PRO A 62 -14.45 -9.14 1.76
CA PRO A 62 -13.02 -9.28 2.02
C PRO A 62 -12.17 -8.58 0.97
N SER A 63 -11.30 -7.68 1.42
CA SER A 63 -10.44 -6.93 0.51
C SER A 63 -8.98 -7.05 0.95
N ALA A 64 -8.14 -7.54 0.04
CA ALA A 64 -6.72 -7.71 0.32
C ALA A 64 -5.95 -6.43 0.00
N SER A 65 -4.74 -6.33 0.54
CA SER A 65 -3.90 -5.16 0.32
C SER A 65 -2.45 -5.57 0.02
N ALA A 66 -1.68 -4.63 -0.53
CA ALA A 66 -0.29 -4.90 -0.85
C ALA A 66 0.57 -3.64 -0.68
N TYR A 67 1.83 -3.84 -0.32
CA TYR A 67 2.74 -2.72 -0.12
C TYR A 67 3.85 -2.72 -1.17
N VAL A 68 4.18 -1.54 -1.67
CA VAL A 68 5.22 -1.40 -2.68
C VAL A 68 6.24 -0.33 -2.29
N THR A 69 7.51 -0.73 -2.18
CA THR A 69 8.57 0.20 -1.82
C THR A 69 9.34 0.68 -3.05
N TYR A 70 9.48 1.99 -3.17
CA TYR A 70 10.19 2.57 -4.31
C TYR A 70 11.51 3.17 -3.86
N ILE A 71 12.51 3.12 -4.74
CA ILE A 71 13.83 3.67 -4.44
C ILE A 71 13.78 5.19 -4.32
N ARG A 72 13.38 5.84 -5.41
CA ARG A 72 13.30 7.30 -5.42
C ARG A 72 11.98 7.77 -4.81
N SER A 73 12.08 8.43 -3.66
CA SER A 73 10.90 8.94 -2.97
C SER A 73 10.02 9.77 -3.91
N GLU A 74 10.65 10.71 -4.61
CA GLU A 74 9.94 11.57 -5.55
C GLU A 74 8.97 10.76 -6.40
N ASP A 75 9.50 9.75 -7.09
CA ASP A 75 8.67 8.91 -7.94
C ASP A 75 7.51 8.29 -7.15
N ALA A 76 7.82 7.79 -5.96
CA ALA A 76 6.81 7.17 -5.11
C ALA A 76 5.70 8.17 -4.78
N LEU A 77 6.06 9.27 -4.15
CA LEU A 77 5.10 10.30 -3.78
C LEU A 77 4.11 10.55 -4.91
N ARG A 78 4.63 11.00 -6.05
CA ARG A 78 3.80 11.28 -7.21
C ARG A 78 2.96 10.06 -7.58
N ALA A 79 3.61 8.91 -7.71
CA ALA A 79 2.93 7.68 -8.06
C ALA A 79 1.62 7.53 -7.28
N ILE A 80 1.63 7.98 -6.03
CA ILE A 80 0.45 7.89 -5.18
C ILE A 80 -0.54 9.01 -5.51
N GLN A 81 -0.01 10.21 -5.74
CA GLN A 81 -0.84 11.36 -6.08
C GLN A 81 -1.65 11.11 -7.35
N CYS A 82 -1.09 10.30 -8.25
CA CYS A 82 -1.76 9.98 -9.50
C CYS A 82 -2.55 8.68 -9.38
N VAL A 83 -1.98 7.70 -8.69
CA VAL A 83 -2.64 6.42 -8.49
C VAL A 83 -3.98 6.58 -7.78
N ASN A 84 -3.98 7.39 -6.72
CA ASN A 84 -5.20 7.64 -5.95
C ASN A 84 -6.33 8.11 -6.86
N ASN A 85 -7.55 7.72 -6.53
CA ASN A 85 -8.72 8.11 -7.32
C ASN A 85 -8.59 7.64 -8.76
N VAL A 86 -8.19 6.39 -8.94
CA VAL A 86 -8.02 5.82 -10.27
C VAL A 86 -8.70 4.46 -10.38
N VAL A 87 -9.34 4.21 -11.52
CA VAL A 87 -10.04 2.95 -11.75
C VAL A 87 -9.14 1.95 -12.47
N VAL A 88 -8.79 0.87 -11.79
CA VAL A 88 -7.93 -0.16 -12.37
C VAL A 88 -8.64 -1.51 -12.39
N ASP A 89 -9.06 -1.93 -13.57
CA ASP A 89 -9.75 -3.21 -13.73
C ASP A 89 -11.09 -3.20 -13.00
N GLY A 90 -11.76 -2.04 -13.01
CA GLY A 90 -13.04 -1.92 -12.34
C GLY A 90 -12.90 -1.71 -10.84
N ARG A 91 -11.70 -1.95 -10.32
CA ARG A 91 -11.45 -1.78 -8.90
C ARG A 91 -10.69 -0.48 -8.63
N THR A 92 -11.34 0.45 -7.97
CA THR A 92 -10.74 1.74 -7.65
C THR A 92 -9.66 1.59 -6.58
N LEU A 93 -8.42 1.42 -7.01
CA LEU A 93 -7.30 1.27 -6.09
C LEU A 93 -6.99 2.58 -5.37
N LYS A 94 -6.50 2.47 -4.14
CA LYS A 94 -6.16 3.66 -3.35
C LYS A 94 -4.82 3.48 -2.66
N ALA A 95 -3.91 4.44 -2.86
CA ALA A 95 -2.60 4.38 -2.23
C ALA A 95 -2.43 5.48 -1.20
N SER A 96 -1.76 5.16 -0.10
CA SER A 96 -1.53 6.12 0.97
C SER A 96 -0.12 5.99 1.53
N LEU A 97 0.30 7.00 2.30
CA LEU A 97 1.63 7.00 2.90
C LEU A 97 1.55 7.23 4.40
N GLY A 98 2.31 6.45 5.16
CA GLY A 98 2.31 6.59 6.60
C GLY A 98 1.55 5.47 7.30
N THR A 99 1.46 4.33 6.64
CA THR A 99 0.76 3.19 7.19
C THR A 99 1.63 1.93 7.15
N THR A 100 1.91 1.37 8.32
CA THR A 100 2.73 0.17 8.41
C THR A 100 1.88 -1.05 8.77
N LYS A 101 2.02 -2.11 7.98
CA LYS A 101 1.27 -3.34 8.22
C LYS A 101 1.66 -3.96 9.55
N TYR A 102 0.73 -4.72 10.13
CA TYR A 102 0.97 -5.37 11.42
C TYR A 102 1.64 -6.72 11.21
N CYS A 103 2.97 -6.73 11.17
CA CYS A 103 3.72 -7.96 10.99
C CYS A 103 4.27 -8.46 12.32
N SER A 104 4.46 -9.77 12.42
CA SER A 104 4.98 -10.38 13.64
C SER A 104 6.08 -11.39 13.32
N TYR A 105 7.11 -11.40 14.15
CA TYR A 105 8.23 -12.32 13.95
C TYR A 105 8.85 -12.71 15.29
N SER A 106 9.67 -13.76 15.27
CA SER A 106 10.32 -14.25 16.49
C SER A 106 11.68 -13.58 16.68
N GLY A 107 11.89 -13.04 17.88
CA GLY A 107 13.14 -12.37 18.17
C GLY A 107 13.75 -12.83 19.49
N PRO A 108 14.99 -12.39 19.75
CA PRO A 108 15.73 -11.51 18.84
C PRO A 108 16.16 -12.22 17.56
N SER A 109 15.89 -11.58 16.43
CA SER A 109 16.24 -12.15 15.13
C SER A 109 17.74 -11.97 14.85
N SER A 110 18.53 -12.93 15.31
CA SER A 110 19.98 -12.88 15.10
C SER A 110 20.56 -11.60 15.69
N GLY A 111 20.03 -11.20 16.85
CA GLY A 111 20.52 -10.00 17.50
C GLY A 111 21.40 -10.30 18.70
N GLY A 1 -18.22 7.14 3.99
CA GLY A 1 -18.29 5.70 4.20
C GLY A 1 -17.76 5.28 5.56
N SER A 2 -18.20 4.12 6.03
CA SER A 2 -17.76 3.61 7.32
C SER A 2 -16.29 3.91 7.56
N SER A 3 -16.03 4.86 8.47
CA SER A 3 -14.66 5.24 8.78
C SER A 3 -14.58 5.83 10.19
N GLY A 4 -13.36 6.04 10.67
CA GLY A 4 -13.17 6.60 12.00
C GLY A 4 -11.81 6.25 12.58
N SER A 5 -11.42 6.95 13.64
CA SER A 5 -10.14 6.72 14.28
C SER A 5 -10.32 6.02 15.63
N SER A 6 -10.44 4.70 15.58
CA SER A 6 -10.63 3.91 16.80
C SER A 6 -9.37 3.10 17.12
N GLY A 7 -8.58 3.59 18.07
CA GLY A 7 -7.37 2.91 18.45
C GLY A 7 -6.14 3.79 18.32
N ALA A 8 -5.63 4.24 19.46
CA ALA A 8 -4.44 5.10 19.49
C ALA A 8 -3.18 4.29 19.21
N SER A 9 -2.26 4.89 18.45
CA SER A 9 -1.01 4.23 18.11
C SER A 9 0.11 5.24 17.92
N VAL A 10 1.34 4.75 17.77
CA VAL A 10 2.50 5.62 17.57
C VAL A 10 2.53 6.16 16.15
N ARG A 11 3.12 7.35 15.99
CA ARG A 11 3.23 7.98 14.69
C ARG A 11 4.56 7.63 14.01
N VAL A 12 4.49 7.09 12.80
CA VAL A 12 5.68 6.71 12.06
C VAL A 12 5.67 7.32 10.65
N VAL A 13 6.74 8.01 10.30
CA VAL A 13 6.85 8.63 8.99
C VAL A 13 7.43 7.65 7.97
N GLN A 14 6.56 7.10 7.13
CA GLN A 14 6.97 6.14 6.11
C GLN A 14 6.71 6.70 4.72
N LYS A 15 7.59 7.60 4.27
CA LYS A 15 7.46 8.21 2.95
C LYS A 15 7.86 7.22 1.86
N ASN A 16 8.85 6.39 2.15
CA ASN A 16 9.33 5.41 1.19
C ASN A 16 8.52 4.12 1.28
N LEU A 17 7.21 4.27 1.49
CA LEU A 17 6.32 3.11 1.60
C LEU A 17 4.98 3.40 0.92
N VAL A 18 4.56 2.48 0.05
CA VAL A 18 3.30 2.63 -0.66
C VAL A 18 2.32 1.51 -0.30
N PHE A 19 1.18 1.90 0.26
CA PHE A 19 0.16 0.93 0.66
C PHE A 19 -1.09 1.08 -0.19
N VAL A 20 -1.34 0.11 -1.05
CA VAL A 20 -2.51 0.12 -1.93
C VAL A 20 -3.55 -0.87 -1.46
N VAL A 21 -4.83 -0.53 -1.66
CA VAL A 21 -5.93 -1.40 -1.26
C VAL A 21 -6.95 -1.54 -2.38
N GLY A 22 -7.89 -2.46 -2.20
CA GLY A 22 -8.91 -2.68 -3.21
C GLY A 22 -8.41 -3.51 -4.38
N LEU A 23 -7.70 -4.59 -4.07
CA LEU A 23 -7.15 -5.46 -5.10
C LEU A 23 -7.74 -6.87 -4.99
N SER A 24 -8.10 -7.44 -6.13
CA SER A 24 -8.68 -8.78 -6.17
C SER A 24 -7.58 -9.84 -6.12
N GLN A 25 -7.85 -10.91 -5.38
CA GLN A 25 -6.89 -12.01 -5.24
C GLN A 25 -6.12 -12.21 -6.55
N ARG A 26 -6.79 -11.97 -7.67
CA ARG A 26 -6.16 -12.13 -8.97
C ARG A 26 -5.09 -11.08 -9.21
N LEU A 27 -5.44 -9.81 -8.97
CA LEU A 27 -4.52 -8.71 -9.15
C LEU A 27 -3.44 -8.72 -8.07
N ALA A 28 -3.85 -9.05 -6.84
CA ALA A 28 -2.91 -9.10 -5.72
C ALA A 28 -1.80 -10.13 -5.98
N ASP A 29 -0.78 -9.70 -6.70
CA ASP A 29 0.35 -10.58 -7.01
C ASP A 29 1.65 -9.79 -7.09
N PRO A 30 2.76 -10.42 -6.67
CA PRO A 30 4.08 -9.79 -6.68
C PRO A 30 4.62 -9.60 -8.10
N GLU A 31 4.39 -10.59 -8.95
CA GLU A 31 4.85 -10.53 -10.33
C GLU A 31 3.96 -9.59 -11.16
N VAL A 32 2.65 -9.79 -11.07
CA VAL A 32 1.70 -8.98 -11.81
C VAL A 32 1.87 -7.50 -11.47
N LEU A 33 2.09 -7.20 -10.20
CA LEU A 33 2.27 -5.83 -9.74
C LEU A 33 3.66 -5.31 -10.13
N LYS A 34 4.65 -6.18 -10.07
CA LYS A 34 6.02 -5.82 -10.41
C LYS A 34 6.13 -5.47 -11.90
N ARG A 35 5.19 -5.99 -12.69
CA ARG A 35 5.18 -5.73 -14.13
C ARG A 35 5.35 -4.25 -14.42
N PRO A 36 6.07 -3.93 -15.50
CA PRO A 36 6.33 -2.55 -15.92
C PRO A 36 5.07 -1.86 -16.43
N GLU A 37 3.95 -2.60 -16.42
CA GLU A 37 2.69 -2.05 -16.89
C GLU A 37 1.78 -1.69 -15.72
N TYR A 38 1.74 -2.55 -14.71
CA TYR A 38 0.92 -2.33 -13.54
C TYR A 38 1.50 -1.22 -12.66
N PHE A 39 2.57 -1.55 -11.94
CA PHE A 39 3.23 -0.58 -11.07
C PHE A 39 4.65 -0.31 -11.53
N GLY A 40 5.29 -1.32 -12.11
CA GLY A 40 6.65 -1.17 -12.59
C GLY A 40 6.81 0.02 -13.52
N LYS A 41 5.69 0.55 -14.01
CA LYS A 41 5.70 1.68 -14.91
C LYS A 41 6.18 2.94 -14.19
N PHE A 42 5.69 3.14 -12.97
CA PHE A 42 6.07 4.30 -12.16
C PHE A 42 7.57 4.32 -11.91
N GLY A 43 8.11 3.16 -11.53
CA GLY A 43 9.54 3.07 -11.25
C GLY A 43 9.95 1.67 -10.85
N LYS A 44 11.26 1.43 -10.83
CA LYS A 44 11.79 0.12 -10.46
C LYS A 44 11.40 -0.24 -9.03
N ILE A 45 10.89 -1.46 -8.85
CA ILE A 45 10.48 -1.93 -7.54
C ILE A 45 11.61 -2.68 -6.84
N HIS A 46 11.71 -2.49 -5.53
CA HIS A 46 12.75 -3.15 -4.74
C HIS A 46 12.17 -4.30 -3.92
N LYS A 47 11.22 -3.97 -3.06
CA LYS A 47 10.57 -4.97 -2.21
C LYS A 47 9.06 -4.87 -2.30
N VAL A 48 8.39 -6.02 -2.41
CA VAL A 48 6.94 -6.06 -2.50
C VAL A 48 6.35 -7.03 -1.50
N VAL A 49 5.23 -6.64 -0.88
CA VAL A 49 4.57 -7.49 0.10
C VAL A 49 3.07 -7.57 -0.17
N ILE A 50 2.51 -8.76 0.01
CA ILE A 50 1.08 -8.99 -0.22
C ILE A 50 0.37 -9.33 1.08
N ASN A 51 -0.62 -8.53 1.44
CA ASN A 51 -1.39 -8.76 2.66
C ASN A 51 -2.84 -9.07 2.34
N ASN A 52 -3.25 -10.29 2.63
CA ASN A 52 -4.63 -10.72 2.36
C ASN A 52 -5.26 -11.32 3.62
N SER A 53 -6.59 -11.38 3.64
CA SER A 53 -7.31 -11.92 4.78
C SER A 53 -6.99 -13.40 4.97
N THR A 54 -6.40 -13.73 6.12
CA THR A 54 -6.04 -15.11 6.43
C THR A 54 -7.25 -15.90 6.92
N SER A 55 -8.43 -15.29 6.82
CA SER A 55 -9.65 -15.93 7.25
C SER A 55 -10.46 -16.45 6.06
N TYR A 56 -11.42 -17.32 6.33
CA TYR A 56 -12.25 -17.89 5.27
C TYR A 56 -13.11 -16.81 4.63
N ALA A 57 -13.31 -16.94 3.31
CA ALA A 57 -14.12 -15.98 2.57
C ALA A 57 -15.49 -15.78 3.22
N GLY A 58 -16.11 -14.64 2.96
CA GLY A 58 -17.41 -14.35 3.52
C GLY A 58 -17.38 -13.22 4.53
N SER A 59 -16.54 -12.22 4.25
CA SER A 59 -16.41 -11.07 5.13
C SER A 59 -17.05 -9.83 4.52
N GLN A 60 -16.96 -8.71 5.23
CA GLN A 60 -17.53 -7.46 4.75
C GLN A 60 -16.62 -6.79 3.73
N GLY A 61 -16.67 -7.27 2.49
CA GLY A 61 -15.83 -6.71 1.44
C GLY A 61 -14.41 -7.22 1.50
N PRO A 62 -14.18 -8.42 0.91
CA PRO A 62 -12.85 -9.04 0.90
C PRO A 62 -11.87 -8.30 -0.01
N SER A 63 -11.29 -7.21 0.51
CA SER A 63 -10.35 -6.41 -0.25
C SER A 63 -8.93 -6.65 0.24
N ALA A 64 -8.04 -6.99 -0.68
CA ALA A 64 -6.64 -7.24 -0.34
C ALA A 64 -5.79 -5.99 -0.56
N SER A 65 -4.60 -5.98 0.03
CA SER A 65 -3.69 -4.84 -0.10
C SER A 65 -2.27 -5.30 -0.41
N ALA A 66 -1.43 -4.37 -0.85
CA ALA A 66 -0.05 -4.68 -1.18
C ALA A 66 0.87 -3.50 -0.87
N TYR A 67 2.01 -3.79 -0.27
CA TYR A 67 2.98 -2.76 0.08
C TYR A 67 4.17 -2.77 -0.87
N VAL A 68 4.30 -1.72 -1.68
CA VAL A 68 5.39 -1.61 -2.63
C VAL A 68 6.40 -0.55 -2.18
N THR A 69 7.68 -0.86 -2.37
CA THR A 69 8.75 0.05 -2.00
C THR A 69 9.38 0.69 -3.22
N TYR A 70 9.45 2.01 -3.23
CA TYR A 70 10.03 2.76 -4.34
C TYR A 70 11.36 3.38 -3.94
N ILE A 71 12.39 3.12 -4.74
CA ILE A 71 13.72 3.66 -4.48
C ILE A 71 13.70 5.18 -4.46
N ARG A 72 13.15 5.78 -5.50
CA ARG A 72 13.07 7.23 -5.61
C ARG A 72 11.83 7.75 -4.89
N SER A 73 12.05 8.44 -3.77
CA SER A 73 10.95 8.99 -2.99
C SER A 73 9.98 9.78 -3.89
N GLU A 74 10.48 10.86 -4.47
CA GLU A 74 9.67 11.70 -5.35
C GLU A 74 8.73 10.84 -6.19
N ASP A 75 9.30 9.93 -6.96
CA ASP A 75 8.51 9.05 -7.81
C ASP A 75 7.40 8.38 -7.02
N ALA A 76 7.75 7.83 -5.86
CA ALA A 76 6.77 7.16 -5.01
C ALA A 76 5.59 8.07 -4.70
N LEU A 77 5.89 9.22 -4.09
CA LEU A 77 4.85 10.18 -3.73
C LEU A 77 3.89 10.40 -4.90
N ARG A 78 4.43 10.81 -6.04
CA ARG A 78 3.62 11.05 -7.22
C ARG A 78 2.79 9.82 -7.58
N ALA A 79 3.46 8.67 -7.68
CA ALA A 79 2.78 7.42 -8.01
C ALA A 79 1.53 7.23 -7.17
N ILE A 80 1.58 7.72 -5.93
CA ILE A 80 0.44 7.61 -5.02
C ILE A 80 -0.61 8.66 -5.33
N GLN A 81 -0.17 9.83 -5.76
CA GLN A 81 -1.09 10.92 -6.10
C GLN A 81 -1.86 10.61 -7.38
N CYS A 82 -1.27 9.79 -8.23
CA CYS A 82 -1.90 9.41 -9.49
C CYS A 82 -2.68 8.10 -9.34
N VAL A 83 -2.15 7.20 -8.54
CA VAL A 83 -2.80 5.90 -8.31
C VAL A 83 -4.10 6.08 -7.53
N ASN A 84 -4.11 7.02 -6.60
CA ASN A 84 -5.29 7.29 -5.80
C ASN A 84 -6.46 7.76 -6.67
N ASN A 85 -7.67 7.36 -6.28
CA ASN A 85 -8.87 7.74 -7.04
C ASN A 85 -8.75 7.31 -8.50
N VAL A 86 -8.43 6.04 -8.72
CA VAL A 86 -8.29 5.51 -10.06
C VAL A 86 -9.16 4.28 -10.25
N VAL A 87 -9.74 4.15 -11.45
CA VAL A 87 -10.60 3.01 -11.76
C VAL A 87 -9.88 2.02 -12.66
N VAL A 88 -9.46 0.89 -12.08
CA VAL A 88 -8.76 -0.14 -12.83
C VAL A 88 -9.54 -1.46 -12.81
N ASP A 89 -10.18 -1.78 -13.92
CA ASP A 89 -10.95 -3.01 -14.03
C ASP A 89 -12.07 -3.03 -12.99
N GLY A 90 -12.73 -1.90 -12.82
CA GLY A 90 -13.82 -1.80 -11.86
C GLY A 90 -13.33 -1.86 -10.43
N ARG A 91 -12.08 -1.48 -10.22
CA ARG A 91 -11.50 -1.50 -8.87
C ARG A 91 -10.88 -0.13 -8.54
N THR A 92 -11.47 0.54 -7.55
CA THR A 92 -10.98 1.85 -7.13
C THR A 92 -9.63 1.74 -6.41
N LEU A 93 -8.57 2.08 -7.12
CA LEU A 93 -7.23 2.02 -6.55
C LEU A 93 -7.02 3.11 -5.51
N LYS A 94 -6.61 2.73 -4.31
CA LYS A 94 -6.37 3.67 -3.24
C LYS A 94 -5.01 3.44 -2.58
N ALA A 95 -4.12 4.40 -2.73
CA ALA A 95 -2.78 4.29 -2.15
C ALA A 95 -2.53 5.41 -1.12
N SER A 96 -1.92 5.04 -0.01
CA SER A 96 -1.62 6.00 1.05
C SER A 96 -0.14 5.99 1.41
N LEU A 97 0.30 7.00 2.16
CA LEU A 97 1.69 7.10 2.56
C LEU A 97 1.79 7.39 4.06
N GLY A 98 2.80 6.80 4.70
CA GLY A 98 2.99 7.02 6.13
C GLY A 98 2.01 6.24 6.97
N THR A 99 1.28 5.32 6.33
CA THR A 99 0.29 4.51 7.03
C THR A 99 0.89 3.18 7.47
N THR A 100 0.69 2.84 8.74
CA THR A 100 1.21 1.60 9.30
C THR A 100 0.09 0.70 9.78
N LYS A 101 0.16 -0.58 9.43
CA LYS A 101 -0.86 -1.55 9.83
C LYS A 101 -0.24 -2.67 10.66
N TYR A 102 -0.43 -2.59 11.98
CA TYR A 102 0.11 -3.59 12.89
C TYR A 102 1.45 -4.11 12.39
N CYS A 103 2.37 -3.19 12.14
CA CYS A 103 3.71 -3.55 11.65
C CYS A 103 4.76 -2.59 12.20
N SER A 104 5.96 -3.11 12.45
CA SER A 104 7.05 -2.30 12.97
C SER A 104 7.95 -1.81 11.84
N TYR A 105 8.54 -0.63 12.04
CA TYR A 105 9.42 -0.05 11.04
C TYR A 105 10.74 0.40 11.67
N SER A 106 11.76 -0.43 11.57
CA SER A 106 13.07 -0.12 12.12
C SER A 106 13.92 0.63 11.12
N GLY A 107 14.41 1.80 11.52
CA GLY A 107 15.25 2.60 10.64
C GLY A 107 14.70 3.99 10.41
N PRO A 108 15.20 4.67 9.38
CA PRO A 108 16.23 4.12 8.50
C PRO A 108 17.58 4.00 9.20
N SER A 109 18.51 3.29 8.56
CA SER A 109 19.84 3.09 9.12
C SER A 109 20.91 3.66 8.20
N SER A 110 21.25 4.93 8.42
CA SER A 110 22.26 5.60 7.60
C SER A 110 23.59 4.86 7.68
N GLY A 111 23.84 4.01 6.68
CA GLY A 111 25.08 3.26 6.66
C GLY A 111 25.22 2.42 5.40
N GLY A 1 -9.65 26.60 24.48
CA GLY A 1 -10.79 26.01 23.83
C GLY A 1 -11.35 24.82 24.60
N SER A 2 -12.62 24.90 24.98
CA SER A 2 -13.27 23.83 25.73
C SER A 2 -13.01 22.49 25.07
N SER A 3 -12.34 21.60 25.80
CA SER A 3 -12.03 20.27 25.28
C SER A 3 -11.60 20.33 23.81
N GLY A 4 -10.78 21.32 23.48
CA GLY A 4 -10.32 21.48 22.12
C GLY A 4 -8.81 21.35 21.99
N SER A 5 -8.31 20.14 22.19
CA SER A 5 -6.87 19.89 22.11
C SER A 5 -6.59 18.47 21.62
N SER A 6 -5.50 18.31 20.88
CA SER A 6 -5.12 17.00 20.36
C SER A 6 -4.24 16.25 21.34
N GLY A 7 -3.99 14.97 21.06
CA GLY A 7 -3.16 14.17 21.93
C GLY A 7 -1.91 13.65 21.24
N ALA A 8 -2.07 13.16 20.02
CA ALA A 8 -0.94 12.64 19.25
C ALA A 8 0.24 13.60 19.29
N SER A 9 1.44 13.06 19.25
CA SER A 9 2.65 13.87 19.28
C SER A 9 3.26 14.00 17.89
N VAL A 10 4.10 15.01 17.71
CA VAL A 10 4.74 15.26 16.42
C VAL A 10 5.70 14.13 16.07
N ARG A 11 5.24 13.21 15.24
CA ARG A 11 6.06 12.07 14.81
C ARG A 11 6.41 12.17 13.33
N VAL A 12 7.66 11.84 13.01
CA VAL A 12 8.12 11.90 11.62
C VAL A 12 8.51 10.51 11.12
N VAL A 13 7.76 10.01 10.14
CA VAL A 13 8.02 8.70 9.56
C VAL A 13 8.38 8.81 8.09
N GLN A 14 9.37 8.03 7.68
CA GLN A 14 9.82 8.03 6.28
C GLN A 14 8.64 7.82 5.34
N LYS A 15 8.47 8.73 4.39
CA LYS A 15 7.38 8.64 3.42
C LYS A 15 7.82 7.86 2.19
N ASN A 16 8.53 6.75 2.42
CA ASN A 16 8.99 5.90 1.33
C ASN A 16 8.28 4.56 1.34
N LEU A 17 6.99 4.58 1.62
CA LEU A 17 6.20 3.35 1.66
C LEU A 17 4.87 3.54 0.93
N VAL A 18 4.62 2.70 -0.07
CA VAL A 18 3.39 2.76 -0.84
C VAL A 18 2.42 1.66 -0.42
N PHE A 19 1.35 2.06 0.26
CA PHE A 19 0.34 1.11 0.73
C PHE A 19 -0.93 1.22 -0.10
N VAL A 20 -1.25 0.17 -0.86
CA VAL A 20 -2.44 0.16 -1.69
C VAL A 20 -3.45 -0.86 -1.18
N VAL A 21 -4.72 -0.47 -1.19
CA VAL A 21 -5.78 -1.35 -0.73
C VAL A 21 -6.82 -1.59 -1.83
N GLY A 22 -7.68 -2.58 -1.63
CA GLY A 22 -8.70 -2.89 -2.61
C GLY A 22 -8.13 -3.56 -3.85
N LEU A 23 -7.44 -4.67 -3.65
CA LEU A 23 -6.84 -5.41 -4.76
C LEU A 23 -7.42 -6.81 -4.86
N SER A 24 -7.89 -7.16 -6.05
CA SER A 24 -8.47 -8.48 -6.27
C SER A 24 -7.43 -9.58 -6.08
N GLN A 25 -7.83 -10.64 -5.38
CA GLN A 25 -6.93 -11.76 -5.12
C GLN A 25 -6.12 -12.11 -6.36
N ARG A 26 -6.67 -11.81 -7.53
CA ARG A 26 -5.98 -12.09 -8.79
C ARG A 26 -4.91 -11.04 -9.08
N LEU A 27 -5.29 -9.76 -8.94
CA LEU A 27 -4.37 -8.66 -9.18
C LEU A 27 -3.25 -8.66 -8.14
N ALA A 28 -3.59 -8.97 -6.90
CA ALA A 28 -2.61 -9.00 -5.82
C ALA A 28 -1.53 -10.04 -6.09
N ASP A 29 -0.48 -9.62 -6.79
CA ASP A 29 0.62 -10.51 -7.12
C ASP A 29 1.93 -9.74 -7.20
N PRO A 30 3.04 -10.42 -6.86
CA PRO A 30 4.38 -9.82 -6.88
C PRO A 30 4.87 -9.54 -8.30
N GLU A 31 4.64 -10.50 -9.20
CA GLU A 31 5.06 -10.35 -10.59
C GLU A 31 4.11 -9.42 -11.34
N VAL A 32 2.82 -9.58 -11.09
CA VAL A 32 1.81 -8.76 -11.75
C VAL A 32 2.01 -7.28 -11.44
N LEU A 33 2.20 -6.98 -10.15
CA LEU A 33 2.40 -5.60 -9.72
C LEU A 33 3.76 -5.08 -10.16
N LYS A 34 4.77 -5.94 -10.07
CA LYS A 34 6.12 -5.58 -10.47
C LYS A 34 6.18 -5.21 -11.95
N ARG A 35 5.38 -5.92 -12.75
CA ARG A 35 5.34 -5.67 -14.19
C ARG A 35 5.31 -4.18 -14.49
N PRO A 36 5.99 -3.77 -15.57
CA PRO A 36 6.06 -2.36 -15.98
C PRO A 36 4.71 -1.86 -16.51
N GLU A 37 3.74 -2.75 -16.59
CA GLU A 37 2.42 -2.39 -17.08
C GLU A 37 1.47 -2.06 -15.93
N TYR A 38 1.63 -2.77 -14.81
CA TYR A 38 0.80 -2.55 -13.64
C TYR A 38 1.30 -1.35 -12.84
N PHE A 39 2.41 -1.53 -12.13
CA PHE A 39 2.99 -0.46 -11.33
C PHE A 39 4.37 -0.09 -11.85
N GLY A 40 5.19 -1.10 -12.14
CA GLY A 40 6.53 -0.85 -12.63
C GLY A 40 6.60 0.37 -13.53
N LYS A 41 5.50 0.65 -14.24
CA LYS A 41 5.45 1.79 -15.14
C LYS A 41 6.02 3.04 -14.46
N PHE A 42 5.55 3.31 -13.24
CA PHE A 42 6.00 4.46 -12.49
C PHE A 42 7.51 4.39 -12.23
N GLY A 43 7.97 3.21 -11.83
CA GLY A 43 9.39 3.03 -11.55
C GLY A 43 9.74 1.58 -11.26
N LYS A 44 10.98 1.34 -10.88
CA LYS A 44 11.44 -0.01 -10.58
C LYS A 44 11.24 -0.34 -9.10
N ILE A 45 10.20 -1.10 -8.80
CA ILE A 45 9.90 -1.48 -7.42
C ILE A 45 11.04 -2.29 -6.82
N HIS A 46 11.22 -2.14 -5.51
CA HIS A 46 12.28 -2.86 -4.81
C HIS A 46 11.71 -4.07 -4.06
N LYS A 47 10.75 -3.81 -3.18
CA LYS A 47 10.13 -4.88 -2.40
C LYS A 47 8.62 -4.89 -2.60
N VAL A 48 8.04 -6.08 -2.62
CA VAL A 48 6.60 -6.22 -2.81
C VAL A 48 6.02 -7.25 -1.85
N VAL A 49 5.11 -6.79 -0.98
CA VAL A 49 4.48 -7.67 -0.01
C VAL A 49 2.97 -7.77 -0.24
N ILE A 50 2.44 -8.98 -0.20
CA ILE A 50 1.02 -9.20 -0.39
C ILE A 50 0.32 -9.54 0.92
N ASN A 51 -0.72 -8.77 1.24
CA ASN A 51 -1.48 -8.99 2.46
C ASN A 51 -2.93 -9.36 2.15
N ASN A 52 -3.26 -10.64 2.30
CA ASN A 52 -4.61 -11.11 2.04
C ASN A 52 -5.50 -10.94 3.27
N SER A 53 -6.73 -10.50 3.05
CA SER A 53 -7.67 -10.29 4.14
C SER A 53 -7.66 -11.47 5.09
N THR A 54 -7.95 -11.20 6.37
CA THR A 54 -7.97 -12.24 7.39
C THR A 54 -9.27 -12.21 8.19
N SER A 55 -9.57 -11.06 8.78
CA SER A 55 -10.77 -10.88 9.57
C SER A 55 -11.96 -10.51 8.69
N TYR A 56 -13.12 -11.07 8.99
CA TYR A 56 -14.33 -10.79 8.22
C TYR A 56 -15.22 -9.78 8.93
N ALA A 57 -15.51 -8.67 8.25
CA ALA A 57 -16.35 -7.62 8.83
C ALA A 57 -17.73 -7.62 8.19
N GLY A 58 -17.77 -7.49 6.87
CA GLY A 58 -19.04 -7.48 6.17
C GLY A 58 -19.55 -6.08 5.91
N SER A 59 -18.64 -5.16 5.57
CA SER A 59 -19.00 -3.78 5.31
C SER A 59 -19.04 -3.50 3.81
N GLN A 60 -17.97 -3.87 3.12
CA GLN A 60 -17.88 -3.65 1.67
C GLN A 60 -17.67 -4.97 0.95
N GLY A 61 -16.77 -5.80 1.48
CA GLY A 61 -16.48 -7.08 0.85
C GLY A 61 -15.03 -7.47 0.99
N PRO A 62 -14.62 -8.51 0.25
CA PRO A 62 -13.25 -9.01 0.26
C PRO A 62 -12.26 -8.04 -0.38
N SER A 63 -11.49 -7.36 0.45
CA SER A 63 -10.50 -6.39 -0.04
C SER A 63 -9.11 -6.71 0.51
N ALA A 64 -8.14 -6.85 -0.40
CA ALA A 64 -6.78 -7.15 0.00
C ALA A 64 -5.88 -5.93 -0.17
N SER A 65 -4.70 -5.98 0.43
CA SER A 65 -3.75 -4.87 0.34
C SER A 65 -2.37 -5.37 -0.07
N ALA A 66 -1.48 -4.44 -0.43
CA ALA A 66 -0.13 -4.79 -0.84
C ALA A 66 0.82 -3.61 -0.63
N TYR A 67 2.00 -3.90 -0.09
CA TYR A 67 3.00 -2.88 0.17
C TYR A 67 4.05 -2.85 -0.93
N VAL A 68 4.35 -1.64 -1.42
CA VAL A 68 5.34 -1.48 -2.48
C VAL A 68 6.43 -0.49 -2.06
N THR A 69 7.68 -0.94 -2.07
CA THR A 69 8.81 -0.09 -1.70
C THR A 69 9.44 0.54 -2.93
N TYR A 70 9.53 1.87 -2.92
CA TYR A 70 10.13 2.60 -4.03
C TYR A 70 11.56 3.01 -3.72
N ILE A 71 12.40 3.06 -4.75
CA ILE A 71 13.78 3.44 -4.58
C ILE A 71 13.93 4.93 -4.34
N ARG A 72 13.15 5.73 -5.06
CA ARG A 72 13.19 7.17 -4.91
C ARG A 72 11.95 7.68 -4.17
N SER A 73 12.18 8.55 -3.19
CA SER A 73 11.09 9.10 -2.39
C SER A 73 10.14 9.91 -3.27
N GLU A 74 10.62 11.05 -3.76
CA GLU A 74 9.81 11.91 -4.61
C GLU A 74 9.02 11.10 -5.63
N ASP A 75 9.74 10.33 -6.45
CA ASP A 75 9.10 9.50 -7.47
C ASP A 75 7.92 8.72 -6.88
N ALA A 76 8.16 8.11 -5.72
CA ALA A 76 7.13 7.33 -5.05
C ALA A 76 5.90 8.18 -4.74
N LEU A 77 6.09 9.22 -3.93
CA LEU A 77 5.01 10.12 -3.56
C LEU A 77 4.10 10.38 -4.74
N ARG A 78 4.68 10.81 -5.86
CA ARG A 78 3.93 11.09 -7.06
C ARG A 78 3.16 9.86 -7.54
N ALA A 79 3.90 8.79 -7.82
CA ALA A 79 3.30 7.55 -8.28
C ALA A 79 2.01 7.24 -7.52
N ILE A 80 2.00 7.58 -6.24
CA ILE A 80 0.83 7.35 -5.40
C ILE A 80 -0.26 8.38 -5.67
N GLN A 81 0.15 9.62 -5.91
CA GLN A 81 -0.79 10.70 -6.19
C GLN A 81 -1.54 10.44 -7.50
N CYS A 82 -0.97 9.60 -8.35
CA CYS A 82 -1.58 9.28 -9.64
C CYS A 82 -2.40 8.00 -9.53
N VAL A 83 -1.89 7.01 -8.79
CA VAL A 83 -2.59 5.75 -8.61
C VAL A 83 -3.92 5.96 -7.90
N ASN A 84 -3.93 6.86 -6.92
CA ASN A 84 -5.14 7.14 -6.16
C ASN A 84 -6.24 7.65 -7.07
N ASN A 85 -7.48 7.21 -6.80
CA ASN A 85 -8.62 7.63 -7.60
C ASN A 85 -8.50 7.12 -9.03
N VAL A 86 -8.25 5.83 -9.18
CA VAL A 86 -8.10 5.21 -10.49
C VAL A 86 -9.06 4.04 -10.65
N VAL A 87 -9.63 3.90 -11.85
CA VAL A 87 -10.55 2.81 -12.13
C VAL A 87 -9.84 1.63 -12.79
N VAL A 88 -9.73 0.53 -12.05
CA VAL A 88 -9.07 -0.67 -12.56
C VAL A 88 -10.02 -1.85 -12.58
N ASP A 89 -10.48 -2.22 -13.78
CA ASP A 89 -11.40 -3.35 -13.92
C ASP A 89 -12.62 -3.18 -13.03
N GLY A 90 -13.16 -1.96 -13.00
CA GLY A 90 -14.32 -1.69 -12.18
C GLY A 90 -14.00 -1.69 -10.69
N ARG A 91 -12.77 -1.29 -10.36
CA ARG A 91 -12.34 -1.25 -8.97
C ARG A 91 -11.53 0.01 -8.69
N THR A 92 -11.98 0.81 -7.72
CA THR A 92 -11.30 2.04 -7.37
C THR A 92 -10.14 1.77 -6.42
N LEU A 93 -8.94 1.67 -6.98
CA LEU A 93 -7.75 1.42 -6.18
C LEU A 93 -7.33 2.67 -5.40
N LYS A 94 -7.05 2.49 -4.11
CA LYS A 94 -6.64 3.59 -3.26
C LYS A 94 -5.23 3.37 -2.72
N ALA A 95 -4.39 4.40 -2.82
CA ALA A 95 -3.02 4.32 -2.33
C ALA A 95 -2.72 5.41 -1.33
N SER A 96 -1.86 5.11 -0.36
CA SER A 96 -1.51 6.07 0.68
C SER A 96 -0.16 5.70 1.32
N LEU A 97 0.45 6.67 1.99
CA LEU A 97 1.72 6.46 2.65
C LEU A 97 1.68 6.91 4.11
N GLY A 98 2.57 6.35 4.92
CA GLY A 98 2.61 6.72 6.33
C GLY A 98 1.78 5.80 7.20
N THR A 99 1.66 4.54 6.78
CA THR A 99 0.89 3.55 7.53
C THR A 99 1.80 2.58 8.26
N THR A 100 1.34 2.08 9.39
CA THR A 100 2.11 1.14 10.19
C THR A 100 1.46 -0.24 10.20
N LYS A 101 2.29 -1.28 10.13
CA LYS A 101 1.80 -2.65 10.13
C LYS A 101 1.05 -2.96 11.43
N TYR A 102 -0.11 -3.61 11.31
CA TYR A 102 -0.92 -3.96 12.47
C TYR A 102 -0.39 -5.23 13.13
N CYS A 103 0.49 -5.07 14.12
CA CYS A 103 1.06 -6.20 14.82
C CYS A 103 0.75 -6.12 16.32
N SER A 104 0.68 -7.28 16.96
CA SER A 104 0.39 -7.35 18.39
C SER A 104 1.51 -6.70 19.20
N TYR A 105 1.22 -5.52 19.77
CA TYR A 105 2.19 -4.81 20.57
C TYR A 105 1.84 -4.87 22.05
N SER A 106 2.83 -5.16 22.88
CA SER A 106 2.63 -5.25 24.32
C SER A 106 3.94 -5.08 25.07
N GLY A 107 3.87 -4.46 26.26
CA GLY A 107 5.05 -4.24 27.05
C GLY A 107 5.89 -3.09 26.54
N PRO A 108 7.15 -3.00 27.02
CA PRO A 108 7.70 -3.96 27.97
C PRO A 108 7.06 -3.83 29.36
N SER A 109 7.06 -4.93 30.11
CA SER A 109 6.47 -4.94 31.45
C SER A 109 7.26 -4.02 32.38
N SER A 110 6.57 -3.00 32.88
CA SER A 110 7.20 -2.04 33.78
C SER A 110 6.77 -2.29 35.23
N GLY A 111 7.74 -2.64 36.07
CA GLY A 111 7.44 -2.91 37.47
C GLY A 111 7.57 -4.37 37.82
N GLY A 1 -8.92 22.57 29.28
CA GLY A 1 -9.39 21.21 29.45
C GLY A 1 -9.49 20.46 28.14
N SER A 2 -8.34 20.28 27.49
CA SER A 2 -8.28 19.57 26.21
C SER A 2 -7.32 18.40 26.29
N SER A 3 -7.55 17.40 25.43
CA SER A 3 -6.71 16.20 25.40
C SER A 3 -5.32 16.54 24.85
N GLY A 4 -4.31 15.84 25.34
CA GLY A 4 -2.95 16.07 24.89
C GLY A 4 -1.94 15.98 26.01
N SER A 5 -1.25 14.85 26.09
CA SER A 5 -0.24 14.64 27.14
C SER A 5 1.16 14.86 26.59
N SER A 6 2.06 15.29 27.46
CA SER A 6 3.44 15.55 27.07
C SER A 6 3.51 16.15 25.66
N GLY A 7 2.60 17.08 25.38
CA GLY A 7 2.57 17.72 24.08
C GLY A 7 2.13 16.76 22.98
N ALA A 8 2.74 16.91 21.81
CA ALA A 8 2.41 16.05 20.67
C ALA A 8 3.35 14.87 20.59
N SER A 9 2.84 13.74 20.09
CA SER A 9 3.63 12.53 19.95
C SER A 9 4.10 12.33 18.52
N VAL A 10 5.40 12.18 18.34
CA VAL A 10 5.98 11.99 17.01
C VAL A 10 6.73 10.67 16.93
N ARG A 11 6.45 9.90 15.88
CA ARG A 11 7.10 8.61 15.68
C ARG A 11 7.77 8.54 14.32
N VAL A 12 8.93 7.89 14.27
CA VAL A 12 9.68 7.76 13.02
C VAL A 12 9.01 6.75 12.09
N VAL A 13 8.46 7.26 10.99
CA VAL A 13 7.79 6.40 10.01
C VAL A 13 8.52 6.42 8.67
N GLN A 14 8.59 5.27 8.02
CA GLN A 14 9.25 5.16 6.73
C GLN A 14 8.51 5.97 5.66
N LYS A 15 9.27 6.55 4.73
CA LYS A 15 8.70 7.35 3.66
C LYS A 15 8.64 6.55 2.36
N ASN A 16 9.38 5.45 2.32
CA ASN A 16 9.41 4.60 1.14
C ASN A 16 8.53 3.38 1.31
N LEU A 17 7.27 3.61 1.70
CA LEU A 17 6.33 2.52 1.91
C LEU A 17 4.97 2.85 1.29
N VAL A 18 4.68 2.22 0.15
CA VAL A 18 3.42 2.44 -0.54
C VAL A 18 2.38 1.40 -0.17
N PHE A 19 1.44 1.79 0.67
CA PHE A 19 0.39 0.88 1.11
C PHE A 19 -0.86 1.00 0.23
N VAL A 20 -1.27 -0.11 -0.37
CA VAL A 20 -2.44 -0.12 -1.24
C VAL A 20 -3.52 -1.04 -0.69
N VAL A 21 -4.75 -0.55 -0.66
CA VAL A 21 -5.88 -1.32 -0.17
C VAL A 21 -6.94 -1.51 -1.25
N GLY A 22 -7.88 -2.43 -1.00
CA GLY A 22 -8.93 -2.70 -1.96
C GLY A 22 -8.41 -3.32 -3.24
N LEU A 23 -7.68 -4.41 -3.11
CA LEU A 23 -7.12 -5.10 -4.26
C LEU A 23 -7.87 -6.39 -4.54
N SER A 24 -7.98 -6.75 -5.82
CA SER A 24 -8.68 -7.97 -6.22
C SER A 24 -7.82 -9.19 -5.97
N GLN A 25 -8.48 -10.34 -5.77
CA GLN A 25 -7.78 -11.59 -5.53
C GLN A 25 -6.79 -11.90 -6.65
N ARG A 26 -7.25 -11.73 -7.89
CA ARG A 26 -6.41 -11.99 -9.05
C ARG A 26 -5.37 -10.88 -9.23
N LEU A 27 -5.81 -9.64 -9.11
CA LEU A 27 -4.92 -8.49 -9.26
C LEU A 27 -3.90 -8.45 -8.13
N ALA A 28 -4.25 -9.04 -6.99
CA ALA A 28 -3.35 -9.08 -5.84
C ALA A 28 -2.24 -10.10 -6.04
N ASP A 29 -1.18 -9.68 -6.74
CA ASP A 29 -0.04 -10.55 -6.99
C ASP A 29 1.25 -9.75 -7.06
N PRO A 30 2.37 -10.39 -6.68
CA PRO A 30 3.70 -9.76 -6.70
C PRO A 30 4.20 -9.51 -8.11
N GLU A 31 4.16 -10.54 -8.94
CA GLU A 31 4.62 -10.42 -10.32
C GLU A 31 3.74 -9.47 -11.11
N VAL A 32 2.42 -9.57 -10.90
CA VAL A 32 1.47 -8.72 -11.60
C VAL A 32 1.69 -7.25 -11.25
N LEU A 33 1.94 -6.98 -9.97
CA LEU A 33 2.17 -5.61 -9.52
C LEU A 33 3.56 -5.13 -9.93
N LYS A 34 4.55 -6.01 -9.83
CA LYS A 34 5.91 -5.69 -10.20
C LYS A 34 6.01 -5.30 -11.68
N ARG A 35 5.14 -5.89 -12.49
CA ARG A 35 5.13 -5.62 -13.92
C ARG A 35 5.25 -4.12 -14.18
N PRO A 36 5.98 -3.76 -15.24
CA PRO A 36 6.19 -2.37 -15.63
C PRO A 36 4.91 -1.71 -16.16
N GLU A 37 3.83 -2.47 -16.18
CA GLU A 37 2.55 -1.97 -16.67
C GLU A 37 1.60 -1.67 -15.51
N TYR A 38 1.68 -2.50 -14.47
CA TYR A 38 0.83 -2.32 -13.29
C TYR A 38 1.33 -1.18 -12.42
N PHE A 39 2.42 -1.42 -11.70
CA PHE A 39 3.00 -0.41 -10.82
C PHE A 39 4.39 0.01 -11.32
N GLY A 40 5.17 -0.99 -11.75
CA GLY A 40 6.50 -0.70 -12.24
C GLY A 40 6.52 0.38 -13.30
N LYS A 41 5.37 0.62 -13.92
CA LYS A 41 5.26 1.64 -14.96
C LYS A 41 5.77 2.99 -14.46
N PHE A 42 5.59 3.23 -13.16
CA PHE A 42 6.04 4.48 -12.55
C PHE A 42 7.56 4.51 -12.42
N GLY A 43 8.14 3.40 -12.01
CA GLY A 43 9.58 3.33 -11.86
C GLY A 43 10.05 1.95 -11.44
N LYS A 44 11.29 1.86 -10.95
CA LYS A 44 11.85 0.60 -10.51
C LYS A 44 11.35 0.23 -9.11
N ILE A 45 11.10 -1.06 -8.90
CA ILE A 45 10.62 -1.53 -7.62
C ILE A 45 11.72 -2.25 -6.84
N HIS A 46 11.87 -1.89 -5.57
CA HIS A 46 12.89 -2.50 -4.72
C HIS A 46 12.38 -3.79 -4.09
N LYS A 47 11.30 -3.69 -3.33
CA LYS A 47 10.71 -4.84 -2.67
C LYS A 47 9.20 -4.87 -2.88
N VAL A 48 8.65 -6.08 -2.98
CA VAL A 48 7.21 -6.25 -3.17
C VAL A 48 6.62 -7.23 -2.16
N VAL A 49 5.55 -6.82 -1.50
CA VAL A 49 4.90 -7.67 -0.51
C VAL A 49 3.39 -7.67 -0.70
N ILE A 50 2.75 -8.80 -0.39
CA ILE A 50 1.31 -8.93 -0.52
C ILE A 50 0.65 -9.21 0.82
N ASN A 51 -0.59 -8.76 0.97
CA ASN A 51 -1.32 -8.96 2.21
C ASN A 51 -2.70 -9.57 1.94
N ASN A 52 -2.85 -10.85 2.26
CA ASN A 52 -4.11 -11.54 2.04
C ASN A 52 -4.68 -12.07 3.37
N SER A 53 -6.00 -12.01 3.51
CA SER A 53 -6.65 -12.47 4.72
C SER A 53 -6.32 -13.93 5.00
N THR A 54 -5.87 -14.21 6.22
CA THR A 54 -5.51 -15.58 6.60
C THR A 54 -6.72 -16.32 7.16
N SER A 55 -7.57 -15.60 7.88
CA SER A 55 -8.77 -16.20 8.48
C SER A 55 -9.93 -16.19 7.50
N TYR A 56 -10.80 -17.19 7.60
CA TYR A 56 -11.95 -17.30 6.71
C TYR A 56 -12.96 -16.20 7.00
N ALA A 57 -13.14 -15.29 6.04
CA ALA A 57 -14.08 -14.19 6.19
C ALA A 57 -15.48 -14.59 5.71
N GLY A 58 -15.57 -14.93 4.44
CA GLY A 58 -16.86 -15.33 3.87
C GLY A 58 -17.71 -14.15 3.49
N SER A 59 -17.08 -13.10 2.97
CA SER A 59 -17.79 -11.88 2.57
C SER A 59 -17.79 -11.73 1.05
N GLN A 60 -18.68 -10.89 0.55
CA GLN A 60 -18.79 -10.65 -0.89
C GLN A 60 -17.70 -9.69 -1.35
N GLY A 61 -16.67 -10.22 -1.98
CA GLY A 61 -15.58 -9.40 -2.46
C GLY A 61 -14.55 -9.09 -1.39
N PRO A 62 -13.62 -10.02 -1.17
CA PRO A 62 -12.56 -9.87 -0.16
C PRO A 62 -11.55 -8.80 -0.55
N SER A 63 -11.41 -7.78 0.29
CA SER A 63 -10.48 -6.70 0.04
C SER A 63 -9.08 -7.04 0.56
N ALA A 64 -8.10 -7.00 -0.32
CA ALA A 64 -6.72 -7.30 0.05
C ALA A 64 -5.84 -6.06 -0.03
N SER A 65 -4.66 -6.14 0.58
CA SER A 65 -3.72 -5.02 0.57
C SER A 65 -2.32 -5.48 0.22
N ALA A 66 -1.46 -4.53 -0.13
CA ALA A 66 -0.08 -4.83 -0.49
C ALA A 66 0.85 -3.68 -0.15
N TYR A 67 2.15 -3.95 -0.17
CA TYR A 67 3.15 -2.92 0.14
C TYR A 67 4.30 -2.97 -0.85
N VAL A 68 4.60 -1.83 -1.46
CA VAL A 68 5.69 -1.75 -2.43
C VAL A 68 6.65 -0.63 -2.07
N THR A 69 7.94 -0.83 -2.36
CA THR A 69 8.97 0.15 -2.07
C THR A 69 9.47 0.81 -3.34
N TYR A 70 9.58 2.14 -3.32
CA TYR A 70 10.06 2.88 -4.47
C TYR A 70 11.43 3.50 -4.20
N ILE A 71 12.41 3.13 -5.01
CA ILE A 71 13.76 3.66 -4.86
C ILE A 71 13.76 5.18 -4.74
N ARG A 72 13.08 5.84 -5.67
CA ARG A 72 13.00 7.30 -5.68
C ARG A 72 11.81 7.77 -4.84
N SER A 73 12.12 8.37 -3.68
CA SER A 73 11.08 8.87 -2.79
C SER A 73 10.05 9.71 -3.55
N GLU A 74 10.52 10.77 -4.20
CA GLU A 74 9.64 11.64 -4.96
C GLU A 74 8.73 10.84 -5.88
N ASP A 75 9.32 9.88 -6.58
CA ASP A 75 8.57 9.03 -7.50
C ASP A 75 7.42 8.34 -6.78
N ALA A 76 7.71 7.80 -5.60
CA ALA A 76 6.69 7.11 -4.81
C ALA A 76 5.49 8.01 -4.55
N LEU A 77 5.76 9.21 -4.03
CA LEU A 77 4.70 10.16 -3.73
C LEU A 77 3.80 10.36 -4.94
N ARG A 78 4.38 10.81 -6.04
CA ARG A 78 3.62 11.04 -7.27
C ARG A 78 2.87 9.79 -7.68
N ALA A 79 3.57 8.66 -7.72
CA ALA A 79 2.97 7.39 -8.10
C ALA A 79 1.67 7.15 -7.33
N ILE A 80 1.64 7.61 -6.08
CA ILE A 80 0.47 7.44 -5.23
C ILE A 80 -0.65 8.42 -5.63
N GLN A 81 -0.26 9.64 -5.97
CA GLN A 81 -1.22 10.66 -6.37
C GLN A 81 -1.91 10.27 -7.67
N CYS A 82 -1.21 9.54 -8.53
CA CYS A 82 -1.76 9.10 -9.81
C CYS A 82 -2.38 7.71 -9.69
N VAL A 83 -1.87 6.92 -8.74
CA VAL A 83 -2.37 5.57 -8.53
C VAL A 83 -3.68 5.58 -7.75
N ASN A 84 -3.88 6.64 -6.96
CA ASN A 84 -5.09 6.76 -6.16
C ASN A 84 -6.26 7.27 -7.03
N ASN A 85 -7.47 6.94 -6.61
CA ASN A 85 -8.67 7.35 -7.34
C ASN A 85 -8.59 6.90 -8.80
N VAL A 86 -8.03 5.72 -9.01
CA VAL A 86 -7.90 5.17 -10.36
C VAL A 86 -8.85 3.99 -10.56
N VAL A 87 -9.42 3.89 -11.75
CA VAL A 87 -10.34 2.81 -12.08
C VAL A 87 -9.68 1.80 -13.01
N VAL A 88 -9.17 0.72 -12.43
CA VAL A 88 -8.52 -0.33 -13.20
C VAL A 88 -9.44 -1.53 -13.38
N ASP A 89 -9.78 -1.85 -14.63
CA ASP A 89 -10.64 -2.98 -14.93
C ASP A 89 -11.87 -2.97 -14.03
N GLY A 90 -12.31 -1.78 -13.66
CA GLY A 90 -13.48 -1.66 -12.80
C GLY A 90 -13.13 -1.76 -11.33
N ARG A 91 -11.86 -1.50 -11.00
CA ARG A 91 -11.40 -1.58 -9.62
C ARG A 91 -10.89 -0.21 -9.15
N THR A 92 -11.30 0.20 -7.96
CA THR A 92 -10.88 1.47 -7.40
C THR A 92 -9.61 1.32 -6.57
N LEU A 93 -8.46 1.58 -7.19
CA LEU A 93 -7.19 1.46 -6.51
C LEU A 93 -6.97 2.65 -5.56
N LYS A 94 -6.64 2.34 -4.31
CA LYS A 94 -6.40 3.37 -3.31
C LYS A 94 -5.07 3.15 -2.61
N ALA A 95 -4.18 4.14 -2.68
CA ALA A 95 -2.88 4.06 -2.05
C ALA A 95 -2.69 5.16 -1.01
N SER A 96 -1.80 4.93 -0.06
CA SER A 96 -1.54 5.89 1.00
C SER A 96 -0.08 5.83 1.44
N LEU A 97 0.36 6.85 2.16
CA LEU A 97 1.73 6.92 2.65
C LEU A 97 1.76 7.28 4.14
N GLY A 98 2.63 6.59 4.89
CA GLY A 98 2.74 6.86 6.31
C GLY A 98 1.75 6.07 7.13
N THR A 99 1.39 4.88 6.63
CA THR A 99 0.43 4.03 7.34
C THR A 99 1.13 3.10 8.32
N THR A 100 0.46 2.80 9.43
CA THR A 100 1.03 1.93 10.45
C THR A 100 1.06 0.48 9.99
N LYS A 101 2.27 -0.05 9.79
CA LYS A 101 2.44 -1.42 9.34
C LYS A 101 2.78 -2.34 10.50
N TYR A 102 1.80 -3.12 10.94
CA TYR A 102 2.00 -4.05 12.06
C TYR A 102 2.97 -5.15 11.68
N CYS A 103 3.73 -5.63 12.66
CA CYS A 103 4.71 -6.68 12.44
C CYS A 103 5.05 -7.40 13.74
N SER A 104 5.73 -8.53 13.63
CA SER A 104 6.12 -9.31 14.80
C SER A 104 7.60 -9.13 15.10
N TYR A 105 7.94 -9.00 16.38
CA TYR A 105 9.32 -8.82 16.80
C TYR A 105 9.77 -9.97 17.69
N SER A 106 11.04 -10.36 17.56
CA SER A 106 11.59 -11.45 18.36
C SER A 106 12.87 -11.01 19.07
N GLY A 107 13.86 -10.59 18.29
CA GLY A 107 15.12 -10.15 18.86
C GLY A 107 16.31 -10.89 18.30
N PRO A 108 16.42 -12.18 18.64
CA PRO A 108 15.46 -12.85 19.53
C PRO A 108 15.54 -12.35 20.96
N SER A 109 14.45 -12.50 21.71
CA SER A 109 14.40 -12.06 23.10
C SER A 109 15.70 -12.39 23.82
N SER A 110 16.15 -11.47 24.66
CA SER A 110 17.39 -11.67 25.42
C SER A 110 18.44 -12.37 24.56
N GLY A 111 18.58 -11.89 23.32
CA GLY A 111 19.56 -12.48 22.42
C GLY A 111 20.95 -11.88 22.58
N GLY A 1 -12.28 3.18 16.95
CA GLY A 1 -11.89 1.79 17.03
C GLY A 1 -10.88 1.53 18.14
N SER A 2 -11.36 1.56 19.37
CA SER A 2 -10.49 1.32 20.53
C SER A 2 -9.67 0.05 20.34
N SER A 3 -8.35 0.17 20.45
CA SER A 3 -7.46 -0.97 20.30
C SER A 3 -6.57 -1.13 21.52
N GLY A 4 -5.94 -0.03 21.94
CA GLY A 4 -5.06 -0.07 23.09
C GLY A 4 -3.61 0.17 22.72
N SER A 5 -3.25 1.45 22.57
CA SER A 5 -1.89 1.81 22.22
C SER A 5 -1.12 2.30 23.44
N SER A 6 -0.32 1.40 24.03
CA SER A 6 0.46 1.74 25.21
C SER A 6 1.79 0.97 25.22
N GLY A 7 2.89 1.71 25.20
CA GLY A 7 4.20 1.10 25.20
C GLY A 7 5.25 1.97 24.53
N ALA A 8 6.51 1.73 24.86
CA ALA A 8 7.61 2.50 24.28
C ALA A 8 8.33 1.70 23.20
N SER A 9 8.78 2.39 22.17
CA SER A 9 9.48 1.74 21.06
C SER A 9 10.01 2.78 20.07
N VAL A 10 11.13 2.45 19.43
CA VAL A 10 11.75 3.35 18.46
C VAL A 10 11.83 2.70 17.08
N ARG A 11 11.08 3.24 16.13
CA ARG A 11 11.08 2.72 14.77
C ARG A 11 11.44 3.81 13.76
N VAL A 12 12.11 3.42 12.68
CA VAL A 12 12.50 4.36 11.65
C VAL A 12 11.35 4.63 10.68
N VAL A 13 10.86 5.86 10.68
CA VAL A 13 9.76 6.24 9.79
C VAL A 13 10.27 6.99 8.58
N GLN A 14 9.88 6.51 7.39
CA GLN A 14 10.30 7.13 6.15
C GLN A 14 9.12 7.33 5.21
N LYS A 15 9.26 8.26 4.26
CA LYS A 15 8.20 8.54 3.31
C LYS A 15 8.45 7.80 2.00
N ASN A 16 9.00 6.59 2.10
CA ASN A 16 9.28 5.78 0.92
C ASN A 16 8.51 4.46 0.97
N LEU A 17 7.25 4.53 1.37
CA LEU A 17 6.41 3.35 1.45
C LEU A 17 5.05 3.59 0.80
N VAL A 18 4.71 2.74 -0.17
CA VAL A 18 3.44 2.87 -0.87
C VAL A 18 2.48 1.74 -0.49
N PHE A 19 1.46 2.08 0.31
CA PHE A 19 0.48 1.09 0.74
C PHE A 19 -0.79 1.18 -0.09
N VAL A 20 -1.10 0.10 -0.80
CA VAL A 20 -2.29 0.05 -1.64
C VAL A 20 -3.27 -1.01 -1.15
N VAL A 21 -4.54 -0.66 -1.11
CA VAL A 21 -5.57 -1.58 -0.66
C VAL A 21 -6.67 -1.74 -1.72
N GLY A 22 -7.50 -2.76 -1.56
CA GLY A 22 -8.57 -3.01 -2.50
C GLY A 22 -8.08 -3.67 -3.77
N LEU A 23 -7.37 -4.78 -3.62
CA LEU A 23 -6.84 -5.51 -4.77
C LEU A 23 -7.59 -6.84 -4.96
N SER A 24 -7.97 -7.12 -6.20
CA SER A 24 -8.68 -8.35 -6.51
C SER A 24 -7.79 -9.57 -6.30
N GLN A 25 -8.40 -10.68 -5.90
CA GLN A 25 -7.66 -11.92 -5.65
C GLN A 25 -6.59 -12.12 -6.72
N ARG A 26 -6.98 -11.96 -7.98
CA ARG A 26 -6.06 -12.14 -9.09
C ARG A 26 -5.05 -10.99 -9.15
N LEU A 27 -5.52 -9.78 -8.85
CA LEU A 27 -4.66 -8.61 -8.86
C LEU A 27 -3.61 -8.69 -7.76
N ALA A 28 -3.94 -9.40 -6.69
CA ALA A 28 -3.02 -9.56 -5.56
C ALA A 28 -1.88 -10.50 -5.91
N ASP A 29 -0.85 -9.97 -6.55
CA ASP A 29 0.31 -10.77 -6.95
C ASP A 29 1.58 -9.93 -6.94
N PRO A 30 2.70 -10.54 -6.53
CA PRO A 30 4.00 -9.86 -6.46
C PRO A 30 4.56 -9.57 -7.85
N GLU A 31 4.57 -10.59 -8.71
CA GLU A 31 5.08 -10.44 -10.07
C GLU A 31 4.15 -9.56 -10.91
N VAL A 32 2.85 -9.76 -10.75
CA VAL A 32 1.87 -8.99 -11.50
C VAL A 32 2.00 -7.50 -11.19
N LEU A 33 2.12 -7.17 -9.91
CA LEU A 33 2.26 -5.79 -9.49
C LEU A 33 3.61 -5.22 -9.91
N LYS A 34 4.65 -6.03 -9.77
CA LYS A 34 6.00 -5.62 -10.13
C LYS A 34 6.09 -5.28 -11.62
N ARG A 35 5.23 -5.92 -12.41
CA ARG A 35 5.21 -5.70 -13.86
C ARG A 35 5.28 -4.20 -14.17
N PRO A 36 5.99 -3.86 -15.26
CA PRO A 36 6.14 -2.48 -15.69
C PRO A 36 4.84 -1.88 -16.23
N GLU A 37 3.78 -2.69 -16.21
CA GLU A 37 2.48 -2.24 -16.70
C GLU A 37 1.53 -1.96 -15.54
N TYR A 38 1.64 -2.76 -14.48
CA TYR A 38 0.80 -2.60 -13.30
C TYR A 38 1.27 -1.42 -12.45
N PHE A 39 2.36 -1.64 -11.72
CA PHE A 39 2.92 -0.60 -10.86
C PHE A 39 4.31 -0.19 -11.33
N GLY A 40 5.06 -1.15 -11.86
CA GLY A 40 6.40 -0.86 -12.34
C GLY A 40 6.44 0.33 -13.27
N LYS A 41 5.31 0.63 -13.90
CA LYS A 41 5.21 1.76 -14.82
C LYS A 41 5.65 3.05 -14.13
N PHE A 42 5.35 3.16 -12.85
CA PHE A 42 5.70 4.35 -12.08
C PHE A 42 7.21 4.44 -11.88
N GLY A 43 7.82 3.32 -11.48
CA GLY A 43 9.25 3.29 -11.25
C GLY A 43 9.76 1.90 -10.94
N LYS A 44 11.07 1.77 -10.77
CA LYS A 44 11.69 0.48 -10.47
C LYS A 44 11.43 0.09 -9.02
N ILE A 45 10.60 -0.93 -8.82
CA ILE A 45 10.28 -1.40 -7.48
C ILE A 45 11.43 -2.21 -6.89
N HIS A 46 11.63 -2.06 -5.58
CA HIS A 46 12.70 -2.78 -4.89
C HIS A 46 12.16 -4.01 -4.18
N LYS A 47 11.21 -3.80 -3.27
CA LYS A 47 10.60 -4.90 -2.53
C LYS A 47 9.08 -4.85 -2.62
N VAL A 48 8.46 -6.02 -2.72
CA VAL A 48 7.02 -6.11 -2.82
C VAL A 48 6.45 -7.13 -1.83
N VAL A 49 5.33 -6.80 -1.22
CA VAL A 49 4.70 -7.69 -0.25
C VAL A 49 3.19 -7.76 -0.48
N ILE A 50 2.64 -8.96 -0.34
CA ILE A 50 1.22 -9.17 -0.53
C ILE A 50 0.53 -9.53 0.79
N ASN A 51 -0.36 -8.64 1.25
CA ASN A 51 -1.07 -8.87 2.49
C ASN A 51 -2.49 -9.39 2.22
N ASN A 52 -2.83 -10.51 2.86
CA ASN A 52 -4.15 -11.10 2.69
C ASN A 52 -5.01 -10.89 3.92
N SER A 53 -6.33 -10.87 3.73
CA SER A 53 -7.27 -10.67 4.83
C SER A 53 -7.51 -11.97 5.58
N THR A 54 -7.45 -11.92 6.90
CA THR A 54 -7.67 -13.10 7.73
C THR A 54 -9.16 -13.37 7.91
N SER A 55 -9.92 -13.28 6.82
CA SER A 55 -11.35 -13.53 6.86
C SER A 55 -11.66 -15.01 6.65
N TYR A 56 -12.89 -15.39 6.96
CA TYR A 56 -13.31 -16.78 6.80
C TYR A 56 -13.20 -17.22 5.35
N ALA A 57 -12.83 -18.48 5.15
CA ALA A 57 -12.69 -19.03 3.81
C ALA A 57 -14.04 -19.07 3.08
N GLY A 58 -14.04 -18.61 1.82
CA GLY A 58 -15.26 -18.59 1.05
C GLY A 58 -15.99 -17.27 1.13
N SER A 59 -15.23 -16.18 1.12
CA SER A 59 -15.82 -14.85 1.21
C SER A 59 -16.14 -14.31 -0.18
N GLN A 60 -17.20 -13.50 -0.26
CA GLN A 60 -17.62 -12.92 -1.54
C GLN A 60 -16.80 -11.67 -1.85
N GLY A 61 -15.74 -11.86 -2.64
CA GLY A 61 -14.89 -10.74 -3.01
C GLY A 61 -14.10 -10.21 -1.83
N PRO A 62 -13.13 -11.00 -1.36
CA PRO A 62 -12.28 -10.61 -0.22
C PRO A 62 -11.31 -9.49 -0.58
N SER A 63 -11.29 -8.44 0.24
CA SER A 63 -10.42 -7.30 0.01
C SER A 63 -9.01 -7.60 0.48
N ALA A 64 -8.04 -7.43 -0.42
CA ALA A 64 -6.64 -7.68 -0.09
C ALA A 64 -5.80 -6.44 -0.33
N SER A 65 -4.70 -6.32 0.40
CA SER A 65 -3.80 -5.17 0.27
C SER A 65 -2.37 -5.63 -0.02
N ALA A 66 -1.49 -4.66 -0.23
CA ALA A 66 -0.09 -4.96 -0.51
C ALA A 66 0.80 -3.75 -0.25
N TYR A 67 2.10 -4.00 -0.12
CA TYR A 67 3.05 -2.92 0.14
C TYR A 67 4.17 -2.92 -0.89
N VAL A 68 4.40 -1.77 -1.52
CA VAL A 68 5.45 -1.64 -2.52
C VAL A 68 6.46 -0.56 -2.13
N THR A 69 7.73 -0.84 -2.39
CA THR A 69 8.80 0.11 -2.07
C THR A 69 9.47 0.62 -3.33
N TYR A 70 9.34 1.93 -3.57
CA TYR A 70 9.94 2.55 -4.74
C TYR A 70 11.35 3.04 -4.44
N ILE A 71 12.28 2.76 -5.35
CA ILE A 71 13.66 3.18 -5.17
C ILE A 71 13.77 4.69 -5.07
N ARG A 72 13.02 5.39 -5.91
CA ARG A 72 13.04 6.85 -5.91
C ARG A 72 11.83 7.40 -5.15
N SER A 73 12.10 8.03 -4.01
CA SER A 73 11.03 8.59 -3.17
C SER A 73 10.10 9.44 -4.02
N GLU A 74 10.65 10.46 -4.68
CA GLU A 74 9.86 11.34 -5.52
C GLU A 74 8.85 10.56 -6.35
N ASP A 75 9.33 9.54 -7.07
CA ASP A 75 8.48 8.72 -7.90
C ASP A 75 7.30 8.17 -7.10
N ALA A 76 7.60 7.58 -5.95
CA ALA A 76 6.56 7.03 -5.09
C ALA A 76 5.50 8.07 -4.77
N LEU A 77 5.91 9.12 -4.06
CA LEU A 77 5.00 10.19 -3.68
C LEU A 77 3.99 10.47 -4.79
N ARG A 78 4.50 10.82 -5.97
CA ARG A 78 3.65 11.11 -7.12
C ARG A 78 2.79 9.90 -7.48
N ALA A 79 3.43 8.73 -7.54
CA ALA A 79 2.74 7.49 -7.88
C ALA A 79 1.45 7.36 -7.09
N ILE A 80 1.45 7.87 -5.87
CA ILE A 80 0.27 7.80 -5.00
C ILE A 80 -0.70 8.93 -5.32
N GLN A 81 -0.17 10.12 -5.57
CA GLN A 81 -0.99 11.28 -5.90
C GLN A 81 -1.71 11.08 -7.23
N CYS A 82 -1.15 10.22 -8.08
CA CYS A 82 -1.74 9.95 -9.38
C CYS A 82 -2.66 8.73 -9.33
N VAL A 83 -2.26 7.74 -8.53
CA VAL A 83 -3.05 6.52 -8.39
C VAL A 83 -4.33 6.78 -7.62
N ASN A 84 -4.21 7.46 -6.49
CA ASN A 84 -5.37 7.79 -5.65
C ASN A 84 -6.54 8.27 -6.51
N ASN A 85 -7.68 7.60 -6.36
CA ASN A 85 -8.87 7.96 -7.12
C ASN A 85 -8.71 7.60 -8.59
N VAL A 86 -8.35 6.35 -8.85
CA VAL A 86 -8.16 5.86 -10.21
C VAL A 86 -8.83 4.51 -10.41
N VAL A 87 -9.53 4.36 -11.53
CA VAL A 87 -10.22 3.11 -11.84
C VAL A 87 -9.30 2.15 -12.57
N VAL A 88 -9.09 0.98 -11.97
CA VAL A 88 -8.22 -0.04 -12.56
C VAL A 88 -8.96 -1.37 -12.73
N ASP A 89 -9.13 -1.79 -13.97
CA ASP A 89 -9.81 -3.05 -14.26
C ASP A 89 -11.24 -3.02 -13.71
N GLY A 90 -11.88 -1.86 -13.78
CA GLY A 90 -13.23 -1.73 -13.28
C GLY A 90 -13.28 -1.47 -11.78
N ARG A 91 -12.20 -1.80 -11.09
CA ARG A 91 -12.12 -1.60 -9.65
C ARG A 91 -11.19 -0.45 -9.31
N THR A 92 -11.64 0.43 -8.42
CA THR A 92 -10.86 1.58 -8.00
C THR A 92 -9.82 1.19 -6.97
N LEU A 93 -8.59 1.65 -7.16
CA LEU A 93 -7.50 1.35 -6.24
C LEU A 93 -7.23 2.53 -5.31
N LYS A 94 -6.81 2.23 -4.09
CA LYS A 94 -6.52 3.27 -3.10
C LYS A 94 -5.08 3.17 -2.63
N ALA A 95 -4.38 4.29 -2.61
CA ALA A 95 -2.99 4.34 -2.17
C ALA A 95 -2.77 5.43 -1.13
N SER A 96 -1.92 5.15 -0.16
CA SER A 96 -1.62 6.13 0.89
C SER A 96 -0.13 6.14 1.22
N LEU A 97 0.29 7.14 1.98
CA LEU A 97 1.70 7.28 2.36
C LEU A 97 1.82 7.55 3.85
N GLY A 98 2.66 6.77 4.52
CA GLY A 98 2.87 6.96 5.95
C GLY A 98 2.07 5.97 6.78
N THR A 99 1.81 4.80 6.21
CA THR A 99 1.04 3.77 6.90
C THR A 99 1.96 2.86 7.70
N THR A 100 1.43 2.27 8.77
CA THR A 100 2.20 1.38 9.62
C THR A 100 2.15 -0.05 9.11
N LYS A 101 3.28 -0.75 9.21
CA LYS A 101 3.35 -2.13 8.75
C LYS A 101 3.29 -3.10 9.93
N TYR A 102 3.31 -4.40 9.63
CA TYR A 102 3.25 -5.42 10.67
C TYR A 102 4.53 -6.25 10.68
N CYS A 103 5.43 -5.94 11.60
CA CYS A 103 6.69 -6.65 11.72
C CYS A 103 7.14 -6.73 13.17
N SER A 104 7.87 -7.79 13.51
CA SER A 104 8.36 -7.98 14.87
C SER A 104 9.88 -8.00 14.90
N TYR A 105 10.46 -7.19 15.79
CA TYR A 105 11.91 -7.11 15.91
C TYR A 105 12.52 -8.50 15.95
N SER A 106 13.59 -8.69 15.17
CA SER A 106 14.27 -9.98 15.10
C SER A 106 15.78 -9.78 14.99
N GLY A 107 16.54 -10.82 15.35
CA GLY A 107 17.98 -10.74 15.28
C GLY A 107 18.51 -11.09 13.91
N PRO A 108 18.40 -12.37 13.54
CA PRO A 108 17.81 -13.40 14.40
C PRO A 108 18.67 -13.72 15.61
N SER A 109 19.97 -13.39 15.51
CA SER A 109 20.90 -13.64 16.60
C SER A 109 21.78 -12.42 16.86
N SER A 110 22.25 -12.29 18.10
CA SER A 110 23.10 -11.17 18.49
C SER A 110 24.44 -11.23 17.76
N GLY A 111 25.20 -12.30 18.03
CA GLY A 111 26.49 -12.47 17.41
C GLY A 111 26.87 -13.92 17.23
#